data_1D7A
#
_entry.id   1D7A
#
_cell.length_a   86.92
_cell.length_b   94.55
_cell.length_c   149.96
_cell.angle_alpha   90.0
_cell.angle_beta   90.0
_cell.angle_gamma   90.0
#
_symmetry.space_group_name_H-M   'P 21 21 21'
#
loop_
_entity.id
_entity.type
_entity.pdbx_description
1 polymer 'PHOSPHORIBOSYLAMINOIMIDAZOLE CARBOXYLASE'
2 non-polymer '5-AMINOIMIDAZOLE RIBONUCLEOTIDE'
3 water water
#
_entity_poly.entity_id   1
_entity_poly.type   'polypeptide(L)'
_entity_poly.pdbx_seq_one_letter_code
;GARVAIV(MSE)GSKSDWAT(MSE)QFAAEIFEILNVPHHVEVVSAHRTPDKLFSFAESAEENGYQVIIAGAGGAAHLPG
(MSE)IAAKTLVPVLGVPVQSAALSGVDSLYSIVQ(MSE)PRGIPVGTLAIGKAGAANAALLAAQILATHDKELHQRLND
WRKAQTDEVLENPDPRG
;
_entity_poly.pdbx_strand_id   A,B,C,D,L,M,N,O
#
loop_
_chem_comp.id
_chem_comp.type
_chem_comp.name
_chem_comp.formula
AIR non-polymer '5-AMINOIMIDAZOLE RIBONUCLEOTIDE' 'C8 H14 N3 O7 P'
#
# COMPACT_ATOMS: atom_id res chain seq x y z
N GLY A 1 -26.01 16.27 -33.06
CA GLY A 1 -24.68 15.59 -33.23
C GLY A 1 -24.01 15.29 -31.88
N ALA A 2 -23.70 14.02 -31.65
CA ALA A 2 -23.05 13.60 -30.41
C ALA A 2 -21.61 14.13 -30.39
N ARG A 3 -21.30 14.94 -29.37
CA ARG A 3 -19.96 15.51 -29.24
C ARG A 3 -19.09 14.73 -28.25
N VAL A 4 -19.68 13.78 -27.55
CA VAL A 4 -18.96 12.99 -26.58
C VAL A 4 -19.21 11.48 -26.75
N ALA A 5 -18.12 10.71 -26.71
CA ALA A 5 -18.18 9.27 -26.86
C ALA A 5 -17.80 8.60 -25.54
N ILE A 6 -18.58 7.60 -25.13
CA ILE A 6 -18.31 6.85 -23.90
C ILE A 6 -17.94 5.42 -24.29
N VAL A 7 -16.68 5.06 -24.12
CA VAL A 7 -16.25 3.71 -24.45
C VAL A 7 -15.84 2.93 -23.20
N MSE A 8 -15.77 1.60 -23.32
CA MSE A 8 -15.39 0.76 -22.19
C MSE A 8 -14.84 -0.55 -22.72
O MSE A 8 -15.17 -0.95 -23.83
CB MSE A 8 -16.58 0.49 -21.27
CG MSE A 8 -17.65 -0.41 -21.88
SE MSE A 8 -19.33 -0.04 -21.15
CE MSE A 8 -19.51 1.65 -21.91
N GLY A 9 -14.02 -1.22 -21.91
CA GLY A 9 -13.42 -2.48 -22.31
C GLY A 9 -14.33 -3.69 -22.34
N SER A 10 -15.32 -3.74 -21.45
CA SER A 10 -16.22 -4.89 -21.39
C SER A 10 -17.64 -4.44 -21.12
N LYS A 11 -18.59 -5.29 -21.48
CA LYS A 11 -20.00 -5.02 -21.23
C LYS A 11 -20.24 -5.06 -19.70
N SER A 12 -19.29 -5.66 -18.98
CA SER A 12 -19.38 -5.77 -17.53
C SER A 12 -18.98 -4.46 -16.84
N ASP A 13 -18.39 -3.54 -17.62
CA ASP A 13 -17.99 -2.24 -17.09
C ASP A 13 -19.20 -1.30 -17.12
N TRP A 14 -20.25 -1.71 -17.82
CA TRP A 14 -21.46 -0.91 -17.94
C TRP A 14 -22.10 -0.57 -16.59
N ALA A 15 -21.97 -1.48 -15.64
CA ALA A 15 -22.52 -1.29 -14.31
C ALA A 15 -21.94 -0.01 -13.67
N THR A 16 -20.74 0.38 -14.13
CA THR A 16 -20.08 1.57 -13.63
C THR A 16 -20.29 2.73 -14.58
N MSE A 17 -20.00 2.52 -15.86
CA MSE A 17 -20.14 3.55 -16.87
C MSE A 17 -21.55 4.09 -17.11
O MSE A 17 -21.71 5.19 -17.66
CB MSE A 17 -19.54 3.09 -18.21
CG MSE A 17 -18.07 2.65 -18.16
SE MSE A 17 -17.02 3.88 -17.19
CE MSE A 17 -17.04 5.22 -18.48
N GLN A 18 -22.58 3.34 -16.70
CA GLN A 18 -23.96 3.78 -16.88
C GLN A 18 -24.25 5.07 -16.13
N PHE A 19 -23.44 5.36 -15.11
CA PHE A 19 -23.59 6.57 -14.33
C PHE A 19 -23.08 7.80 -15.07
N ALA A 20 -22.23 7.56 -16.09
CA ALA A 20 -21.71 8.65 -16.90
C ALA A 20 -22.84 9.04 -17.85
N ALA A 21 -23.51 8.03 -18.40
CA ALA A 21 -24.62 8.22 -19.32
C ALA A 21 -25.82 8.86 -18.63
N GLU A 22 -26.08 8.49 -17.39
CA GLU A 22 -27.19 9.05 -16.62
C GLU A 22 -27.04 10.57 -16.49
N ILE A 23 -25.81 11.05 -16.38
CA ILE A 23 -25.54 12.48 -16.28
C ILE A 23 -25.90 13.18 -17.59
N PHE A 24 -25.58 12.55 -18.71
CA PHE A 24 -25.89 13.12 -20.01
C PHE A 24 -27.38 13.14 -20.30
N GLU A 25 -28.10 12.14 -19.80
CA GLU A 25 -29.55 12.09 -19.99
C GLU A 25 -30.17 13.30 -19.27
N ILE A 26 -29.72 13.55 -18.04
CA ILE A 26 -30.23 14.65 -17.23
C ILE A 26 -29.88 16.04 -17.79
N LEU A 27 -28.65 16.17 -18.30
CA LEU A 27 -28.19 17.44 -18.87
C LEU A 27 -28.57 17.55 -20.34
N ASN A 28 -29.20 16.50 -20.87
CA ASN A 28 -29.63 16.47 -22.26
C ASN A 28 -28.45 16.70 -23.22
N VAL A 29 -27.43 15.87 -23.11
CA VAL A 29 -26.25 15.95 -23.96
C VAL A 29 -26.20 14.67 -24.81
N PRO A 30 -26.21 14.82 -26.15
CA PRO A 30 -26.16 13.67 -27.06
C PRO A 30 -24.81 12.96 -26.91
N HIS A 31 -24.85 11.64 -26.79
CA HIS A 31 -23.62 10.88 -26.62
C HIS A 31 -23.70 9.52 -27.29
N HIS A 32 -22.54 8.97 -27.60
CA HIS A 32 -22.43 7.66 -28.23
C HIS A 32 -21.85 6.70 -27.18
N VAL A 33 -22.40 5.50 -27.10
CA VAL A 33 -21.92 4.51 -26.13
C VAL A 33 -21.47 3.28 -26.89
N GLU A 34 -20.26 2.78 -26.58
CA GLU A 34 -19.73 1.62 -27.28
C GLU A 34 -18.71 0.81 -26.48
N VAL A 35 -18.62 -0.48 -26.77
CA VAL A 35 -17.67 -1.36 -26.12
C VAL A 35 -16.49 -1.52 -27.07
N VAL A 36 -15.33 -1.04 -26.61
CA VAL A 36 -14.08 -1.11 -27.38
C VAL A 36 -13.05 -1.72 -26.44
N SER A 37 -12.56 -2.89 -26.81
CA SER A 37 -11.59 -3.62 -26.00
C SER A 37 -10.18 -3.45 -26.51
N ALA A 38 -9.28 -3.01 -25.62
CA ALA A 38 -7.89 -2.78 -26.02
C ALA A 38 -7.12 -4.06 -26.28
N HIS A 39 -7.51 -5.11 -25.58
CA HIS A 39 -6.84 -6.39 -25.71
C HIS A 39 -7.55 -7.43 -26.62
N ARG A 40 -8.89 -7.40 -26.62
CA ARG A 40 -9.66 -8.33 -27.44
C ARG A 40 -9.94 -7.79 -28.84
N THR A 41 -10.04 -6.47 -28.97
CA THR A 41 -10.29 -5.86 -30.28
C THR A 41 -9.36 -4.68 -30.49
N PRO A 42 -8.04 -4.92 -30.53
CA PRO A 42 -7.04 -3.87 -30.72
C PRO A 42 -7.15 -3.08 -32.02
N ASP A 43 -7.64 -3.74 -33.07
CA ASP A 43 -7.83 -3.08 -34.36
C ASP A 43 -8.96 -2.07 -34.35
N LYS A 44 -10.07 -2.43 -33.71
CA LYS A 44 -11.22 -1.54 -33.61
C LYS A 44 -10.84 -0.34 -32.74
N LEU A 45 -9.98 -0.55 -31.75
CA LEU A 45 -9.53 0.57 -30.90
C LEU A 45 -8.84 1.61 -31.79
N PHE A 46 -8.03 1.16 -32.73
CA PHE A 46 -7.32 2.06 -33.63
C PHE A 46 -8.23 2.78 -34.61
N SER A 47 -9.15 2.06 -35.23
CA SER A 47 -10.06 2.68 -36.16
C SER A 47 -10.94 3.69 -35.44
N PHE A 48 -11.43 3.34 -34.25
CA PHE A 48 -12.27 4.24 -33.46
C PHE A 48 -11.55 5.55 -33.15
N ALA A 49 -10.33 5.43 -32.63
CA ALA A 49 -9.51 6.58 -32.27
C ALA A 49 -9.17 7.44 -33.48
N GLU A 50 -8.72 6.81 -34.56
CA GLU A 50 -8.35 7.54 -35.76
C GLU A 50 -9.49 8.37 -36.35
N SER A 51 -10.70 7.85 -36.27
CA SER A 51 -11.86 8.53 -36.82
C SER A 51 -12.70 9.33 -35.83
N ALA A 52 -12.22 9.46 -34.60
CA ALA A 52 -12.96 10.20 -33.57
C ALA A 52 -13.22 11.66 -33.93
N GLU A 53 -12.22 12.34 -34.51
CA GLU A 53 -12.38 13.73 -34.92
C GLU A 53 -13.35 13.91 -36.07
N GLU A 54 -13.23 13.09 -37.11
CA GLU A 54 -14.13 13.17 -38.25
C GLU A 54 -15.55 12.86 -37.82
N ASN A 55 -15.72 11.93 -36.87
CA ASN A 55 -17.05 11.58 -36.36
C ASN A 55 -17.63 12.70 -35.49
N GLY A 56 -16.86 13.77 -35.33
CA GLY A 56 -17.32 14.93 -34.56
C GLY A 56 -17.18 14.95 -33.04
N TYR A 57 -16.43 14.00 -32.47
CA TYR A 57 -16.27 13.96 -31.02
C TYR A 57 -15.29 15.02 -30.53
N GLN A 58 -15.61 15.61 -29.39
CA GLN A 58 -14.76 16.64 -28.81
C GLN A 58 -14.22 16.20 -27.44
N VAL A 59 -14.72 15.08 -26.95
CA VAL A 59 -14.31 14.52 -25.68
C VAL A 59 -14.62 13.03 -25.70
N ILE A 60 -13.69 12.24 -25.16
CA ILE A 60 -13.86 10.77 -25.07
C ILE A 60 -13.75 10.33 -23.61
N ILE A 61 -14.72 9.55 -23.15
CA ILE A 61 -14.70 9.04 -21.77
C ILE A 61 -14.44 7.54 -21.88
N ALA A 62 -13.26 7.11 -21.43
CA ALA A 62 -12.91 5.69 -21.50
C ALA A 62 -12.79 5.04 -20.13
N GLY A 63 -13.52 3.96 -19.91
CA GLY A 63 -13.47 3.26 -18.65
C GLY A 63 -12.85 1.90 -18.80
N ALA A 64 -12.14 1.45 -17.78
CA ALA A 64 -11.50 0.14 -17.81
C ALA A 64 -10.93 -0.22 -16.44
N GLY A 65 -10.74 -1.51 -16.19
CA GLY A 65 -10.23 -1.99 -14.93
C GLY A 65 -9.04 -2.92 -15.08
N GLY A 66 -8.38 -3.23 -13.97
CA GLY A 66 -7.22 -4.10 -13.99
C GLY A 66 -6.13 -3.36 -14.71
N ALA A 67 -5.42 -4.04 -15.62
CA ALA A 67 -4.40 -3.38 -16.41
C ALA A 67 -5.23 -2.64 -17.48
N ALA A 68 -5.68 -1.45 -17.11
CA ALA A 68 -6.50 -0.60 -17.95
C ALA A 68 -5.73 0.16 -19.03
N HIS A 69 -5.51 -0.49 -20.17
CA HIS A 69 -4.79 0.12 -21.28
C HIS A 69 -5.67 0.95 -22.21
N LEU A 70 -6.98 0.71 -22.18
CA LEU A 70 -7.90 1.42 -23.06
C LEU A 70 -7.77 2.94 -23.16
N PRO A 71 -7.90 3.67 -22.04
CA PRO A 71 -7.80 5.13 -22.10
C PRO A 71 -6.52 5.68 -22.75
N GLY A 72 -5.38 5.14 -22.33
CA GLY A 72 -4.11 5.58 -22.85
C GLY A 72 -3.83 5.30 -24.31
N MSE A 73 -4.26 4.15 -24.80
CA MSE A 73 -4.02 3.79 -26.20
C MSE A 73 -4.88 4.63 -27.15
O MSE A 73 -4.46 4.90 -28.28
CB MSE A 73 -4.20 2.29 -26.45
CG MSE A 73 -3.17 1.40 -25.74
SE MSE A 73 -1.40 1.93 -26.13
CE MSE A 73 -1.46 1.57 -27.96
N ILE A 74 -6.03 5.08 -26.65
CA ILE A 74 -6.91 5.94 -27.44
C ILE A 74 -6.25 7.32 -27.52
N ALA A 75 -5.81 7.82 -26.37
CA ALA A 75 -5.14 9.13 -26.30
C ALA A 75 -3.88 9.18 -27.15
N ALA A 76 -3.27 8.02 -27.39
CA ALA A 76 -2.05 7.92 -28.19
C ALA A 76 -2.34 8.04 -29.69
N LYS A 77 -3.57 7.76 -30.08
CA LYS A 77 -3.99 7.80 -31.49
C LYS A 77 -4.87 8.95 -31.91
N THR A 78 -5.13 9.91 -31.02
CA THR A 78 -6.00 11.04 -31.33
C THR A 78 -5.64 12.28 -30.49
N LEU A 79 -6.06 13.46 -30.95
CA LEU A 79 -5.82 14.70 -30.21
C LEU A 79 -7.09 15.11 -29.46
N VAL A 80 -8.12 14.29 -29.56
CA VAL A 80 -9.38 14.53 -28.88
C VAL A 80 -9.12 14.21 -27.40
N PRO A 81 -9.42 15.16 -26.50
CA PRO A 81 -9.22 14.98 -25.06
C PRO A 81 -9.85 13.71 -24.52
N VAL A 82 -9.03 12.88 -23.86
CA VAL A 82 -9.51 11.63 -23.28
C VAL A 82 -9.53 11.72 -21.76
N LEU A 83 -10.65 11.30 -21.18
CA LEU A 83 -10.83 11.27 -19.73
C LEU A 83 -11.01 9.81 -19.33
N GLY A 84 -10.20 9.34 -18.39
CA GLY A 84 -10.29 7.97 -17.96
C GLY A 84 -10.98 7.71 -16.63
N VAL A 85 -11.71 6.60 -16.56
CA VAL A 85 -12.42 6.21 -15.36
C VAL A 85 -11.97 4.81 -14.93
N PRO A 86 -11.31 4.70 -13.77
CA PRO A 86 -10.83 3.41 -13.25
C PRO A 86 -12.00 2.60 -12.68
N VAL A 87 -12.24 1.43 -13.26
CA VAL A 87 -13.29 0.56 -12.80
C VAL A 87 -12.74 -0.29 -11.65
N GLN A 88 -13.53 -0.42 -10.58
CA GLN A 88 -13.11 -1.17 -9.42
C GLN A 88 -12.89 -2.65 -9.65
N SER A 89 -11.63 -3.07 -9.58
CA SER A 89 -11.25 -4.46 -9.76
C SER A 89 -11.45 -5.25 -8.45
N ALA A 90 -11.65 -6.56 -8.58
CA ALA A 90 -11.88 -7.42 -7.43
C ALA A 90 -10.76 -7.42 -6.37
N ALA A 91 -9.63 -8.02 -6.73
CA ALA A 91 -8.50 -8.16 -5.83
C ALA A 91 -7.86 -6.88 -5.31
N LEU A 92 -7.48 -5.99 -6.21
CA LEU A 92 -6.82 -4.75 -5.82
C LEU A 92 -7.69 -3.52 -5.59
N SER A 93 -9.01 -3.68 -5.70
CA SER A 93 -9.97 -2.60 -5.48
C SER A 93 -9.79 -1.36 -6.33
N GLY A 94 -9.34 -1.52 -7.56
CA GLY A 94 -9.19 -0.37 -8.42
C GLY A 94 -7.87 0.37 -8.32
N VAL A 95 -6.98 -0.03 -7.43
CA VAL A 95 -5.68 0.62 -7.33
C VAL A 95 -4.86 0.34 -8.59
N ASP A 96 -4.98 -0.86 -9.13
CA ASP A 96 -4.28 -1.22 -10.35
C ASP A 96 -4.87 -0.48 -11.54
N SER A 97 -6.19 -0.26 -11.51
CA SER A 97 -6.88 0.48 -12.57
C SER A 97 -6.41 1.93 -12.56
N LEU A 98 -6.34 2.50 -11.36
CA LEU A 98 -5.90 3.88 -11.15
C LEU A 98 -4.49 4.13 -11.68
N TYR A 99 -3.56 3.29 -11.27
CA TYR A 99 -2.17 3.41 -11.71
C TYR A 99 -1.97 3.23 -13.21
N SER A 100 -2.79 2.37 -13.82
CA SER A 100 -2.70 2.09 -15.26
C SER A 100 -3.17 3.27 -16.10
N ILE A 101 -4.11 4.03 -15.56
CA ILE A 101 -4.66 5.17 -16.26
C ILE A 101 -3.95 6.47 -15.95
N VAL A 102 -3.74 6.76 -14.68
CA VAL A 102 -3.12 8.01 -14.26
C VAL A 102 -1.64 8.24 -14.52
N GLN A 103 -0.84 7.19 -14.41
CA GLN A 103 0.60 7.33 -14.60
C GLN A 103 1.17 7.38 -16.02
N MSE A 104 0.46 8.09 -16.91
CA MSE A 104 0.87 8.22 -18.30
C MSE A 104 2.13 9.10 -18.38
O MSE A 104 2.26 10.06 -17.63
CB MSE A 104 -0.26 8.83 -19.13
CG MSE A 104 -1.48 7.94 -19.27
SE MSE A 104 -1.11 6.44 -20.34
CE MSE A 104 -0.71 7.39 -21.87
N PRO A 105 3.06 8.76 -19.29
CA PRO A 105 4.32 9.49 -19.48
C PRO A 105 4.09 10.83 -20.18
N ARG A 106 5.11 11.69 -20.16
CA ARG A 106 5.02 13.01 -20.79
C ARG A 106 4.76 12.91 -22.28
N GLY A 107 3.72 13.58 -22.75
CA GLY A 107 3.40 13.56 -24.17
C GLY A 107 2.00 13.13 -24.53
N ILE A 108 1.50 12.08 -23.88
CA ILE A 108 0.15 11.56 -24.13
C ILE A 108 -0.69 11.60 -22.84
N PRO A 109 -1.46 12.68 -22.64
CA PRO A 109 -2.30 12.87 -21.45
C PRO A 109 -3.64 12.13 -21.39
N VAL A 110 -4.08 11.85 -20.16
CA VAL A 110 -5.36 11.20 -19.88
C VAL A 110 -5.85 11.77 -18.54
N GLY A 111 -6.93 12.54 -18.58
CA GLY A 111 -7.49 13.12 -17.36
C GLY A 111 -8.20 12.02 -16.59
N THR A 112 -7.70 11.67 -15.42
CA THR A 112 -8.27 10.59 -14.63
C THR A 112 -9.23 11.04 -13.53
N LEU A 113 -10.34 10.33 -13.39
CA LEU A 113 -11.36 10.62 -12.37
C LEU A 113 -11.36 9.57 -11.26
N ALA A 114 -12.23 9.74 -10.26
CA ALA A 114 -12.33 8.82 -9.12
C ALA A 114 -12.54 7.35 -9.51
N ILE A 115 -12.30 6.44 -8.58
CA ILE A 115 -12.49 5.02 -8.84
C ILE A 115 -13.97 4.69 -8.67
N GLY A 116 -14.53 3.93 -9.61
CA GLY A 116 -15.91 3.52 -9.52
C GLY A 116 -16.96 4.44 -10.11
N LYS A 117 -18.21 4.24 -9.67
CA LYS A 117 -19.38 4.98 -10.13
C LYS A 117 -19.31 6.51 -9.94
N ALA A 118 -18.62 6.95 -8.89
CA ALA A 118 -18.48 8.37 -8.61
C ALA A 118 -17.62 9.02 -9.69
N GLY A 119 -16.62 8.30 -10.16
CA GLY A 119 -15.74 8.81 -11.20
C GLY A 119 -16.39 8.80 -12.56
N ALA A 120 -17.31 7.86 -12.76
CA ALA A 120 -18.05 7.74 -14.02
C ALA A 120 -18.93 8.97 -14.17
N ALA A 121 -19.63 9.32 -13.09
CA ALA A 121 -20.49 10.49 -13.06
C ALA A 121 -19.68 11.77 -13.30
N ASN A 122 -18.54 11.88 -12.64
CA ASN A 122 -17.67 13.04 -12.77
C ASN A 122 -17.01 13.18 -14.13
N ALA A 123 -16.80 12.08 -14.83
CA ALA A 123 -16.20 12.16 -16.16
C ALA A 123 -17.20 12.86 -17.09
N ALA A 124 -18.48 12.51 -16.92
CA ALA A 124 -19.57 13.08 -17.69
C ALA A 124 -19.72 14.57 -17.41
N LEU A 125 -19.62 14.92 -16.13
CA LEU A 125 -19.73 16.30 -15.69
C LEU A 125 -18.55 17.15 -16.17
N LEU A 126 -17.37 16.56 -16.18
CA LEU A 126 -16.18 17.29 -16.63
C LEU A 126 -16.27 17.49 -18.14
N ALA A 127 -16.78 16.49 -18.83
CA ALA A 127 -16.93 16.53 -20.27
C ALA A 127 -17.98 17.60 -20.62
N ALA A 128 -19.06 17.66 -19.84
CA ALA A 128 -20.12 18.64 -20.05
C ALA A 128 -19.62 20.05 -19.80
N GLN A 129 -18.69 20.20 -18.86
CA GLN A 129 -18.12 21.51 -18.55
C GLN A 129 -17.18 22.00 -19.65
N ILE A 130 -16.52 21.05 -20.29
CA ILE A 130 -15.63 21.38 -21.39
C ILE A 130 -16.48 21.88 -22.56
N LEU A 131 -17.60 21.19 -22.84
CA LEU A 131 -18.50 21.56 -23.92
C LEU A 131 -19.21 22.88 -23.62
N ALA A 132 -19.58 23.06 -22.36
CA ALA A 132 -20.26 24.25 -21.88
C ALA A 132 -19.47 25.55 -22.07
N THR A 133 -18.19 25.45 -22.41
CA THR A 133 -17.38 26.63 -22.62
C THR A 133 -17.82 27.35 -23.90
N HIS A 134 -18.37 26.57 -24.83
CA HIS A 134 -18.86 27.09 -26.11
C HIS A 134 -20.31 26.68 -26.35
N ASP A 135 -21.09 26.54 -25.28
CA ASP A 135 -22.49 26.14 -25.38
C ASP A 135 -23.19 26.79 -24.19
N LYS A 136 -23.73 27.98 -24.43
CA LYS A 136 -24.43 28.75 -23.40
C LYS A 136 -25.62 28.08 -22.75
N GLU A 137 -26.34 27.27 -23.51
CA GLU A 137 -27.50 26.57 -22.96
C GLU A 137 -27.07 25.48 -22.00
N LEU A 138 -26.11 24.66 -22.44
CA LEU A 138 -25.59 23.59 -21.60
C LEU A 138 -24.97 24.20 -20.36
N HIS A 139 -24.27 25.32 -20.53
CA HIS A 139 -23.64 26.02 -19.43
C HIS A 139 -24.67 26.40 -18.39
N GLN A 140 -25.84 26.86 -18.83
CA GLN A 140 -26.91 27.24 -17.93
C GLN A 140 -27.54 26.03 -17.25
N ARG A 141 -27.71 24.95 -18.02
CA ARG A 141 -28.29 23.72 -17.47
C ARG A 141 -27.38 23.15 -16.38
N LEU A 142 -26.07 23.35 -16.56
CA LEU A 142 -25.06 22.89 -15.61
C LEU A 142 -25.16 23.68 -14.32
N ASN A 143 -25.33 24.99 -14.47
CA ASN A 143 -25.46 25.90 -13.35
C ASN A 143 -26.66 25.54 -12.51
N ASP A 144 -27.78 25.27 -13.18
CA ASP A 144 -29.02 24.89 -12.52
C ASP A 144 -28.90 23.56 -11.76
N TRP A 145 -28.21 22.58 -12.36
CA TRP A 145 -28.00 21.26 -11.76
C TRP A 145 -27.15 21.36 -10.50
N ARG A 146 -26.11 22.19 -10.57
CA ARG A 146 -25.22 22.36 -9.43
C ARG A 146 -25.91 23.08 -8.28
N LYS A 147 -26.81 24.03 -8.58
CA LYS A 147 -27.54 24.74 -7.55
C LYS A 147 -28.53 23.79 -6.88
N ALA A 148 -29.07 22.85 -7.65
CA ALA A 148 -30.01 21.88 -7.13
C ALA A 148 -29.33 20.97 -6.11
N GLN A 149 -28.11 20.56 -6.41
CA GLN A 149 -27.34 19.69 -5.51
C GLN A 149 -26.98 20.43 -4.23
N THR A 150 -26.61 21.70 -4.38
CA THR A 150 -26.25 22.56 -3.25
C THR A 150 -27.49 22.80 -2.39
N ASP A 151 -28.58 23.28 -3.00
CA ASP A 151 -29.83 23.56 -2.28
C ASP A 151 -30.30 22.35 -1.49
N GLU A 152 -30.20 21.16 -2.10
CA GLU A 152 -30.62 19.94 -1.44
C GLU A 152 -29.91 19.70 -0.12
N VAL A 153 -28.61 19.97 -0.08
CA VAL A 153 -27.82 19.80 1.14
C VAL A 153 -28.12 20.90 2.15
N LEU A 154 -28.33 22.11 1.65
CA LEU A 154 -28.62 23.27 2.52
C LEU A 154 -29.96 23.18 3.20
N GLU A 155 -30.91 22.47 2.59
CA GLU A 155 -32.24 22.36 3.19
C GLU A 155 -32.46 21.04 3.91
N ASN A 156 -31.36 20.46 4.36
CA ASN A 156 -31.36 19.20 5.11
C ASN A 156 -30.11 19.20 6.00
N PRO A 157 -29.94 20.25 6.83
CA PRO A 157 -28.79 20.40 7.72
C PRO A 157 -28.65 19.40 8.86
N ASP A 158 -29.75 18.89 9.39
CA ASP A 158 -29.70 17.91 10.48
C ASP A 158 -29.90 16.50 9.94
N PRO A 159 -28.88 15.65 10.06
CA PRO A 159 -28.89 14.26 9.59
C PRO A 159 -29.61 13.30 10.53
N ARG A 160 -29.73 13.70 11.80
CA ARG A 160 -30.38 12.90 12.83
C ARG A 160 -31.83 12.59 12.52
N GLY A 161 -32.38 11.68 13.32
CA GLY A 161 -33.77 11.32 13.18
C GLY A 161 -34.63 12.47 13.72
N GLY B 1 1.57 -27.94 35.31
CA GLY B 1 1.87 -26.48 35.33
C GLY B 1 1.86 -25.88 33.94
N ALA B 2 1.03 -24.87 33.74
CA ALA B 2 0.93 -24.20 32.44
C ALA B 2 2.22 -23.42 32.16
N ARG B 3 2.89 -23.75 31.05
CA ARG B 3 4.13 -23.07 30.70
C ARG B 3 3.92 -22.00 29.64
N VAL B 4 2.71 -21.92 29.11
CA VAL B 4 2.39 -20.93 28.10
C VAL B 4 1.09 -20.17 28.39
N ALA B 5 1.16 -18.85 28.26
CA ALA B 5 0.01 -17.97 28.51
C ALA B 5 -0.48 -17.36 27.22
N ILE B 6 -1.79 -17.37 27.00
CA ILE B 6 -2.39 -16.77 25.80
C ILE B 6 -3.21 -15.57 26.22
N VAL B 7 -2.74 -14.37 25.89
CA VAL B 7 -3.49 -13.16 26.25
C VAL B 7 -4.01 -12.44 25.00
N MSE B 8 -5.00 -11.56 25.19
CA MSE B 8 -5.57 -10.81 24.09
C MSE B 8 -6.18 -9.52 24.64
O MSE B 8 -6.55 -9.46 25.81
CB MSE B 8 -6.65 -11.62 23.38
CG MSE B 8 -7.92 -11.88 24.20
SE MSE B 8 -8.73 -13.51 23.74
CE MSE B 8 -7.41 -14.62 24.40
N GLY B 9 -6.32 -8.52 23.78
CA GLY B 9 -6.87 -7.23 24.18
C GLY B 9 -8.37 -7.17 24.41
N SER B 10 -9.14 -7.98 23.71
CA SER B 10 -10.60 -7.98 23.86
C SER B 10 -11.17 -9.37 23.77
N LYS B 11 -12.37 -9.56 24.31
CA LYS B 11 -13.02 -10.84 24.25
C LYS B 11 -13.41 -11.10 22.79
N SER B 12 -13.43 -10.04 21.98
CA SER B 12 -13.78 -10.17 20.57
C SER B 12 -12.61 -10.70 19.74
N ASP B 13 -11.43 -10.79 20.35
CA ASP B 13 -10.25 -11.34 19.67
C ASP B 13 -10.25 -12.86 19.84
N TRP B 14 -11.12 -13.37 20.70
CA TRP B 14 -11.22 -14.80 20.95
C TRP B 14 -11.55 -15.59 19.67
N ALA B 15 -12.35 -15.00 18.78
CA ALA B 15 -12.71 -15.66 17.53
C ALA B 15 -11.46 -16.04 16.73
N THR B 16 -10.37 -15.32 16.95
CA THR B 16 -9.09 -15.58 16.30
C THR B 16 -8.18 -16.40 17.19
N MSE B 17 -7.98 -15.95 18.43
CA MSE B 17 -7.11 -16.63 19.39
C MSE B 17 -7.52 -18.06 19.79
O MSE B 17 -6.68 -18.84 20.28
CB MSE B 17 -6.90 -15.77 20.63
CG MSE B 17 -6.34 -14.36 20.39
SE MSE B 17 -4.85 -14.34 19.23
CE MSE B 17 -3.64 -15.15 20.39
N GLN B 18 -8.79 -18.42 19.56
CA GLN B 18 -9.27 -19.75 19.92
C GLN B 18 -8.55 -20.83 19.14
N PHE B 19 -7.99 -20.46 17.99
CA PHE B 19 -7.25 -21.40 17.15
C PHE B 19 -5.89 -21.71 17.74
N ALA B 20 -5.41 -20.83 18.61
CA ALA B 20 -4.13 -21.04 19.28
C ALA B 20 -4.37 -22.12 20.34
N ALA B 21 -5.46 -21.94 21.09
CA ALA B 21 -5.85 -22.86 22.14
C ALA B 21 -6.21 -24.25 21.60
N GLU B 22 -6.80 -24.31 20.41
CA GLU B 22 -7.18 -25.57 19.78
C GLU B 22 -5.94 -26.42 19.52
N ILE B 23 -4.82 -25.77 19.21
CA ILE B 23 -3.58 -26.47 18.96
C ILE B 23 -3.05 -27.10 20.26
N PHE B 24 -3.17 -26.37 21.36
CA PHE B 24 -2.71 -26.86 22.65
C PHE B 24 -3.57 -28.01 23.14
N GLU B 25 -4.87 -27.98 22.83
CA GLU B 25 -5.78 -29.05 23.23
C GLU B 25 -5.34 -30.34 22.55
N ILE B 26 -5.04 -30.25 21.26
CA ILE B 26 -4.61 -31.39 20.44
C ILE B 26 -3.24 -31.95 20.85
N LEU B 27 -2.30 -31.05 21.15
CA LEU B 27 -0.97 -31.45 21.56
C LEU B 27 -0.90 -31.69 23.06
N ASN B 28 -2.02 -31.50 23.73
CA ASN B 28 -2.08 -31.69 25.18
C ASN B 28 -1.02 -30.87 25.91
N VAL B 29 -1.07 -29.55 25.72
CA VAL B 29 -0.17 -28.63 26.40
C VAL B 29 -0.99 -27.73 27.31
N PRO B 30 -0.70 -27.73 28.63
CA PRO B 30 -1.43 -26.91 29.61
C PRO B 30 -1.17 -25.44 29.30
N HIS B 31 -2.23 -24.64 29.29
CA HIS B 31 -2.10 -23.22 28.99
C HIS B 31 -3.10 -22.37 29.76
N HIS B 32 -2.76 -21.10 29.91
CA HIS B 32 -3.63 -20.16 30.60
C HIS B 32 -4.17 -19.19 29.55
N VAL B 33 -5.46 -18.87 29.63
CA VAL B 33 -6.08 -17.94 28.70
C VAL B 33 -6.64 -16.76 29.48
N GLU B 34 -6.36 -15.55 29.02
CA GLU B 34 -6.82 -14.36 29.71
C GLU B 34 -6.95 -13.12 28.83
N VAL B 35 -7.87 -12.23 29.22
CA VAL B 35 -8.06 -10.98 28.50
C VAL B 35 -7.31 -9.88 29.26
N VAL B 36 -6.30 -9.32 28.61
CA VAL B 36 -5.46 -8.25 29.16
C VAL B 36 -5.45 -7.12 28.13
N SER B 37 -6.01 -5.99 28.50
CA SER B 37 -6.10 -4.85 27.60
C SER B 37 -5.01 -3.83 27.89
N ALA B 38 -4.24 -3.48 26.87
CA ALA B 38 -3.15 -2.53 27.03
C ALA B 38 -3.65 -1.10 27.27
N HIS B 39 -4.81 -0.78 26.70
CA HIS B 39 -5.38 0.54 26.81
C HIS B 39 -6.48 0.69 27.86
N ARG B 40 -7.28 -0.36 28.06
CA ARG B 40 -8.35 -0.31 29.06
C ARG B 40 -7.90 -0.76 30.44
N THR B 41 -6.94 -1.66 30.51
CA THR B 41 -6.42 -2.13 31.80
C THR B 41 -4.89 -2.13 31.77
N PRO B 42 -4.27 -0.94 31.65
CA PRO B 42 -2.81 -0.81 31.61
C PRO B 42 -2.08 -1.30 32.85
N ASP B 43 -2.73 -1.20 34.01
CA ASP B 43 -2.13 -1.65 35.26
C ASP B 43 -2.04 -3.17 35.33
N LYS B 44 -3.10 -3.85 34.88
CA LYS B 44 -3.12 -5.30 34.89
C LYS B 44 -2.07 -5.82 33.92
N LEU B 45 -1.85 -5.10 32.82
CA LEU B 45 -0.84 -5.50 31.85
C LEU B 45 0.52 -5.57 32.54
N PHE B 46 0.79 -4.57 33.38
CA PHE B 46 2.06 -4.52 34.10
C PHE B 46 2.22 -5.62 35.13
N SER B 47 1.20 -5.85 35.94
CA SER B 47 1.26 -6.87 36.96
C SER B 47 1.41 -8.25 36.31
N PHE B 48 0.65 -8.49 35.24
CA PHE B 48 0.71 -9.75 34.52
C PHE B 48 2.11 -10.03 33.98
N ALA B 49 2.69 -9.03 33.33
CA ALA B 49 4.04 -9.15 32.75
C ALA B 49 5.11 -9.34 33.83
N GLU B 50 5.08 -8.51 34.87
CA GLU B 50 6.05 -8.60 35.95
C GLU B 50 6.08 -9.96 36.63
N SER B 51 4.90 -10.57 36.79
CA SER B 51 4.80 -11.87 37.45
C SER B 51 4.77 -13.08 36.55
N ALA B 52 4.97 -12.89 35.25
CA ALA B 52 4.93 -14.01 34.30
C ALA B 52 5.97 -15.10 34.60
N GLU B 53 7.20 -14.70 34.96
CA GLU B 53 8.24 -15.67 35.28
C GLU B 53 7.94 -16.45 36.56
N GLU B 54 7.53 -15.76 37.62
CA GLU B 54 7.20 -16.41 38.88
C GLU B 54 6.03 -17.36 38.68
N ASN B 55 5.08 -16.99 37.83
CA ASN B 55 3.92 -17.84 37.56
C ASN B 55 4.29 -19.05 36.72
N GLY B 56 5.57 -19.15 36.35
CA GLY B 56 6.05 -20.27 35.58
C GLY B 56 5.91 -20.28 34.07
N TYR B 57 5.58 -19.16 33.46
CA TYR B 57 5.45 -19.12 32.00
C TYR B 57 6.82 -19.05 31.31
N GLN B 58 6.91 -19.73 30.18
CA GLN B 58 8.14 -19.76 29.41
C GLN B 58 7.93 -19.19 28.02
N VAL B 59 6.67 -18.91 27.68
CA VAL B 59 6.28 -18.34 26.39
C VAL B 59 4.94 -17.64 26.56
N ILE B 60 4.80 -16.46 25.96
CA ILE B 60 3.56 -15.70 26.02
C ILE B 60 3.07 -15.44 24.59
N ILE B 61 1.80 -15.73 24.33
CA ILE B 61 1.23 -15.49 23.01
C ILE B 61 0.23 -14.34 23.17
N ALA B 62 0.55 -13.20 22.60
CA ALA B 62 -0.32 -12.03 22.71
C ALA B 62 -0.95 -11.62 21.39
N GLY B 63 -2.28 -11.56 21.35
CA GLY B 63 -2.98 -11.17 20.15
C GLY B 63 -3.67 -9.82 20.30
N ALA B 64 -3.70 -9.04 19.23
CA ALA B 64 -4.33 -7.73 19.26
C ALA B 64 -4.47 -7.18 17.85
N GLY B 65 -5.38 -6.22 17.66
CA GLY B 65 -5.61 -5.62 16.36
C GLY B 65 -5.61 -4.11 16.39
N GLY B 66 -5.63 -3.48 15.21
CA GLY B 66 -5.59 -2.03 15.15
C GLY B 66 -4.23 -1.58 15.64
N ALA B 67 -4.18 -0.56 16.48
CA ALA B 67 -2.92 -0.11 17.06
C ALA B 67 -2.71 -1.13 18.17
N ALA B 68 -2.12 -2.26 17.79
CA ALA B 68 -1.84 -3.38 18.69
C ALA B 68 -0.62 -3.17 19.60
N HIS B 69 -0.82 -2.53 20.75
CA HIS B 69 0.28 -2.27 21.66
C HIS B 69 0.53 -3.38 22.65
N LEU B 70 -0.46 -4.25 22.85
CA LEU B 70 -0.36 -5.36 23.82
C LEU B 70 0.92 -6.23 23.79
N PRO B 71 1.23 -6.86 22.64
CA PRO B 71 2.43 -7.70 22.59
C PRO B 71 3.72 -6.99 23.01
N GLY B 72 3.94 -5.81 22.44
CA GLY B 72 5.15 -5.05 22.73
C GLY B 72 5.31 -4.55 24.15
N MSE B 73 4.22 -4.11 24.77
CA MSE B 73 4.33 -3.61 26.13
C MSE B 73 4.60 -4.72 27.14
O MSE B 73 5.23 -4.49 28.17
CB MSE B 73 3.08 -2.78 26.51
CG MSE B 73 2.94 -1.47 25.72
SE MSE B 73 4.48 -0.38 25.87
CE MSE B 73 4.45 -0.12 27.69
N ILE B 74 4.17 -5.93 26.80
CA ILE B 74 4.43 -7.08 27.66
C ILE B 74 5.91 -7.41 27.53
N ALA B 75 6.40 -7.49 26.29
CA ALA B 75 7.80 -7.80 26.03
C ALA B 75 8.75 -6.80 26.68
N ALA B 76 8.26 -5.58 26.91
CA ALA B 76 9.06 -4.53 27.53
C ALA B 76 9.19 -4.71 29.04
N LYS B 77 8.27 -5.46 29.62
CA LYS B 77 8.23 -5.70 31.06
C LYS B 77 8.65 -7.10 31.53
N THR B 78 9.12 -7.94 30.62
CA THR B 78 9.54 -9.30 30.98
C THR B 78 10.56 -9.86 30.00
N LEU B 79 11.31 -10.87 30.45
CA LEU B 79 12.30 -11.53 29.60
C LEU B 79 11.75 -12.83 29.03
N VAL B 80 10.48 -13.12 29.33
CA VAL B 80 9.79 -14.30 28.82
C VAL B 80 9.48 -14.00 27.36
N PRO B 81 9.91 -14.87 26.43
CA PRO B 81 9.68 -14.71 25.00
C PRO B 81 8.22 -14.44 24.66
N VAL B 82 7.97 -13.35 23.94
CA VAL B 82 6.63 -12.97 23.52
C VAL B 82 6.44 -13.15 22.02
N LEU B 83 5.36 -13.81 21.65
CA LEU B 83 5.02 -14.05 20.25
C LEU B 83 3.71 -13.30 19.97
N GLY B 84 3.71 -12.42 18.97
CA GLY B 84 2.52 -11.66 18.64
C GLY B 84 1.70 -12.12 17.45
N VAL B 85 0.39 -12.03 17.59
CA VAL B 85 -0.56 -12.42 16.54
C VAL B 85 -1.42 -11.22 16.15
N PRO B 86 -1.27 -10.73 14.91
CA PRO B 86 -2.05 -9.59 14.43
C PRO B 86 -3.48 -10.01 14.11
N VAL B 87 -4.45 -9.43 14.82
CA VAL B 87 -5.85 -9.73 14.56
C VAL B 87 -6.33 -8.85 13.40
N GLN B 88 -7.07 -9.46 12.47
CA GLN B 88 -7.58 -8.76 11.30
C GLN B 88 -8.56 -7.65 11.61
N SER B 89 -8.13 -6.40 11.37
CA SER B 89 -8.96 -5.22 11.61
C SER B 89 -9.89 -4.99 10.42
N ALA B 90 -11.00 -4.30 10.66
CA ALA B 90 -11.98 -4.03 9.61
C ALA B 90 -11.48 -3.24 8.41
N ALA B 91 -11.17 -1.97 8.63
CA ALA B 91 -10.74 -1.07 7.56
C ALA B 91 -9.44 -1.42 6.86
N LEU B 92 -8.36 -1.63 7.63
CA LEU B 92 -7.05 -1.90 7.06
C LEU B 92 -6.67 -3.36 6.88
N SER B 93 -7.59 -4.27 7.19
CA SER B 93 -7.36 -5.71 7.04
C SER B 93 -6.14 -6.29 7.77
N GLY B 94 -5.83 -5.77 8.95
CA GLY B 94 -4.71 -6.29 9.69
C GLY B 94 -3.34 -5.75 9.36
N VAL B 95 -3.24 -4.86 8.38
CA VAL B 95 -1.95 -4.27 8.02
C VAL B 95 -1.48 -3.36 9.16
N ASP B 96 -2.42 -2.67 9.80
CA ASP B 96 -2.09 -1.81 10.92
C ASP B 96 -1.68 -2.65 12.14
N SER B 97 -2.32 -3.80 12.30
CA SER B 97 -2.01 -4.73 13.39
C SER B 97 -0.59 -5.27 13.20
N LEU B 98 -0.29 -5.68 11.96
CA LEU B 98 1.01 -6.20 11.59
C LEU B 98 2.15 -5.23 11.89
N TYR B 99 2.03 -4.01 11.40
CA TYR B 99 3.03 -2.97 11.60
C TYR B 99 3.22 -2.59 13.08
N SER B 100 2.13 -2.63 13.85
CA SER B 100 2.20 -2.30 15.26
C SER B 100 2.95 -3.34 16.07
N ILE B 101 2.88 -4.59 15.63
CA ILE B 101 3.54 -5.68 16.32
C ILE B 101 4.94 -5.96 15.83
N VAL B 102 5.08 -6.07 14.51
CA VAL B 102 6.37 -6.41 13.93
C VAL B 102 7.50 -5.37 13.97
N GLN B 103 7.17 -4.09 13.80
CA GLN B 103 8.18 -3.05 13.77
C GLN B 103 8.77 -2.56 15.09
N MSE B 104 9.01 -3.48 16.01
CA MSE B 104 9.59 -3.14 17.31
C MSE B 104 11.04 -2.72 17.14
O MSE B 104 11.78 -3.29 16.33
CB MSE B 104 9.51 -4.35 18.25
CG MSE B 104 8.09 -4.77 18.64
SE MSE B 104 7.33 -3.49 19.76
CE MSE B 104 8.55 -3.61 21.14
N PRO B 105 11.49 -1.71 17.92
CA PRO B 105 12.86 -1.19 17.87
C PRO B 105 13.86 -2.15 18.49
N ARG B 106 15.15 -1.89 18.26
CA ARG B 106 16.21 -2.73 18.80
C ARG B 106 16.20 -2.76 20.32
N GLY B 107 16.15 -3.97 20.89
CA GLY B 107 16.16 -4.10 22.33
C GLY B 107 15.02 -4.92 22.93
N ILE B 108 13.81 -4.68 22.46
CA ILE B 108 12.62 -5.38 22.94
C ILE B 108 11.96 -6.13 21.77
N PRO B 109 12.27 -7.43 21.62
CA PRO B 109 11.73 -8.29 20.57
C PRO B 109 10.32 -8.86 20.74
N VAL B 110 9.65 -9.11 19.62
CA VAL B 110 8.32 -9.72 19.59
C VAL B 110 8.27 -10.56 18.31
N GLY B 111 8.19 -11.89 18.45
CA GLY B 111 8.12 -12.77 17.30
C GLY B 111 6.73 -12.70 16.73
N THR B 112 6.61 -12.16 15.51
CA THR B 112 5.30 -12.00 14.88
C THR B 112 4.90 -13.12 13.92
N LEU B 113 3.64 -13.54 14.00
CA LEU B 113 3.10 -14.58 13.13
C LEU B 113 2.11 -14.00 12.11
N ALA B 114 1.55 -14.85 11.24
CA ALA B 114 0.61 -14.43 10.20
C ALA B 114 -0.60 -13.66 10.73
N ILE B 115 -1.30 -12.96 9.83
CA ILE B 115 -2.49 -12.20 10.19
C ILE B 115 -3.67 -13.16 10.26
N GLY B 116 -4.47 -13.04 11.33
CA GLY B 116 -5.65 -13.87 11.50
C GLY B 116 -5.49 -15.22 12.18
N LYS B 117 -6.49 -16.07 11.94
CA LYS B 117 -6.56 -17.43 12.51
C LYS B 117 -5.36 -18.34 12.18
N ALA B 118 -4.74 -18.15 11.02
CA ALA B 118 -3.58 -18.95 10.64
C ALA B 118 -2.38 -18.61 11.53
N GLY B 119 -2.26 -17.35 11.90
CA GLY B 119 -1.17 -16.92 12.75
C GLY B 119 -1.39 -17.34 14.19
N ALA B 120 -2.64 -17.41 14.59
CA ALA B 120 -2.99 -17.82 15.95
C ALA B 120 -2.56 -19.28 16.14
N ALA B 121 -2.86 -20.12 15.16
CA ALA B 121 -2.49 -21.53 15.19
C ALA B 121 -0.97 -21.67 15.20
N ASN B 122 -0.29 -20.90 14.37
CA ASN B 122 1.17 -20.96 14.29
C ASN B 122 1.89 -20.45 15.51
N ALA B 123 1.26 -19.55 16.26
CA ALA B 123 1.87 -19.02 17.48
C ALA B 123 1.93 -20.16 18.49
N ALA B 124 0.85 -20.95 18.52
CA ALA B 124 0.75 -22.09 19.42
C ALA B 124 1.77 -23.15 19.05
N LEU B 125 1.93 -23.39 17.76
CA LEU B 125 2.87 -24.37 17.24
C LEU B 125 4.32 -23.96 17.47
N LEU B 126 4.61 -22.68 17.35
CA LEU B 126 5.97 -22.19 17.57
C LEU B 126 6.29 -22.25 19.04
N ALA B 127 5.30 -21.99 19.88
CA ALA B 127 5.45 -22.04 21.33
C ALA B 127 5.68 -23.49 21.76
N ALA B 128 4.97 -24.41 21.12
CA ALA B 128 5.09 -25.83 21.42
C ALA B 128 6.47 -26.34 21.00
N GLN B 129 7.02 -25.79 19.93
CA GLN B 129 8.34 -26.19 19.44
C GLN B 129 9.45 -25.67 20.34
N ILE B 130 9.20 -24.54 20.96
CA ILE B 130 10.16 -23.96 21.88
C ILE B 130 10.19 -24.83 23.14
N LEU B 131 9.03 -25.26 23.61
CA LEU B 131 8.96 -26.11 24.79
C LEU B 131 9.50 -27.50 24.51
N ALA B 132 9.25 -27.98 23.28
CA ALA B 132 9.67 -29.31 22.84
C ALA B 132 11.17 -29.52 22.80
N THR B 133 11.93 -28.44 22.97
CA THR B 133 13.38 -28.53 22.97
C THR B 133 13.84 -29.22 24.26
N HIS B 134 13.04 -29.09 25.31
CA HIS B 134 13.33 -29.70 26.61
C HIS B 134 12.15 -30.55 27.09
N ASP B 135 11.42 -31.14 26.16
CA ASP B 135 10.27 -31.96 26.49
C ASP B 135 10.18 -33.00 25.38
N LYS B 136 10.79 -34.15 25.61
CA LYS B 136 10.82 -35.24 24.63
C LYS B 136 9.46 -35.78 24.22
N GLU B 137 8.51 -35.80 25.15
CA GLU B 137 7.19 -36.31 24.83
C GLU B 137 6.46 -35.36 23.89
N LEU B 138 6.47 -34.07 24.25
CA LEU B 138 5.84 -33.06 23.43
C LEU B 138 6.51 -33.05 22.07
N HIS B 139 7.83 -33.19 22.06
CA HIS B 139 8.58 -33.22 20.82
C HIS B 139 8.08 -34.33 19.92
N GLN B 140 7.80 -35.50 20.51
CA GLN B 140 7.30 -36.64 19.73
C GLN B 140 5.88 -36.42 19.26
N ARG B 141 5.04 -35.83 20.12
CA ARG B 141 3.65 -35.56 19.74
C ARG B 141 3.62 -34.56 18.56
N LEU B 142 4.58 -33.64 18.55
CA LEU B 142 4.69 -32.64 17.49
C LEU B 142 5.06 -33.32 16.17
N ASN B 143 6.00 -34.24 16.24
CA ASN B 143 6.46 -34.99 15.08
C ASN B 143 5.31 -35.78 14.47
N ASP B 144 4.52 -36.41 15.32
CA ASP B 144 3.38 -37.19 14.87
C ASP B 144 2.32 -36.32 14.20
N TRP B 145 2.07 -35.14 14.77
CA TRP B 145 1.09 -34.19 14.24
C TRP B 145 1.48 -33.68 12.86
N ARG B 146 2.77 -33.39 12.71
CA ARG B 146 3.29 -32.89 11.45
C ARG B 146 3.25 -33.96 10.37
N LYS B 147 3.50 -35.22 10.75
CA LYS B 147 3.44 -36.33 9.79
C LYS B 147 2.02 -36.55 9.33
N ALA B 148 1.06 -36.32 10.24
CA ALA B 148 -0.36 -36.48 9.94
C ALA B 148 -0.81 -35.47 8.89
N GLN B 149 -0.33 -34.25 9.01
CA GLN B 149 -0.67 -33.16 8.09
C GLN B 149 -0.07 -33.46 6.73
N THR B 150 1.16 -33.94 6.74
CA THR B 150 1.88 -34.30 5.52
C THR B 150 1.17 -35.45 4.84
N ASP B 151 0.99 -36.56 5.57
CA ASP B 151 0.33 -37.74 5.03
C ASP B 151 -1.02 -37.42 4.39
N GLU B 152 -1.80 -36.57 5.05
CA GLU B 152 -3.11 -36.17 4.55
C GLU B 152 -3.06 -35.58 3.15
N VAL B 153 -2.05 -34.74 2.90
CA VAL B 153 -1.88 -34.10 1.59
C VAL B 153 -1.34 -35.09 0.55
N LEU B 154 -0.46 -35.98 1.00
CA LEU B 154 0.15 -36.99 0.13
C LEU B 154 -0.85 -38.04 -0.36
N GLU B 155 -1.89 -38.29 0.43
CA GLU B 155 -2.89 -39.29 0.06
C GLU B 155 -4.17 -38.69 -0.53
N ASN B 156 -4.02 -37.51 -1.12
CA ASN B 156 -5.12 -36.79 -1.77
C ASN B 156 -4.48 -35.87 -2.83
N PRO B 157 -3.68 -36.45 -3.74
CA PRO B 157 -2.98 -35.70 -4.79
C PRO B 157 -3.84 -35.06 -5.88
N ASP B 158 -4.99 -35.65 -6.18
CA ASP B 158 -5.87 -35.06 -7.21
C ASP B 158 -7.01 -34.29 -6.55
N PRO B 159 -7.07 -32.96 -6.77
CA PRO B 159 -8.08 -32.06 -6.21
C PRO B 159 -9.40 -32.08 -6.96
N ARG B 160 -9.35 -32.55 -8.21
CA ARG B 160 -10.53 -32.65 -9.07
C ARG B 160 -11.61 -33.56 -8.52
N GLY B 161 -12.80 -33.48 -9.11
CA GLY B 161 -13.91 -34.31 -8.69
C GLY B 161 -13.68 -35.73 -9.18
N GLY C 1 0.90 -37.52 -24.64
CA GLY C 1 1.87 -37.20 -23.55
C GLY C 1 1.67 -35.78 -23.09
N ALA C 2 1.38 -35.64 -21.79
CA ALA C 2 1.15 -34.35 -21.16
C ALA C 2 2.46 -33.56 -21.13
N ARG C 3 2.43 -32.40 -21.76
CA ARG C 3 3.61 -31.54 -21.81
C ARG C 3 3.56 -30.41 -20.79
N VAL C 4 2.44 -30.28 -20.10
CA VAL C 4 2.28 -29.25 -19.09
C VAL C 4 1.70 -29.79 -17.78
N ALA C 5 2.34 -29.41 -16.68
CA ALA C 5 1.92 -29.82 -15.34
C ALA C 5 1.33 -28.66 -14.54
N ILE C 6 0.18 -28.86 -13.91
CA ILE C 6 -0.46 -27.83 -13.11
C ILE C 6 -0.42 -28.26 -11.66
N VAL C 7 0.39 -27.58 -10.85
CA VAL C 7 0.48 -27.90 -9.43
C VAL C 7 -0.06 -26.78 -8.55
N MSE C 8 -0.38 -27.11 -7.30
CA MSE C 8 -0.91 -26.13 -6.36
C MSE C 8 -0.60 -26.58 -4.95
O MSE C 8 -0.43 -27.77 -4.70
CB MSE C 8 -2.42 -25.95 -6.53
CG MSE C 8 -3.24 -27.16 -6.12
SE MSE C 8 -4.82 -27.25 -7.13
CE MSE C 8 -4.03 -27.69 -8.73
N GLY C 9 -0.54 -25.62 -4.03
CA GLY C 9 -0.25 -25.91 -2.63
C GLY C 9 -1.34 -26.59 -1.82
N SER C 10 -2.60 -26.31 -2.14
CA SER C 10 -3.72 -26.92 -1.41
C SER C 10 -4.85 -27.28 -2.34
N LYS C 11 -5.71 -28.20 -1.89
CA LYS C 11 -6.88 -28.59 -2.66
C LYS C 11 -7.85 -27.40 -2.71
N SER C 12 -7.66 -26.46 -1.77
CA SER C 12 -8.51 -25.27 -1.72
C SER C 12 -8.12 -24.25 -2.79
N ASP C 13 -6.98 -24.46 -3.44
CA ASP C 13 -6.54 -23.56 -4.50
C ASP C 13 -7.20 -23.99 -5.81
N TRP C 14 -7.82 -25.17 -5.82
CA TRP C 14 -8.47 -25.69 -7.01
C TRP C 14 -9.58 -24.78 -7.53
N ALA C 15 -10.21 -24.03 -6.63
CA ALA C 15 -11.28 -23.11 -7.00
C ALA C 15 -10.76 -22.06 -7.97
N THR C 16 -9.46 -21.80 -7.91
CA THR C 16 -8.80 -20.85 -8.78
C THR C 16 -8.11 -21.57 -9.95
N MSE C 17 -7.29 -22.58 -9.65
CA MSE C 17 -6.57 -23.32 -10.66
C MSE C 17 -7.42 -24.10 -11.67
O MSE C 17 -6.94 -24.48 -12.74
CB MSE C 17 -5.55 -24.25 -10.02
CG MSE C 17 -4.52 -23.59 -9.08
SE MSE C 17 -3.73 -22.08 -9.85
CE MSE C 17 -2.73 -22.91 -11.16
N GLN C 18 -8.68 -24.35 -11.35
CA GLN C 18 -9.56 -25.08 -12.26
C GLN C 18 -9.75 -24.32 -13.58
N PHE C 19 -9.57 -23.01 -13.55
CA PHE C 19 -9.70 -22.18 -14.73
C PHE C 19 -8.52 -22.34 -15.69
N ALA C 20 -7.42 -22.84 -15.18
CA ALA C 20 -6.24 -23.10 -16.00
C ALA C 20 -6.55 -24.37 -16.78
N ALA C 21 -7.08 -25.38 -16.07
CA ALA C 21 -7.45 -26.66 -16.67
C ALA C 21 -8.57 -26.53 -17.69
N GLU C 22 -9.52 -25.61 -17.44
CA GLU C 22 -10.63 -25.38 -18.35
C GLU C 22 -10.12 -24.93 -19.71
N ILE C 23 -9.04 -24.17 -19.72
CA ILE C 23 -8.44 -23.67 -20.96
C ILE C 23 -7.85 -24.83 -21.75
N PHE C 24 -7.19 -25.76 -21.06
CA PHE C 24 -6.59 -26.90 -21.71
C PHE C 24 -7.64 -27.86 -22.27
N GLU C 25 -8.79 -27.96 -21.61
CA GLU C 25 -9.87 -28.82 -22.06
C GLU C 25 -10.37 -28.30 -23.41
N ILE C 26 -10.56 -26.98 -23.48
CA ILE C 26 -11.03 -26.32 -24.69
C ILE C 26 -10.03 -26.37 -25.84
N LEU C 27 -8.75 -26.19 -25.54
CA LEU C 27 -7.69 -26.22 -26.55
C LEU C 27 -7.20 -27.64 -26.80
N ASN C 28 -7.77 -28.59 -26.04
CA ASN C 28 -7.40 -29.97 -26.18
C ASN C 28 -5.88 -30.18 -26.00
N VAL C 29 -5.39 -29.80 -24.83
CA VAL C 29 -3.98 -29.94 -24.47
C VAL C 29 -3.90 -30.88 -23.28
N PRO C 30 -3.16 -32.00 -23.42
CA PRO C 30 -3.01 -32.98 -22.35
C PRO C 30 -2.25 -32.36 -21.19
N HIS C 31 -2.75 -32.52 -19.97
CA HIS C 31 -2.09 -31.92 -18.81
C HIS C 31 -2.24 -32.78 -17.56
N HIS C 32 -1.31 -32.60 -16.63
CA HIS C 32 -1.30 -33.33 -15.38
C HIS C 32 -1.67 -32.33 -14.28
N VAL C 33 -2.53 -32.75 -13.36
CA VAL C 33 -2.93 -31.89 -12.26
C VAL C 33 -2.56 -32.57 -10.96
N GLU C 34 -1.92 -31.83 -10.06
CA GLU C 34 -1.48 -32.39 -8.78
C GLU C 34 -1.34 -31.38 -7.66
N VAL C 35 -1.52 -31.84 -6.42
CA VAL C 35 -1.37 -31.00 -5.23
C VAL C 35 0.02 -31.29 -4.66
N VAL C 36 0.87 -30.26 -4.69
CA VAL C 36 2.24 -30.32 -4.18
C VAL C 36 2.40 -29.13 -3.22
N SER C 37 2.60 -29.43 -1.95
CA SER C 37 2.75 -28.41 -0.93
C SER C 37 4.20 -28.16 -0.57
N ALA C 38 4.61 -26.90 -0.68
CA ALA C 38 5.99 -26.51 -0.39
C ALA C 38 6.33 -26.63 1.08
N HIS C 39 5.33 -26.40 1.94
CA HIS C 39 5.53 -26.43 3.37
C HIS C 39 5.10 -27.73 4.06
N ARG C 40 4.04 -28.36 3.57
CA ARG C 40 3.57 -29.62 4.15
C ARG C 40 4.22 -30.85 3.55
N THR C 41 4.63 -30.78 2.28
CA THR C 41 5.30 -31.90 1.61
C THR C 41 6.51 -31.40 0.84
N PRO C 42 7.51 -30.86 1.57
CA PRO C 42 8.73 -30.34 0.94
C PRO C 42 9.55 -31.37 0.17
N ASP C 43 9.47 -32.64 0.58
CA ASP C 43 10.21 -33.70 -0.09
C ASP C 43 9.61 -34.04 -1.45
N LYS C 44 8.28 -34.10 -1.51
CA LYS C 44 7.58 -34.36 -2.76
C LYS C 44 7.81 -33.21 -3.75
N LEU C 45 7.94 -31.99 -3.24
CA LEU C 45 8.21 -30.84 -4.11
C LEU C 45 9.54 -31.08 -4.84
N PHE C 46 10.52 -31.59 -4.11
CA PHE C 46 11.84 -31.86 -4.70
C PHE C 46 11.83 -32.96 -5.72
N SER C 47 11.20 -34.07 -5.37
CA SER C 47 11.14 -35.20 -6.29
C SER C 47 10.38 -34.81 -7.55
N PHE C 48 9.27 -34.09 -7.39
CA PHE C 48 8.47 -33.65 -8.53
C PHE C 48 9.28 -32.77 -9.48
N ALA C 49 9.98 -31.79 -8.92
CA ALA C 49 10.79 -30.87 -9.70
C ALA C 49 11.96 -31.56 -10.39
N GLU C 50 12.68 -32.40 -9.64
CA GLU C 50 13.83 -33.10 -10.19
C GLU C 50 13.47 -33.99 -11.38
N SER C 51 12.29 -34.61 -11.33
CA SER C 51 11.87 -35.50 -12.40
C SER C 51 10.93 -34.90 -13.44
N ALA C 52 10.71 -33.59 -13.39
CA ALA C 52 9.82 -32.93 -14.34
C ALA C 52 10.25 -33.10 -15.79
N GLU C 53 11.56 -33.00 -16.04
CA GLU C 53 12.08 -33.14 -17.41
C GLU C 53 11.94 -34.55 -17.95
N GLU C 54 12.34 -35.53 -17.14
CA GLU C 54 12.22 -36.93 -17.54
C GLU C 54 10.76 -37.29 -17.77
N ASN C 55 9.85 -36.73 -16.96
CA ASN C 55 8.42 -36.99 -17.12
C ASN C 55 7.85 -36.33 -18.37
N GLY C 56 8.71 -35.61 -19.10
CA GLY C 56 8.31 -34.97 -20.33
C GLY C 56 7.67 -33.60 -20.29
N TYR C 57 7.65 -32.93 -19.14
CA TYR C 57 7.04 -31.60 -19.04
C TYR C 57 7.90 -30.50 -19.66
N GLN C 58 7.25 -29.57 -20.33
CA GLN C 58 7.93 -28.47 -20.97
C GLN C 58 7.53 -27.12 -20.37
N VAL C 59 6.53 -27.15 -19.49
CA VAL C 59 6.01 -25.97 -18.82
C VAL C 59 5.30 -26.42 -17.53
N ILE C 60 5.52 -25.66 -16.46
CA ILE C 60 4.89 -25.95 -15.17
C ILE C 60 4.11 -24.74 -14.71
N ILE C 61 2.85 -24.94 -14.32
CA ILE C 61 2.01 -23.86 -13.84
C ILE C 61 1.80 -24.11 -12.36
N ALA C 62 2.38 -23.27 -11.52
CA ALA C 62 2.26 -23.43 -10.08
C ALA C 62 1.45 -22.31 -9.41
N GLY C 63 0.41 -22.69 -8.69
CA GLY C 63 -0.41 -21.71 -7.99
C GLY C 63 -0.27 -21.80 -6.49
N ALA C 64 -0.33 -20.67 -5.82
CA ALA C 64 -0.22 -20.63 -4.36
C ALA C 64 -0.59 -19.25 -3.83
N GLY C 65 -0.99 -19.20 -2.55
CA GLY C 65 -1.36 -17.95 -1.92
C GLY C 65 -0.62 -17.68 -0.62
N GLY C 66 -0.77 -16.46 -0.09
CA GLY C 66 -0.09 -16.10 1.15
C GLY C 66 1.40 -16.08 0.87
N ALA C 67 2.21 -16.63 1.76
CA ALA C 67 3.63 -16.70 1.51
C ALA C 67 3.76 -17.85 0.51
N ALA C 68 3.57 -17.53 -0.77
CA ALA C 68 3.61 -18.50 -1.85
C ALA C 68 5.01 -18.90 -2.27
N HIS C 69 5.57 -19.92 -1.61
CA HIS C 69 6.91 -20.41 -1.93
C HIS C 69 6.96 -21.47 -3.03
N LEU C 70 5.84 -22.13 -3.28
CA LEU C 70 5.76 -23.19 -4.28
C LEU C 70 6.38 -22.93 -5.66
N PRO C 71 5.91 -21.88 -6.38
CA PRO C 71 6.48 -21.62 -7.71
C PRO C 71 8.00 -21.48 -7.73
N GLY C 72 8.52 -20.65 -6.83
CA GLY C 72 9.94 -20.39 -6.77
C GLY C 72 10.83 -21.56 -6.41
N MSE C 73 10.40 -22.42 -5.50
CA MSE C 73 11.20 -23.55 -5.11
C MSE C 73 11.26 -24.61 -6.20
O MSE C 73 12.25 -25.34 -6.31
CB MSE C 73 10.71 -24.13 -3.78
CG MSE C 73 10.91 -23.19 -2.57
SE MSE C 73 12.69 -22.60 -2.36
CE MSE C 73 13.44 -24.28 -2.07
N ILE C 74 10.22 -24.68 -7.03
CA ILE C 74 10.20 -25.61 -8.14
C ILE C 74 11.19 -25.08 -9.18
N ALA C 75 11.11 -23.79 -9.49
CA ALA C 75 12.00 -23.16 -10.46
C ALA C 75 13.48 -23.27 -10.08
N ALA C 76 13.73 -23.42 -8.80
CA ALA C 76 15.08 -23.54 -8.27
C ALA C 76 15.66 -24.95 -8.48
N LYS C 77 14.77 -25.93 -8.66
CA LYS C 77 15.18 -27.32 -8.84
C LYS C 77 15.03 -27.88 -10.24
N THR C 78 14.67 -27.04 -11.22
CA THR C 78 14.49 -27.51 -12.59
C THR C 78 14.73 -26.39 -13.61
N LEU C 79 15.01 -26.75 -14.86
CA LEU C 79 15.19 -25.78 -15.94
C LEU C 79 13.93 -25.67 -16.78
N VAL C 80 12.90 -26.41 -16.39
CA VAL C 80 11.61 -26.37 -17.07
C VAL C 80 10.97 -25.05 -16.67
N PRO C 81 10.55 -24.23 -17.65
CA PRO C 81 9.91 -22.94 -17.40
C PRO C 81 8.75 -23.02 -16.44
N VAL C 82 8.79 -22.20 -15.38
CA VAL C 82 7.74 -22.17 -14.38
C VAL C 82 6.95 -20.86 -14.46
N LEU C 83 5.63 -21.00 -14.47
CA LEU C 83 4.71 -19.86 -14.51
C LEU C 83 3.90 -19.87 -13.21
N GLY C 84 3.95 -18.76 -12.46
CA GLY C 84 3.22 -18.68 -11.21
C GLY C 84 1.92 -17.92 -11.22
N VAL C 85 0.97 -18.44 -10.47
CA VAL C 85 -0.35 -17.82 -10.34
C VAL C 85 -0.65 -17.49 -8.87
N PRO C 86 -0.75 -16.19 -8.53
CA PRO C 86 -1.03 -15.77 -7.15
C PRO C 86 -2.50 -16.00 -6.82
N VAL C 87 -2.76 -16.83 -5.81
CA VAL C 87 -4.12 -17.12 -5.38
C VAL C 87 -4.52 -16.03 -4.39
N GLN C 88 -5.72 -15.51 -4.55
CA GLN C 88 -6.22 -14.45 -3.69
C GLN C 88 -6.38 -14.83 -2.22
N SER C 89 -5.54 -14.24 -1.37
CA SER C 89 -5.58 -14.49 0.07
C SER C 89 -6.65 -13.62 0.73
N ALA C 90 -7.14 -14.06 1.88
CA ALA C 90 -8.20 -13.34 2.60
C ALA C 90 -7.84 -11.91 3.02
N ALA C 91 -6.94 -11.79 3.98
CA ALA C 91 -6.54 -10.49 4.52
C ALA C 91 -5.90 -9.51 3.56
N LEU C 92 -4.86 -9.95 2.85
CA LEU C 92 -4.15 -9.07 1.93
C LEU C 92 -4.58 -9.04 0.48
N SER C 93 -5.63 -9.79 0.16
CA SER C 93 -6.18 -9.84 -1.20
C SER C 93 -5.21 -10.24 -2.30
N GLY C 94 -4.29 -11.15 -1.99
CA GLY C 94 -3.35 -11.59 -3.00
C GLY C 94 -2.11 -10.75 -3.21
N VAL C 95 -1.99 -9.63 -2.50
CA VAL C 95 -0.80 -8.79 -2.64
C VAL C 95 0.42 -9.52 -2.08
N ASP C 96 0.21 -10.26 -1.00
CA ASP C 96 1.29 -11.03 -0.43
C ASP C 96 1.67 -12.20 -1.36
N SER C 97 0.69 -12.76 -2.05
CA SER C 97 0.89 -13.86 -2.99
C SER C 97 1.71 -13.37 -4.16
N LEU C 98 1.34 -12.20 -4.66
CA LEU C 98 2.00 -11.55 -5.79
C LEU C 98 3.47 -11.29 -5.51
N TYR C 99 3.76 -10.64 -4.39
CA TYR C 99 5.12 -10.32 -4.00
C TYR C 99 5.99 -11.56 -3.77
N SER C 100 5.37 -12.63 -3.26
CA SER C 100 6.09 -13.86 -2.98
C SER C 100 6.53 -14.59 -4.24
N ILE C 101 5.73 -14.44 -5.30
CA ILE C 101 6.00 -15.09 -6.57
C ILE C 101 6.81 -14.21 -7.52
N VAL C 102 6.41 -12.97 -7.70
CA VAL C 102 7.08 -12.09 -8.63
C VAL C 102 8.47 -11.58 -8.30
N GLN C 103 8.74 -11.28 -7.04
CA GLN C 103 10.03 -10.73 -6.67
C GLN C 103 11.22 -11.68 -6.53
N MSE C 104 11.33 -12.64 -7.44
CA MSE C 104 12.42 -13.60 -7.40
C MSE C 104 13.73 -12.93 -7.77
O MSE C 104 13.76 -12.04 -8.63
CB MSE C 104 12.13 -14.74 -8.40
CG MSE C 104 10.98 -15.63 -8.03
SE MSE C 104 11.39 -16.64 -6.54
CE MSE C 104 12.79 -17.59 -7.25
N PRO C 105 14.84 -13.32 -7.11
CA PRO C 105 16.18 -12.77 -7.34
C PRO C 105 16.78 -13.21 -8.68
N ARG C 106 17.84 -12.53 -9.11
CA ARG C 106 18.51 -12.85 -10.36
C ARG C 106 19.03 -14.28 -10.37
N GLY C 107 18.65 -15.04 -11.39
CA GLY C 107 19.11 -16.42 -11.48
C GLY C 107 18.03 -17.49 -11.61
N ILE C 108 16.97 -17.37 -10.81
CA ILE C 108 15.87 -18.33 -10.82
C ILE C 108 14.56 -17.60 -11.15
N PRO C 109 14.16 -17.60 -12.43
CA PRO C 109 12.94 -16.95 -12.90
C PRO C 109 11.62 -17.67 -12.69
N VAL C 110 10.54 -16.88 -12.58
CA VAL C 110 9.17 -17.37 -12.44
C VAL C 110 8.28 -16.35 -13.14
N GLY C 111 7.64 -16.76 -14.23
CA GLY C 111 6.77 -15.87 -14.98
C GLY C 111 5.46 -15.76 -14.23
N THR C 112 5.16 -14.57 -13.72
CA THR C 112 3.95 -14.38 -12.95
C THR C 112 2.76 -13.82 -13.72
N LEU C 113 1.58 -14.36 -13.43
CA LEU C 113 0.33 -13.92 -14.07
C LEU C 113 -0.57 -13.14 -13.08
N ALA C 114 -1.72 -12.67 -13.54
CA ALA C 114 -2.65 -11.90 -12.70
C ALA C 114 -3.09 -12.64 -11.44
N ILE C 115 -3.63 -11.89 -10.47
CA ILE C 115 -4.11 -12.48 -9.22
C ILE C 115 -5.50 -13.11 -9.44
N GLY C 116 -5.67 -14.34 -8.96
CA GLY C 116 -6.96 -15.01 -9.08
C GLY C 116 -7.22 -15.83 -10.33
N LYS C 117 -8.50 -16.09 -10.56
CA LYS C 117 -8.98 -16.89 -11.69
C LYS C 117 -8.55 -16.40 -13.09
N ALA C 118 -8.42 -15.09 -13.26
CA ALA C 118 -7.99 -14.50 -14.54
C ALA C 118 -6.55 -14.88 -14.85
N GLY C 119 -5.71 -14.95 -13.81
CA GLY C 119 -4.32 -15.32 -13.97
C GLY C 119 -4.16 -16.80 -14.19
N ALA C 120 -5.08 -17.59 -13.63
CA ALA C 120 -5.05 -19.04 -13.79
C ALA C 120 -5.30 -19.36 -15.26
N ALA C 121 -6.29 -18.70 -15.86
CA ALA C 121 -6.64 -18.89 -17.26
C ALA C 121 -5.48 -18.46 -18.15
N ASN C 122 -4.87 -17.32 -17.83
CA ASN C 122 -3.75 -16.80 -18.60
C ASN C 122 -2.47 -17.62 -18.50
N ALA C 123 -2.29 -18.33 -17.40
CA ALA C 123 -1.11 -19.19 -17.25
C ALA C 123 -1.22 -20.32 -18.26
N ALA C 124 -2.43 -20.85 -18.41
CA ALA C 124 -2.74 -21.92 -19.33
C ALA C 124 -2.55 -21.46 -20.78
N LEU C 125 -3.03 -20.25 -21.07
CA LEU C 125 -2.91 -19.65 -22.39
C LEU C 125 -1.47 -19.34 -22.76
N LEU C 126 -0.67 -18.90 -21.80
CA LEU C 126 0.72 -18.58 -22.05
C LEU C 126 1.49 -19.88 -22.27
N ALA C 127 1.12 -20.91 -21.52
CA ALA C 127 1.74 -22.22 -21.64
C ALA C 127 1.41 -22.81 -23.00
N ALA C 128 0.18 -22.64 -23.44
CA ALA C 128 -0.27 -23.14 -24.74
C ALA C 128 0.45 -22.41 -25.88
N GLN C 129 0.74 -21.13 -25.70
CA GLN C 129 1.45 -20.36 -26.72
C GLN C 129 2.90 -20.77 -26.81
N ILE C 130 3.47 -21.19 -25.68
CA ILE C 130 4.85 -21.64 -25.66
C ILE C 130 4.93 -22.96 -26.44
N LEU C 131 3.97 -23.84 -26.20
CA LEU C 131 3.94 -25.13 -26.88
C LEU C 131 3.62 -24.96 -28.38
N ALA C 132 2.75 -24.01 -28.68
CA ALA C 132 2.31 -23.69 -30.04
C ALA C 132 3.42 -23.23 -30.97
N THR C 133 4.59 -22.92 -30.41
CA THR C 133 5.72 -22.49 -31.22
C THR C 133 6.22 -23.68 -32.06
N HIS C 134 6.04 -24.89 -31.53
CA HIS C 134 6.46 -26.12 -32.19
C HIS C 134 5.29 -27.11 -32.33
N ASP C 135 4.09 -26.58 -32.50
CA ASP C 135 2.89 -27.41 -32.62
C ASP C 135 1.90 -26.61 -33.47
N LYS C 136 1.96 -26.83 -34.78
CA LYS C 136 1.12 -26.14 -35.74
C LYS C 136 -0.36 -26.29 -35.53
N GLU C 137 -0.79 -27.46 -35.06
CA GLU C 137 -2.23 -27.66 -34.82
C GLU C 137 -2.71 -26.84 -33.63
N LEU C 138 -1.97 -26.91 -32.53
CA LEU C 138 -2.30 -26.14 -31.35
C LEU C 138 -2.25 -24.66 -31.70
N HIS C 139 -1.27 -24.28 -32.48
CA HIS C 139 -1.11 -22.89 -32.89
C HIS C 139 -2.37 -22.41 -33.61
N GLN C 140 -2.92 -23.26 -34.47
CA GLN C 140 -4.13 -22.91 -35.21
C GLN C 140 -5.35 -22.87 -34.31
N ARG C 141 -5.44 -23.82 -33.37
CA ARG C 141 -6.57 -23.85 -32.44
C ARG C 141 -6.56 -22.60 -31.57
N LEU C 142 -5.37 -22.09 -31.28
CA LEU C 142 -5.18 -20.88 -30.47
C LEU C 142 -5.68 -19.66 -31.24
N ASN C 143 -5.31 -19.60 -32.51
CA ASN C 143 -5.72 -18.53 -33.39
C ASN C 143 -7.24 -18.48 -33.48
N ASP C 144 -7.85 -19.65 -33.64
CA ASP C 144 -9.31 -19.74 -33.74
C ASP C 144 -10.02 -19.28 -32.48
N TRP C 145 -9.47 -19.65 -31.31
CA TRP C 145 -10.04 -19.28 -30.01
C TRP C 145 -9.96 -17.79 -29.78
N ARG C 146 -8.83 -17.18 -30.17
CA ARG C 146 -8.64 -15.76 -30.01
C ARG C 146 -9.57 -14.95 -30.93
N LYS C 147 -9.82 -15.45 -32.14
CA LYS C 147 -10.73 -14.78 -33.07
C LYS C 147 -12.17 -14.86 -32.54
N ALA C 148 -12.50 -15.95 -31.88
CA ALA C 148 -13.83 -16.14 -31.33
C ALA C 148 -14.09 -15.11 -30.24
N GLN C 149 -13.10 -14.88 -29.38
CA GLN C 149 -13.21 -13.92 -28.27
C GLN C 149 -13.35 -12.50 -28.83
N THR C 150 -12.58 -12.22 -29.89
CA THR C 150 -12.61 -10.93 -30.56
C THR C 150 -13.96 -10.74 -31.21
N ASP C 151 -14.35 -11.69 -32.06
CA ASP C 151 -15.63 -11.62 -32.75
C ASP C 151 -16.79 -11.39 -31.80
N GLU C 152 -16.77 -12.09 -30.66
CA GLU C 152 -17.83 -11.94 -29.68
C GLU C 152 -18.01 -10.50 -29.19
N VAL C 153 -16.91 -9.81 -28.98
CA VAL C 153 -16.97 -8.41 -28.52
C VAL C 153 -17.37 -7.48 -29.66
N LEU C 154 -16.93 -7.78 -30.87
CA LEU C 154 -17.23 -6.96 -32.04
C LEU C 154 -18.69 -7.01 -32.45
N GLU C 155 -19.36 -8.12 -32.16
CA GLU C 155 -20.77 -8.28 -32.52
C GLU C 155 -21.74 -8.02 -31.36
N ASN C 156 -21.29 -7.20 -30.42
CA ASN C 156 -22.07 -6.80 -29.25
C ASN C 156 -21.50 -5.45 -28.79
N PRO C 157 -21.46 -4.46 -29.69
CA PRO C 157 -20.93 -3.12 -29.41
C PRO C 157 -21.72 -2.26 -28.43
N ASP C 158 -23.03 -2.45 -28.35
CA ASP C 158 -23.83 -1.66 -27.41
C ASP C 158 -24.15 -2.50 -26.16
N PRO C 159 -23.66 -2.05 -24.99
CA PRO C 159 -23.86 -2.72 -23.69
C PRO C 159 -25.23 -2.43 -23.07
N ARG C 160 -25.85 -1.35 -23.50
CA ARG C 160 -27.17 -0.93 -22.99
C ARG C 160 -28.26 -1.96 -23.25
N GLY C 161 -29.40 -1.73 -22.60
CA GLY C 161 -30.54 -2.62 -22.75
C GLY C 161 -31.16 -2.35 -24.11
N GLY D 1 -25.16 25.85 26.80
CA GLY D 1 -24.48 26.29 25.54
C GLY D 1 -23.60 25.21 24.97
N ALA D 2 -23.85 24.82 23.72
CA ALA D 2 -23.06 23.78 23.05
C ALA D 2 -21.65 24.29 22.79
N ARG D 3 -20.66 23.60 23.35
CA ARG D 3 -19.26 23.98 23.18
C ARG D 3 -18.57 23.16 22.10
N VAL D 4 -19.26 22.17 21.58
CA VAL D 4 -18.70 21.33 20.53
C VAL D 4 -19.65 21.12 19.35
N ALA D 5 -19.12 21.27 18.14
CA ALA D 5 -19.87 21.10 16.91
C ALA D 5 -19.42 19.85 16.15
N ILE D 6 -20.37 19.03 15.71
CA ILE D 6 -20.06 17.83 14.92
C ILE D 6 -20.57 18.03 13.50
N VAL D 7 -19.66 18.20 12.55
CA VAL D 7 -20.06 18.38 11.15
C VAL D 7 -19.64 17.20 10.29
N MSE D 8 -20.25 17.08 9.11
CA MSE D 8 -19.92 15.99 8.19
C MSE D 8 -20.28 16.40 6.79
O MSE D 8 -21.13 17.25 6.61
CB MSE D 8 -20.69 14.72 8.57
CG MSE D 8 -22.18 14.79 8.36
SE MSE D 8 -23.06 13.68 9.55
CE MSE D 8 -22.73 14.66 11.07
N GLY D 9 -19.63 15.77 5.81
CA GLY D 9 -19.89 16.08 4.42
C GLY D 9 -21.21 15.60 3.81
N SER D 10 -21.72 14.48 4.27
CA SER D 10 -22.98 13.93 3.75
C SER D 10 -23.82 13.34 4.84
N LYS D 11 -25.10 13.22 4.57
CA LYS D 11 -26.01 12.62 5.54
C LYS D 11 -25.68 11.14 5.64
N SER D 12 -24.94 10.62 4.64
CA SER D 12 -24.53 9.22 4.61
C SER D 12 -23.34 8.95 5.53
N ASP D 13 -22.73 10.01 6.06
CA ASP D 13 -21.62 9.87 6.99
C ASP D 13 -22.18 9.71 8.41
N TRP D 14 -23.47 9.98 8.57
CA TRP D 14 -24.12 9.87 9.87
C TRP D 14 -24.00 8.47 10.48
N ALA D 15 -23.98 7.45 9.64
CA ALA D 15 -23.86 6.07 10.12
C ALA D 15 -22.56 5.90 10.93
N THR D 16 -21.59 6.75 10.65
CA THR D 16 -20.31 6.74 11.36
C THR D 16 -20.29 7.78 12.46
N MSE D 17 -20.61 9.02 12.12
CA MSE D 17 -20.60 10.12 13.07
C MSE D 17 -21.57 10.01 14.23
O MSE D 17 -21.39 10.68 15.25
CB MSE D 17 -20.81 11.46 12.36
CG MSE D 17 -19.79 11.78 11.23
SE MSE D 17 -18.03 11.44 11.79
CE MSE D 17 -17.84 12.87 12.97
N GLN D 18 -22.58 9.16 14.11
CA GLN D 18 -23.56 9.00 15.19
C GLN D 18 -22.93 8.45 16.47
N PHE D 19 -21.79 7.80 16.33
CA PHE D 19 -21.07 7.25 17.46
C PHE D 19 -20.35 8.34 18.25
N ALA D 20 -20.11 9.48 17.61
CA ALA D 20 -19.49 10.62 18.26
C ALA D 20 -20.58 11.23 19.16
N ALA D 21 -21.78 11.38 18.60
CA ALA D 21 -22.91 11.93 19.34
C ALA D 21 -23.35 11.04 20.51
N GLU D 22 -23.26 9.73 20.32
CA GLU D 22 -23.63 8.79 21.37
C GLU D 22 -22.78 8.99 22.61
N ILE D 23 -21.51 9.37 22.41
CA ILE D 23 -20.58 9.62 23.52
C ILE D 23 -21.01 10.88 24.29
N PHE D 24 -21.42 11.90 23.56
CA PHE D 24 -21.87 13.13 24.19
C PHE D 24 -23.17 12.95 24.96
N GLU D 25 -24.06 12.07 24.47
CA GLU D 25 -25.33 11.79 25.15
C GLU D 25 -25.04 11.17 26.51
N ILE D 26 -24.13 10.21 26.53
CA ILE D 26 -23.73 9.49 27.74
C ILE D 26 -22.99 10.38 28.74
N LEU D 27 -22.12 11.26 28.25
CA LEU D 27 -21.34 12.17 29.10
C LEU D 27 -22.12 13.46 29.38
N ASN D 28 -23.29 13.56 28.78
CA ASN D 28 -24.14 14.72 28.95
C ASN D 28 -23.44 16.02 28.56
N VAL D 29 -22.96 16.07 27.31
CA VAL D 29 -22.27 17.24 26.78
C VAL D 29 -23.12 17.81 25.64
N PRO D 30 -23.55 19.07 25.76
CA PRO D 30 -24.37 19.72 24.73
C PRO D 30 -23.56 19.85 23.44
N HIS D 31 -24.18 19.48 22.33
CA HIS D 31 -23.47 19.54 21.05
C HIS D 31 -24.40 19.89 19.88
N HIS D 32 -23.81 20.43 18.82
CA HIS D 32 -24.55 20.80 17.63
C HIS D 32 -24.16 19.81 16.52
N VAL D 33 -25.14 19.34 15.76
CA VAL D 33 -24.87 18.40 14.68
C VAL D 33 -25.37 19.02 13.39
N GLU D 34 -24.51 19.01 12.36
CA GLU D 34 -24.86 19.60 11.08
C GLU D 34 -24.13 19.00 9.88
N VAL D 35 -24.78 19.05 8.71
CA VAL D 35 -24.19 18.57 7.47
C VAL D 35 -23.62 19.78 6.72
N VAL D 36 -22.29 19.81 6.59
CA VAL D 36 -21.59 20.87 5.89
C VAL D 36 -20.71 20.19 4.84
N SER D 37 -20.98 20.45 3.57
CA SER D 37 -20.25 19.84 2.48
C SER D 37 -19.21 20.80 1.91
N ALA D 38 -17.95 20.35 1.87
CA ALA D 38 -16.87 21.18 1.36
C ALA D 38 -16.95 21.41 -0.15
N HIS D 39 -17.51 20.45 -0.86
CA HIS D 39 -17.61 20.52 -2.31
C HIS D 39 -18.98 20.93 -2.83
N ARG D 40 -20.05 20.53 -2.14
CA ARG D 40 -21.40 20.90 -2.57
C ARG D 40 -21.89 22.23 -2.00
N THR D 41 -21.41 22.58 -0.80
CA THR D 41 -21.79 23.84 -0.17
C THR D 41 -20.55 24.53 0.38
N PRO D 42 -19.61 24.94 -0.49
CA PRO D 42 -18.37 25.61 -0.10
C PRO D 42 -18.57 26.95 0.62
N ASP D 43 -19.65 27.66 0.30
CA ASP D 43 -19.94 28.94 0.94
C ASP D 43 -20.37 28.75 2.38
N LYS D 44 -21.23 27.76 2.63
CA LYS D 44 -21.69 27.48 3.98
C LYS D 44 -20.52 27.03 4.86
N LEU D 45 -19.56 26.33 4.27
CA LEU D 45 -18.38 25.87 5.01
C LEU D 45 -17.67 27.10 5.54
N PHE D 46 -17.54 28.14 4.71
CA PHE D 46 -16.87 29.37 5.12
C PHE D 46 -17.60 30.15 6.22
N SER D 47 -18.91 30.30 6.05
CA SER D 47 -19.70 31.02 7.04
C SER D 47 -19.68 30.28 8.37
N PHE D 48 -19.83 28.96 8.31
CA PHE D 48 -19.81 28.14 9.53
C PHE D 48 -18.49 28.29 10.29
N ALA D 49 -17.39 28.16 9.57
CA ALA D 49 -16.06 28.29 10.16
C ALA D 49 -15.81 29.68 10.73
N GLU D 50 -16.11 30.71 9.94
CA GLU D 50 -15.89 32.09 10.36
C GLU D 50 -16.63 32.45 11.64
N SER D 51 -17.84 31.91 11.80
CA SER D 51 -18.65 32.21 12.97
C SER D 51 -18.59 31.19 14.10
N ALA D 52 -17.73 30.18 13.99
CA ALA D 52 -17.61 29.14 15.02
C ALA D 52 -17.26 29.67 16.41
N GLU D 53 -16.36 30.64 16.48
CA GLU D 53 -15.96 31.23 17.76
C GLU D 53 -17.09 32.05 18.38
N GLU D 54 -17.73 32.90 17.58
CA GLU D 54 -18.84 33.71 18.07
C GLU D 54 -19.97 32.82 18.54
N ASN D 55 -20.20 31.71 17.84
CA ASN D 55 -21.26 30.77 18.22
C ASN D 55 -20.89 30.00 19.49
N GLY D 56 -19.72 30.28 20.04
CA GLY D 56 -19.29 29.65 21.26
C GLY D 56 -18.62 28.28 21.24
N TYR D 57 -18.24 27.79 20.06
CA TYR D 57 -17.61 26.48 19.96
C TYR D 57 -16.14 26.50 20.39
N GLN D 58 -15.73 25.45 21.09
CA GLN D 58 -14.36 25.35 21.55
C GLN D 58 -13.66 24.16 20.93
N VAL D 59 -14.42 23.33 20.23
CA VAL D 59 -13.90 22.15 19.53
C VAL D 59 -14.85 21.79 18.38
N ILE D 60 -14.27 21.44 17.23
CA ILE D 60 -15.04 21.04 16.05
C ILE D 60 -14.63 19.63 15.62
N ILE D 61 -15.62 18.75 15.45
CA ILE D 61 -15.35 17.38 15.01
C ILE D 61 -15.89 17.27 13.60
N ALA D 62 -14.99 17.12 12.63
CA ALA D 62 -15.39 17.03 11.24
C ALA D 62 -15.08 15.67 10.61
N GLY D 63 -16.11 15.02 10.09
CA GLY D 63 -15.94 13.73 9.46
C GLY D 63 -16.14 13.81 7.97
N ALA D 64 -15.41 12.99 7.23
CA ALA D 64 -15.53 12.96 5.77
C ALA D 64 -14.74 11.81 5.18
N GLY D 65 -15.10 11.39 3.97
CA GLY D 65 -14.44 10.27 3.32
C GLY D 65 -13.98 10.59 1.91
N GLY D 66 -13.21 9.68 1.31
CA GLY D 66 -12.69 9.90 -0.02
C GLY D 66 -11.72 11.06 0.05
N ALA D 67 -11.78 11.98 -0.89
CA ALA D 67 -10.92 13.15 -0.83
C ALA D 67 -11.61 14.01 0.20
N ALA D 68 -11.28 13.78 1.47
CA ALA D 68 -11.88 14.47 2.60
C ALA D 68 -11.28 15.85 2.85
N HIS D 69 -11.82 16.86 2.18
CA HIS D 69 -11.33 18.23 2.33
C HIS D 69 -11.98 19.00 3.48
N LEU D 70 -13.15 18.55 3.93
CA LEU D 70 -13.89 19.22 5.00
C LEU D 70 -13.12 19.63 6.26
N PRO D 71 -12.47 18.68 6.97
CA PRO D 71 -11.72 19.03 8.19
C PRO D 71 -10.67 20.13 7.99
N GLY D 72 -9.85 19.95 6.97
CA GLY D 72 -8.79 20.91 6.68
C GLY D 72 -9.22 22.31 6.29
N MSE D 73 -10.28 22.42 5.49
CA MSE D 73 -10.73 23.75 5.06
C MSE D 73 -11.37 24.54 6.22
O MSE D 73 -11.34 25.76 6.23
CB MSE D 73 -11.67 23.64 3.85
CG MSE D 73 -11.00 23.11 2.58
SE MSE D 73 -9.51 24.15 2.06
CE MSE D 73 -10.38 25.75 1.79
N ILE D 74 -11.93 23.81 7.18
CA ILE D 74 -12.51 24.45 8.35
C ILE D 74 -11.37 24.98 9.20
N ALA D 75 -10.37 24.14 9.42
CA ALA D 75 -9.20 24.51 10.23
C ALA D 75 -8.45 25.69 9.64
N ALA D 76 -8.59 25.89 8.33
CA ALA D 76 -7.93 26.98 7.63
C ALA D 76 -8.64 28.31 7.86
N LYS D 77 -9.91 28.25 8.23
CA LYS D 77 -10.72 29.44 8.44
C LYS D 77 -11.04 29.78 9.89
N THR D 78 -10.50 29.04 10.84
CA THR D 78 -10.77 29.29 12.26
C THR D 78 -9.62 28.84 13.16
N LEU D 79 -9.55 29.39 14.37
CA LEU D 79 -8.52 28.99 15.33
C LEU D 79 -9.09 28.00 16.34
N VAL D 80 -10.35 27.64 16.15
CA VAL D 80 -11.00 26.65 17.00
C VAL D 80 -10.42 25.29 16.61
N PRO D 81 -9.90 24.54 17.60
CA PRO D 81 -9.30 23.22 17.36
C PRO D 81 -10.22 22.28 16.58
N VAL D 82 -9.71 21.75 15.48
CA VAL D 82 -10.47 20.82 14.63
C VAL D 82 -9.92 19.40 14.74
N LEU D 83 -10.82 18.46 14.95
CA LEU D 83 -10.46 17.05 15.04
C LEU D 83 -11.16 16.35 13.87
N GLY D 84 -10.39 15.63 13.05
CA GLY D 84 -10.95 14.95 11.91
C GLY D 84 -11.16 13.45 12.06
N VAL D 85 -12.24 12.95 11.47
CA VAL D 85 -12.57 11.53 11.50
C VAL D 85 -12.70 11.00 10.07
N PRO D 86 -11.79 10.11 9.66
CA PRO D 86 -11.84 9.53 8.31
C PRO D 86 -12.95 8.50 8.20
N VAL D 87 -13.90 8.74 7.31
CA VAL D 87 -14.99 7.81 7.09
C VAL D 87 -14.53 6.75 6.10
N GLN D 88 -14.85 5.50 6.39
CA GLN D 88 -14.44 4.39 5.54
C GLN D 88 -15.05 4.40 4.15
N SER D 89 -14.20 4.62 3.14
CA SER D 89 -14.61 4.65 1.74
C SER D 89 -14.68 3.23 1.19
N ALA D 90 -15.48 3.05 0.15
CA ALA D 90 -15.67 1.73 -0.46
C ALA D 90 -14.40 1.08 -1.02
N ALA D 91 -13.88 1.65 -2.12
CA ALA D 91 -12.70 1.11 -2.78
C ALA D 91 -11.39 1.06 -2.00
N LEU D 92 -11.01 2.18 -1.41
CA LEU D 92 -9.75 2.25 -0.67
C LEU D 92 -9.79 2.00 0.83
N SER D 93 -10.98 1.69 1.34
CA SER D 93 -11.18 1.38 2.76
C SER D 93 -10.75 2.46 3.75
N GLY D 94 -10.93 3.72 3.36
CA GLY D 94 -10.56 4.80 4.26
C GLY D 94 -9.12 5.24 4.24
N VAL D 95 -8.27 4.60 3.43
CA VAL D 95 -6.87 5.00 3.36
C VAL D 95 -6.77 6.39 2.68
N ASP D 96 -7.63 6.63 1.69
CA ASP D 96 -7.67 7.92 1.03
C ASP D 96 -8.21 9.00 1.97
N SER D 97 -9.17 8.62 2.82
CA SER D 97 -9.75 9.53 3.80
C SER D 97 -8.68 9.93 4.81
N LEU D 98 -7.95 8.94 5.31
CA LEU D 98 -6.88 9.15 6.26
C LEU D 98 -5.82 10.12 5.76
N TYR D 99 -5.29 9.87 4.57
CA TYR D 99 -4.26 10.70 3.97
C TYR D 99 -4.73 12.13 3.71
N SER D 100 -6.00 12.29 3.38
CA SER D 100 -6.58 13.60 3.08
C SER D 100 -6.71 14.46 4.32
N ILE D 101 -6.90 13.82 5.45
CA ILE D 101 -7.08 14.53 6.70
C ILE D 101 -5.78 14.69 7.47
N VAL D 102 -5.02 13.62 7.61
CA VAL D 102 -3.79 13.65 8.39
C VAL D 102 -2.59 14.40 7.82
N GLN D 103 -2.37 14.33 6.52
CA GLN D 103 -1.21 14.97 5.90
C GLN D 103 -1.24 16.48 5.67
N MSE D 104 -1.80 17.22 6.63
CA MSE D 104 -1.90 18.67 6.52
C MSE D 104 -0.52 19.30 6.64
O MSE D 104 0.31 18.83 7.43
CB MSE D 104 -2.83 19.22 7.63
CG MSE D 104 -4.30 18.84 7.45
SE MSE D 104 -5.04 19.71 5.96
CE MSE D 104 -4.85 21.42 6.57
N PRO D 105 -0.24 20.36 5.86
CA PRO D 105 1.05 21.07 5.86
C PRO D 105 1.25 21.90 7.12
N ARG D 106 2.48 22.35 7.36
CA ARG D 106 2.81 23.16 8.53
C ARG D 106 2.03 24.48 8.56
N GLY D 107 1.31 24.70 9.67
CA GLY D 107 0.54 25.92 9.81
C GLY D 107 -0.93 25.74 10.15
N ILE D 108 -1.60 24.79 9.51
CA ILE D 108 -3.02 24.53 9.73
C ILE D 108 -3.20 23.09 10.18
N PRO D 109 -3.25 22.86 11.50
CA PRO D 109 -3.42 21.54 12.10
C PRO D 109 -4.81 20.94 12.12
N VAL D 110 -4.86 19.60 12.12
CA VAL D 110 -6.11 18.84 12.21
C VAL D 110 -5.76 17.55 12.96
N GLY D 111 -6.31 17.39 14.16
CA GLY D 111 -6.08 16.20 14.95
C GLY D 111 -6.88 15.05 14.38
N THR D 112 -6.20 14.05 13.84
CA THR D 112 -6.87 12.91 13.22
C THR D 112 -7.07 11.70 14.12
N LEU D 113 -8.25 11.09 14.05
CA LEU D 113 -8.58 9.91 14.84
C LEU D 113 -8.67 8.67 13.94
N ALA D 114 -8.94 7.50 14.53
CA ALA D 114 -9.05 6.24 13.78
C ALA D 114 -10.06 6.25 12.63
N ILE D 115 -9.93 5.31 11.71
CA ILE D 115 -10.85 5.21 10.58
C ILE D 115 -12.15 4.54 11.04
N GLY D 116 -13.28 5.12 10.65
CA GLY D 116 -14.56 4.54 10.99
C GLY D 116 -15.19 4.95 12.31
N LYS D 117 -16.14 4.12 12.76
CA LYS D 117 -16.90 4.32 14.00
C LYS D 117 -16.06 4.44 15.28
N ALA D 118 -14.93 3.75 15.33
CA ALA D 118 -14.04 3.80 16.49
C ALA D 118 -13.43 5.19 16.64
N GLY D 119 -13.12 5.81 15.50
CA GLY D 119 -12.54 7.14 15.50
C GLY D 119 -13.57 8.20 15.79
N ALA D 120 -14.83 7.93 15.44
CA ALA D 120 -15.91 8.87 15.68
C ALA D 120 -16.12 8.98 17.17
N ALA D 121 -16.11 7.83 17.85
CA ALA D 121 -16.28 7.78 19.29
C ALA D 121 -15.12 8.48 19.98
N ASN D 122 -13.90 8.20 19.52
CA ASN D 122 -12.71 8.81 20.09
C ASN D 122 -12.59 10.31 19.86
N ALA D 123 -13.18 10.83 18.79
CA ALA D 123 -13.14 12.26 18.53
C ALA D 123 -13.95 12.94 19.62
N ALA D 124 -15.07 12.33 19.97
CA ALA D 124 -15.96 12.84 21.00
C ALA D 124 -15.30 12.81 22.36
N LEU D 125 -14.58 11.72 22.62
CA LEU D 125 -13.86 11.54 23.88
C LEU D 125 -12.69 12.48 24.03
N LEU D 126 -12.01 12.76 22.93
CA LEU D 126 -10.88 13.67 22.96
C LEU D 126 -11.39 15.09 23.16
N ALA D 127 -12.53 15.39 22.54
CA ALA D 127 -13.14 16.70 22.65
C ALA D 127 -13.61 16.92 24.08
N ALA D 128 -14.17 15.88 24.69
CA ALA D 128 -14.65 15.94 26.06
C ALA D 128 -13.49 16.11 27.03
N GLN D 129 -12.33 15.57 26.70
CA GLN D 129 -11.16 15.68 27.57
C GLN D 129 -10.58 17.07 27.51
N ILE D 130 -10.71 17.72 26.35
CA ILE D 130 -10.23 19.07 26.16
C ILE D 130 -11.11 20.01 26.99
N LEU D 131 -12.42 19.78 26.96
CA LEU D 131 -13.35 20.61 27.73
C LEU D 131 -13.19 20.35 29.21
N ALA D 132 -12.93 19.09 29.57
CA ALA D 132 -12.78 18.66 30.96
C ALA D 132 -11.61 19.31 31.68
N THR D 133 -10.74 19.98 30.94
CA THR D 133 -9.60 20.65 31.55
C THR D 133 -10.10 21.84 32.39
N HIS D 134 -11.21 22.43 31.97
CA HIS D 134 -11.84 23.56 32.66
C HIS D 134 -13.30 23.26 33.02
N ASP D 135 -13.60 22.00 33.33
CA ASP D 135 -14.96 21.60 33.68
C ASP D 135 -14.81 20.40 34.59
N LYS D 136 -14.78 20.68 35.89
CA LYS D 136 -14.61 19.66 36.92
C LYS D 136 -15.66 18.56 36.94
N GLU D 137 -16.90 18.91 36.61
CA GLU D 137 -17.97 17.91 36.60
C GLU D 137 -17.78 16.94 35.44
N LEU D 138 -17.55 17.48 34.24
CA LEU D 138 -17.33 16.66 33.07
C LEU D 138 -16.10 15.82 33.30
N HIS D 139 -15.08 16.41 33.91
CA HIS D 139 -13.85 15.69 34.22
C HIS D 139 -14.15 14.46 35.09
N GLN D 140 -15.03 14.63 36.07
CA GLN D 140 -15.40 13.53 36.95
C GLN D 140 -16.23 12.49 36.22
N ARG D 141 -17.15 12.93 35.37
CA ARG D 141 -17.99 12.01 34.60
C ARG D 141 -17.13 11.17 33.66
N LEU D 142 -16.04 11.77 33.16
CA LEU D 142 -15.10 11.09 32.27
C LEU D 142 -14.36 10.00 33.01
N ASN D 143 -13.95 10.33 34.23
CA ASN D 143 -13.22 9.43 35.09
C ASN D 143 -14.06 8.21 35.40
N ASP D 144 -15.34 8.45 35.68
CA ASP D 144 -16.27 7.39 36.01
C ASP D 144 -16.52 6.47 34.82
N TRP D 145 -16.62 7.05 33.63
CA TRP D 145 -16.86 6.29 32.39
C TRP D 145 -15.68 5.40 32.07
N ARG D 146 -14.48 5.92 32.24
CA ARG D 146 -13.28 5.18 31.95
C ARG D 146 -13.08 4.03 32.94
N LYS D 147 -13.49 4.22 34.21
CA LYS D 147 -13.38 3.17 35.22
C LYS D 147 -14.38 2.05 34.91
N ALA D 148 -15.52 2.42 34.36
CA ALA D 148 -16.57 1.48 34.01
C ALA D 148 -16.08 0.55 32.90
N GLN D 149 -15.38 1.13 31.92
CA GLN D 149 -14.85 0.37 30.79
C GLN D 149 -13.76 -0.56 31.26
N THR D 150 -12.93 -0.08 32.17
CA THR D 150 -11.84 -0.86 32.75
C THR D 150 -12.42 -2.00 33.57
N ASP D 151 -13.28 -1.67 34.54
CA ASP D 151 -13.93 -2.66 35.40
C ASP D 151 -14.58 -3.79 34.60
N GLU D 152 -15.27 -3.43 33.53
CA GLU D 152 -15.95 -4.40 32.69
C GLU D 152 -15.01 -5.46 32.15
N VAL D 153 -13.83 -5.06 31.72
CA VAL D 153 -12.84 -5.99 31.20
C VAL D 153 -12.20 -6.81 32.31
N LEU D 154 -11.98 -6.19 33.47
CA LEU D 154 -11.36 -6.85 34.63
C LEU D 154 -12.24 -7.91 35.24
N GLU D 155 -13.56 -7.77 35.11
CA GLU D 155 -14.48 -8.74 35.69
C GLU D 155 -15.02 -9.75 34.67
N ASN D 156 -14.24 -9.97 33.61
CA ASN D 156 -14.57 -10.90 32.53
C ASN D 156 -13.24 -11.33 31.91
N PRO D 157 -12.31 -11.84 32.74
CA PRO D 157 -10.98 -12.29 32.30
C PRO D 157 -10.90 -13.52 31.38
N ASP D 158 -11.87 -14.43 31.47
CA ASP D 158 -11.88 -15.62 30.61
C ASP D 158 -12.91 -15.44 29.50
N PRO D 159 -12.44 -15.42 28.25
CA PRO D 159 -13.27 -15.25 27.04
C PRO D 159 -13.95 -16.55 26.60
N ARG D 160 -13.42 -17.67 27.06
CA ARG D 160 -13.96 -18.98 26.71
C ARG D 160 -15.39 -19.17 27.17
N GLY D 161 -16.01 -20.25 26.67
CA GLY D 161 -17.37 -20.57 27.05
C GLY D 161 -17.37 -21.13 28.47
N GLY E 1 -4.75 36.97 -25.20
CA GLY E 1 -5.75 36.73 -24.08
C GLY E 1 -5.56 35.36 -23.48
N ALA E 2 -5.03 35.30 -22.25
CA ALA E 2 -4.75 34.05 -21.54
C ALA E 2 -6.01 33.22 -21.29
N ARG E 3 -6.06 32.03 -21.89
CA ARG E 3 -7.23 31.16 -21.74
C ARG E 3 -7.05 30.02 -20.73
N VAL E 4 -5.85 29.87 -20.19
CA VAL E 4 -5.58 28.83 -19.20
C VAL E 4 -4.76 29.39 -18.04
N ALA E 5 -5.11 28.99 -16.82
CA ALA E 5 -4.41 29.45 -15.63
C ALA E 5 -3.71 28.31 -14.92
N ILE E 6 -2.46 28.55 -14.52
CA ILE E 6 -1.67 27.56 -13.81
C ILE E 6 -1.50 28.08 -12.37
N VAL E 7 -2.10 27.37 -11.41
CA VAL E 7 -1.99 27.77 -10.02
C VAL E 7 -1.37 26.67 -9.21
N MSE E 8 -0.80 27.03 -8.06
CA MSE E 8 -0.16 26.05 -7.17
C MSE E 8 -0.24 26.53 -5.71
O MSE E 8 -0.44 27.71 -5.46
CB MSE E 8 1.30 25.87 -7.57
CG MSE E 8 2.13 27.13 -7.40
SE MSE E 8 3.52 27.20 -8.64
CE MSE E 8 2.53 27.71 -10.10
N GLY E 9 -0.06 25.60 -4.79
CA GLY E 9 -0.13 25.92 -3.37
C GLY E 9 1.06 26.60 -2.72
N SER E 10 2.27 26.38 -3.25
CA SER E 10 3.50 26.98 -2.71
C SER E 10 4.39 27.37 -3.87
N LYS E 11 5.37 28.23 -3.61
CA LYS E 11 6.30 28.60 -4.66
C LYS E 11 7.27 27.41 -4.84
N SER E 12 7.27 26.51 -3.86
CA SER E 12 8.12 25.32 -3.91
C SER E 12 7.58 24.29 -4.91
N ASP E 13 6.33 24.47 -5.34
CA ASP E 13 5.70 23.57 -6.32
C ASP E 13 6.10 23.94 -7.75
N TRP E 14 6.77 25.07 -7.90
CA TRP E 14 7.21 25.54 -9.20
C TRP E 14 8.22 24.59 -9.82
N ALA E 15 8.94 23.85 -8.99
CA ALA E 15 9.92 22.89 -9.48
C ALA E 15 9.20 21.89 -10.39
N THR E 16 7.95 21.61 -10.06
CA THR E 16 7.12 20.69 -10.81
C THR E 16 6.25 21.41 -11.84
N MSE E 17 5.50 22.41 -11.38
CA MSE E 17 4.59 23.16 -12.26
C MSE E 17 5.25 23.90 -13.41
O MSE E 17 4.59 24.22 -14.38
CB MSE E 17 3.71 24.10 -11.43
CG MSE E 17 2.89 23.37 -10.36
SE MSE E 17 2.00 21.86 -11.07
CE MSE E 17 0.72 22.78 -12.03
N GLN E 18 6.56 24.15 -13.31
CA GLN E 18 7.28 24.85 -14.38
C GLN E 18 7.27 24.02 -15.65
N PHE E 19 6.96 22.73 -15.53
CA PHE E 19 6.89 21.84 -16.66
C PHE E 19 5.59 21.99 -17.44
N ALA E 20 4.59 22.58 -16.80
CA ALA E 20 3.31 22.84 -17.43
C ALA E 20 3.53 24.09 -18.28
N ALA E 21 4.12 25.12 -17.67
CA ALA E 21 4.41 26.38 -18.34
C ALA E 21 5.31 26.21 -19.54
N GLU E 22 6.25 25.26 -19.46
CA GLU E 22 7.19 24.99 -20.56
C GLU E 22 6.47 24.52 -21.84
N ILE E 23 5.46 23.67 -21.67
CA ILE E 23 4.70 23.18 -22.82
C ILE E 23 3.98 24.33 -23.48
N PHE E 24 3.44 25.24 -22.68
CA PHE E 24 2.73 26.39 -23.19
C PHE E 24 3.63 27.35 -23.98
N GLU E 25 4.90 27.45 -23.60
CA GLU E 25 5.84 28.32 -24.29
C GLU E 25 6.16 27.71 -25.66
N ILE E 26 6.40 26.40 -25.68
CA ILE E 26 6.71 25.67 -26.92
C ILE E 26 5.54 25.80 -27.89
N LEU E 27 4.34 25.53 -27.41
CA LEU E 27 3.12 25.58 -28.22
C LEU E 27 2.59 26.99 -28.39
N ASN E 28 3.24 27.96 -27.77
CA ASN E 28 2.84 29.36 -27.85
C ASN E 28 1.36 29.55 -27.45
N VAL E 29 1.07 29.22 -26.18
CA VAL E 29 -0.25 29.36 -25.62
C VAL E 29 -0.14 30.34 -24.46
N PRO E 30 -0.87 31.46 -24.51
CA PRO E 30 -0.83 32.47 -23.44
C PRO E 30 -1.40 31.90 -22.14
N HIS E 31 -0.75 32.21 -21.02
CA HIS E 31 -1.21 31.68 -19.74
C HIS E 31 -0.86 32.56 -18.56
N HIS E 32 -1.58 32.37 -17.47
CA HIS E 32 -1.36 33.12 -16.24
C HIS E 32 -0.81 32.15 -15.19
N VAL E 33 0.20 32.58 -14.44
CA VAL E 33 0.77 31.75 -13.39
C VAL E 33 0.62 32.46 -12.06
N GLU E 34 0.20 31.72 -11.04
CA GLU E 34 -0.03 32.29 -9.74
C GLU E 34 -0.03 31.29 -8.58
N VAL E 35 0.41 31.78 -7.41
CA VAL E 35 0.44 30.98 -6.20
C VAL E 35 -0.81 31.27 -5.38
N VAL E 36 -1.67 30.25 -5.25
CA VAL E 36 -2.91 30.36 -4.48
C VAL E 36 -2.89 29.20 -3.51
N SER E 37 -2.87 29.48 -2.20
CA SER E 37 -2.84 28.42 -1.22
C SER E 37 -4.23 28.16 -0.62
N ALA E 38 -4.67 26.90 -0.65
CA ALA E 38 -5.98 26.56 -0.11
C ALA E 38 -6.04 26.72 1.40
N HIS E 39 -4.90 26.50 2.07
CA HIS E 39 -4.84 26.59 3.52
C HIS E 39 -4.28 27.89 4.07
N ARG E 40 -3.31 28.47 3.38
CA ARG E 40 -2.71 29.71 3.83
C ARG E 40 -3.43 30.95 3.28
N THR E 41 -4.07 30.80 2.13
CA THR E 41 -4.83 31.90 1.51
C THR E 41 -6.20 31.41 0.98
N PRO E 42 -7.05 30.89 1.88
CA PRO E 42 -8.37 30.37 1.51
C PRO E 42 -9.32 31.39 0.86
N ASP E 43 -9.29 32.63 1.33
CA ASP E 43 -10.14 33.68 0.77
C ASP E 43 -9.74 34.07 -0.63
N LYS E 44 -8.44 33.97 -0.95
CA LYS E 44 -7.94 34.28 -2.28
C LYS E 44 -8.37 33.15 -3.24
N LEU E 45 -8.46 31.93 -2.72
CA LEU E 45 -8.87 30.77 -3.52
C LEU E 45 -10.27 31.04 -4.02
N PHE E 46 -11.15 31.46 -3.11
CA PHE E 46 -12.53 31.76 -3.45
C PHE E 46 -12.64 32.87 -4.47
N SER E 47 -11.98 34.00 -4.21
CA SER E 47 -12.02 35.13 -5.13
C SER E 47 -11.50 34.74 -6.51
N PHE E 48 -10.44 33.94 -6.53
CA PHE E 48 -9.84 33.49 -7.79
C PHE E 48 -10.79 32.61 -8.56
N ALA E 49 -11.35 31.62 -7.88
CA ALA E 49 -12.30 30.70 -8.51
C ALA E 49 -13.54 31.42 -9.03
N GLU E 50 -14.16 32.25 -8.18
CA GLU E 50 -15.35 33.02 -8.54
C GLU E 50 -15.20 33.91 -9.78
N SER E 51 -14.00 34.43 -10.00
CA SER E 51 -13.75 35.31 -11.13
C SER E 51 -12.98 34.70 -12.30
N ALA E 52 -12.82 33.38 -12.27
CA ALA E 52 -12.08 32.71 -13.33
C ALA E 52 -12.76 32.88 -14.69
N GLU E 53 -14.08 32.72 -14.76
CA GLU E 53 -14.82 32.86 -16.02
C GLU E 53 -14.77 34.25 -16.60
N GLU E 54 -14.89 35.26 -15.74
CA GLU E 54 -14.84 36.66 -16.19
C GLU E 54 -13.47 37.01 -16.73
N ASN E 55 -12.42 36.45 -16.14
CA ASN E 55 -11.06 36.72 -16.60
C ASN E 55 -10.70 35.93 -17.85
N GLY E 56 -11.71 35.25 -18.40
CA GLY E 56 -11.53 34.49 -19.62
C GLY E 56 -10.88 33.11 -19.58
N TYR E 57 -10.70 32.54 -18.38
CA TYR E 57 -10.07 31.21 -18.28
C TYR E 57 -11.03 30.12 -18.71
N GLN E 58 -10.55 29.24 -19.58
CA GLN E 58 -11.36 28.14 -20.09
C GLN E 58 -10.90 26.81 -19.51
N VAL E 59 -9.72 26.81 -18.89
CA VAL E 59 -9.16 25.63 -18.24
C VAL E 59 -8.25 26.10 -17.12
N ILE E 60 -8.26 25.39 -16.00
CA ILE E 60 -7.43 25.72 -14.85
C ILE E 60 -6.60 24.51 -14.47
N ILE E 61 -5.29 24.71 -14.31
CA ILE E 61 -4.39 23.64 -13.92
C ILE E 61 -3.90 23.95 -12.51
N ALA E 62 -4.26 23.08 -11.56
CA ALA E 62 -3.88 23.28 -10.18
C ALA E 62 -3.01 22.12 -9.67
N GLY E 63 -1.88 22.45 -9.05
CA GLY E 63 -1.00 21.44 -8.53
C GLY E 63 -0.80 21.64 -7.04
N ALA E 64 -0.66 20.54 -6.30
CA ALA E 64 -0.45 20.59 -4.85
C ALA E 64 0.02 19.24 -4.31
N GLY E 65 0.62 19.26 -3.12
CA GLY E 65 1.13 18.04 -2.53
C GLY E 65 0.65 17.79 -1.11
N GLY E 66 0.71 16.52 -0.69
CA GLY E 66 0.27 16.15 0.64
C GLY E 66 -1.26 16.08 0.64
N ALA E 67 -1.89 16.86 1.51
CA ALA E 67 -3.34 16.94 1.57
C ALA E 67 -3.64 18.00 0.54
N ALA E 68 -3.67 17.60 -0.73
CA ALA E 68 -3.90 18.49 -1.86
C ALA E 68 -5.35 18.90 -2.06
N HIS E 69 -5.76 19.94 -1.35
CA HIS E 69 -7.13 20.43 -1.39
C HIS E 69 -7.36 21.51 -2.45
N LEU E 70 -6.27 22.09 -2.97
CA LEU E 70 -6.37 23.16 -3.94
C LEU E 70 -7.23 22.88 -5.19
N PRO E 71 -6.90 21.84 -5.97
CA PRO E 71 -7.69 21.54 -7.18
C PRO E 71 -9.18 21.34 -6.90
N GLY E 72 -9.50 20.54 -5.89
CA GLY E 72 -10.87 20.25 -5.54
C GLY E 72 -11.71 21.40 -5.02
N MSE E 73 -11.10 22.32 -4.31
CA MSE E 73 -11.83 23.47 -3.78
C MSE E 73 -12.06 24.53 -4.85
O MSE E 73 -12.98 25.33 -4.74
CB MSE E 73 -11.12 24.06 -2.55
CG MSE E 73 -11.17 23.16 -1.30
SE MSE E 73 -12.93 22.63 -0.83
CE MSE E 73 -13.57 24.32 -0.41
N ILE E 74 -11.21 24.55 -5.87
CA ILE E 74 -11.39 25.51 -6.97
C ILE E 74 -12.56 24.99 -7.81
N ALA E 75 -12.58 23.69 -8.06
CA ALA E 75 -13.64 23.09 -8.85
C ALA E 75 -15.01 23.27 -8.24
N ALA E 76 -15.07 23.44 -6.92
CA ALA E 76 -16.32 23.63 -6.20
C ALA E 76 -16.89 25.03 -6.34
N LYS E 77 -16.03 25.99 -6.69
CA LYS E 77 -16.43 27.39 -6.84
C LYS E 77 -16.50 27.90 -8.28
N THR E 78 -16.37 27.01 -9.26
CA THR E 78 -16.43 27.42 -10.67
C THR E 78 -16.83 26.27 -11.58
N LEU E 79 -17.35 26.59 -12.77
CA LEU E 79 -17.71 25.58 -13.74
C LEU E 79 -16.62 25.42 -14.79
N VAL E 80 -15.53 26.17 -14.61
CA VAL E 80 -14.41 26.09 -15.53
C VAL E 80 -13.68 24.78 -15.23
N PRO E 81 -13.44 23.96 -16.26
CA PRO E 81 -12.76 22.67 -16.10
C PRO E 81 -11.42 22.80 -15.34
N VAL E 82 -11.24 21.96 -14.33
CA VAL E 82 -10.02 21.97 -13.51
C VAL E 82 -9.22 20.67 -13.67
N LEU E 83 -7.92 20.82 -13.88
CA LEU E 83 -7.03 19.69 -14.02
C LEU E 83 -6.07 19.72 -12.85
N GLY E 84 -5.94 18.57 -12.16
CA GLY E 84 -5.05 18.48 -11.01
C GLY E 84 -3.77 17.70 -11.22
N VAL E 85 -2.69 18.21 -10.65
CA VAL E 85 -1.38 17.60 -10.74
C VAL E 85 -0.86 17.31 -9.33
N PRO E 86 -0.69 16.03 -8.99
CA PRO E 86 -0.20 15.64 -7.67
C PRO E 86 1.31 15.87 -7.59
N VAL E 87 1.73 16.74 -6.68
CA VAL E 87 3.15 17.01 -6.50
C VAL E 87 3.67 15.91 -5.58
N GLN E 88 4.85 15.39 -5.90
CA GLN E 88 5.44 14.31 -5.13
C GLN E 88 5.87 14.75 -3.75
N SER E 89 5.24 14.16 -2.75
CA SER E 89 5.54 14.48 -1.36
C SER E 89 6.73 13.64 -0.87
N ALA E 90 7.35 14.08 0.23
CA ALA E 90 8.50 13.40 0.80
C ALA E 90 8.21 12.02 1.40
N ALA E 91 7.36 11.98 2.42
CA ALA E 91 7.05 10.73 3.09
C ALA E 91 6.30 9.69 2.27
N LEU E 92 5.17 10.07 1.68
CA LEU E 92 4.34 9.15 0.91
C LEU E 92 4.53 9.08 -0.60
N SER E 93 5.59 9.73 -1.10
CA SER E 93 5.93 9.74 -2.52
C SER E 93 4.82 10.16 -3.48
N GLY E 94 3.93 11.03 -3.00
CA GLY E 94 2.85 11.48 -3.84
C GLY E 94 1.58 10.67 -3.82
N VAL E 95 1.57 9.55 -3.11
CA VAL E 95 0.37 8.72 -3.03
C VAL E 95 -0.76 9.47 -2.30
N ASP E 96 -0.37 10.28 -1.31
CA ASP E 96 -1.32 11.09 -0.56
C ASP E 96 -1.86 12.22 -1.44
N SER E 97 -0.98 12.76 -2.28
CA SER E 97 -1.32 13.84 -3.21
C SER E 97 -2.32 13.33 -4.23
N LEU E 98 -2.07 12.14 -4.78
CA LEU E 98 -2.94 11.52 -5.76
C LEU E 98 -4.33 11.24 -5.20
N TYR E 99 -4.38 10.61 -4.03
CA TYR E 99 -5.66 10.29 -3.41
C TYR E 99 -6.49 11.51 -3.06
N SER E 100 -5.81 12.59 -2.66
CA SER E 100 -6.47 13.86 -2.32
C SER E 100 -7.07 14.57 -3.51
N ILE E 101 -6.49 14.37 -4.69
CA ILE E 101 -7.00 15.03 -5.88
C ILE E 101 -7.96 14.20 -6.70
N VAL E 102 -7.66 12.92 -6.86
CA VAL E 102 -8.49 12.06 -7.69
C VAL E 102 -9.79 11.52 -7.12
N GLN E 103 -9.85 11.32 -5.81
CA GLN E 103 -11.06 10.77 -5.20
C GLN E 103 -12.20 11.73 -4.87
N MSE E 104 -12.46 12.68 -5.76
CA MSE E 104 -13.53 13.66 -5.59
C MSE E 104 -14.89 12.95 -5.63
O MSE E 104 -15.05 11.97 -6.33
CB MSE E 104 -13.47 14.72 -6.70
CG MSE E 104 -12.28 15.67 -6.60
SE MSE E 104 -12.31 16.61 -4.98
CE MSE E 104 -13.55 17.87 -5.50
N PRO E 105 -15.87 13.45 -4.84
CA PRO E 105 -17.21 12.84 -4.79
C PRO E 105 -18.03 13.28 -6.01
N ARG E 106 -19.13 12.58 -6.25
CA ARG E 106 -20.02 12.87 -7.39
C ARG E 106 -20.53 14.30 -7.31
N GLY E 107 -20.38 15.03 -8.41
CA GLY E 107 -20.83 16.41 -8.47
C GLY E 107 -19.76 17.42 -8.82
N ILE E 108 -18.56 17.25 -8.26
CA ILE E 108 -17.43 18.16 -8.49
C ILE E 108 -16.23 17.38 -9.00
N PRO E 109 -15.99 17.43 -10.31
CA PRO E 109 -14.89 16.74 -10.99
C PRO E 109 -13.58 17.48 -11.15
N VAL E 110 -12.48 16.73 -11.07
CA VAL E 110 -11.13 17.25 -11.25
C VAL E 110 -10.35 16.21 -12.08
N GLY E 111 -9.97 16.59 -13.30
CA GLY E 111 -9.21 15.69 -14.16
C GLY E 111 -7.79 15.58 -13.66
N THR E 112 -7.43 14.40 -13.18
CA THR E 112 -6.11 14.19 -12.62
C THR E 112 -5.08 13.60 -13.57
N LEU E 113 -3.84 14.08 -13.45
CA LEU E 113 -2.73 13.63 -14.27
C LEU E 113 -1.71 12.92 -13.38
N ALA E 114 -0.63 12.41 -13.99
CA ALA E 114 0.41 11.67 -13.28
C ALA E 114 1.05 12.42 -12.11
N ILE E 115 1.77 11.69 -11.27
CA ILE E 115 2.46 12.29 -10.13
C ILE E 115 3.79 12.87 -10.64
N GLY E 116 4.07 14.11 -10.27
CA GLY E 116 5.32 14.72 -10.69
C GLY E 116 5.33 15.53 -11.96
N LYS E 117 6.54 15.85 -12.41
CA LYS E 117 6.78 16.65 -13.60
C LYS E 117 6.14 16.11 -14.88
N ALA E 118 5.91 14.81 -14.95
CA ALA E 118 5.29 14.22 -16.16
C ALA E 118 3.83 14.58 -16.20
N GLY E 119 3.22 14.70 -15.02
CA GLY E 119 1.82 15.05 -14.91
C GLY E 119 1.60 16.53 -15.19
N ALA E 120 2.57 17.36 -14.78
CA ALA E 120 2.49 18.80 -15.00
C ALA E 120 2.53 19.08 -16.50
N ALA E 121 3.44 18.41 -17.21
CA ALA E 121 3.56 18.57 -18.64
C ALA E 121 2.28 18.09 -19.31
N ASN E 122 1.79 16.94 -18.91
CA ASN E 122 0.56 16.38 -19.48
C ASN E 122 -0.69 17.21 -19.21
N ALA E 123 -0.76 17.85 -18.05
CA ALA E 123 -1.90 18.70 -17.74
C ALA E 123 -1.92 19.84 -18.75
N ALA E 124 -0.74 20.36 -19.07
CA ALA E 124 -0.61 21.42 -20.05
C ALA E 124 -1.03 20.94 -21.43
N LEU E 125 -0.62 19.72 -21.80
CA LEU E 125 -0.98 19.17 -23.09
C LEU E 125 -2.46 18.86 -23.19
N LEU E 126 -3.07 18.44 -22.09
CA LEU E 126 -4.48 18.15 -22.08
C LEU E 126 -5.28 19.43 -22.23
N ALA E 127 -4.86 20.50 -21.54
CA ALA E 127 -5.53 21.78 -21.62
C ALA E 127 -5.38 22.35 -23.03
N ALA E 128 -4.25 22.08 -23.66
CA ALA E 128 -4.00 22.54 -25.04
C ALA E 128 -4.89 21.77 -26.00
N GLN E 129 -5.10 20.49 -25.76
CA GLN E 129 -5.95 19.67 -26.62
C GLN E 129 -7.40 20.08 -26.48
N ILE E 130 -7.76 20.66 -25.34
CA ILE E 130 -9.12 21.14 -25.10
C ILE E 130 -9.33 22.45 -25.85
N LEU E 131 -8.33 23.33 -25.81
CA LEU E 131 -8.41 24.59 -26.51
C LEU E 131 -8.38 24.35 -28.02
N ALA E 132 -7.55 23.40 -28.44
CA ALA E 132 -7.38 23.07 -29.86
C ALA E 132 -8.64 22.60 -30.57
N THR E 133 -9.69 22.32 -29.82
CA THR E 133 -10.94 21.86 -30.42
C THR E 133 -11.58 23.02 -31.17
N HIS E 134 -11.28 24.24 -30.72
CA HIS E 134 -11.79 25.46 -31.33
C HIS E 134 -10.68 26.45 -31.71
N ASP E 135 -9.52 25.92 -32.13
CA ASP E 135 -8.36 26.72 -32.51
C ASP E 135 -7.57 25.88 -33.50
N LYS E 136 -7.89 26.03 -34.79
CA LYS E 136 -7.23 25.26 -35.85
C LYS E 136 -5.72 25.42 -35.91
N GLU E 137 -5.22 26.59 -35.47
CA GLU E 137 -3.80 26.86 -35.49
C GLU E 137 -3.08 26.09 -34.39
N LEU E 138 -3.65 26.12 -33.18
CA LEU E 138 -3.09 25.41 -32.05
C LEU E 138 -3.16 23.93 -32.32
N HIS E 139 -4.27 23.50 -32.92
CA HIS E 139 -4.46 22.10 -33.27
C HIS E 139 -3.35 21.64 -34.20
N GLN E 140 -2.90 22.53 -35.09
CA GLN E 140 -1.83 22.22 -36.04
C GLN E 140 -0.48 22.15 -35.34
N ARG E 141 -0.24 23.07 -34.41
CA ARG E 141 1.02 23.09 -33.68
C ARG E 141 1.15 21.87 -32.77
N LEU E 142 0.03 21.41 -32.20
CA LEU E 142 0.00 20.23 -31.35
C LEU E 142 0.34 19.02 -32.19
N ASN E 143 -0.20 19.02 -33.41
CA ASN E 143 0.00 17.94 -34.37
C ASN E 143 1.47 17.80 -34.74
N ASP E 144 2.13 18.93 -34.98
CA ASP E 144 3.55 18.96 -35.34
C ASP E 144 4.42 18.48 -34.18
N TRP E 145 4.06 18.93 -32.98
CA TRP E 145 4.81 18.58 -31.78
C TRP E 145 4.73 17.07 -31.55
N ARG E 146 3.54 16.52 -31.71
CA ARG E 146 3.37 15.10 -31.52
C ARG E 146 4.14 14.30 -32.57
N LYS E 147 4.20 14.80 -33.80
CA LYS E 147 4.94 14.11 -34.85
C LYS E 147 6.44 14.18 -34.61
N ALA E 148 6.89 15.26 -33.98
CA ALA E 148 8.31 15.42 -33.66
C ALA E 148 8.76 14.41 -32.61
N GLN E 149 7.88 14.13 -31.64
CA GLN E 149 8.18 13.17 -30.58
C GLN E 149 8.26 11.76 -31.16
N THR E 150 7.31 11.44 -32.03
CA THR E 150 7.23 10.13 -32.68
C THR E 150 8.44 9.90 -33.57
N ASP E 151 8.75 10.88 -34.40
CA ASP E 151 9.87 10.76 -35.32
C ASP E 151 11.21 10.61 -34.60
N GLU E 152 11.36 11.27 -33.46
CA GLU E 152 12.60 11.19 -32.70
C GLU E 152 12.84 9.76 -32.23
N VAL E 153 11.76 9.07 -31.91
CA VAL E 153 11.81 7.69 -31.46
C VAL E 153 12.03 6.74 -32.64
N LEU E 154 11.45 7.07 -33.78
CA LEU E 154 11.57 6.26 -34.99
C LEU E 154 12.95 6.28 -35.63
N GLU E 155 13.64 7.41 -35.53
CA GLU E 155 14.97 7.55 -36.13
C GLU E 155 16.10 7.17 -35.17
N ASN E 156 15.75 6.54 -34.06
CA ASN E 156 16.73 6.10 -33.07
C ASN E 156 16.25 4.79 -32.44
N PRO E 157 16.05 3.75 -33.27
CA PRO E 157 15.57 2.44 -32.81
C PRO E 157 16.52 1.63 -31.95
N ASP E 158 17.82 1.76 -32.15
CA ASP E 158 18.79 1.00 -31.36
C ASP E 158 19.33 1.82 -30.21
N PRO E 159 19.08 1.38 -28.96
CA PRO E 159 19.52 2.06 -27.74
C PRO E 159 21.00 1.80 -27.37
N ARG E 160 21.60 0.80 -28.02
CA ARG E 160 22.99 0.44 -27.78
C ARG E 160 23.94 1.49 -28.38
N GLY E 161 25.06 1.70 -27.71
CA GLY E 161 26.07 2.67 -28.15
C GLY E 161 26.40 2.65 -29.65
N GLY F 1 29.48 -25.04 22.96
CA GLY F 1 28.51 -25.73 22.04
C GLY F 1 27.47 -24.75 21.52
N ALA F 2 27.60 -24.39 20.24
CA ALA F 2 26.68 -23.44 19.56
C ALA F 2 25.23 -23.93 19.55
N ARG F 3 24.36 -23.19 20.23
CA ARG F 3 22.95 -23.56 20.31
C ARG F 3 22.03 -22.77 19.35
N VAL F 4 22.57 -21.79 18.65
CA VAL F 4 21.79 -21.00 17.72
C VAL F 4 22.54 -20.81 16.42
N ALA F 5 21.84 -20.90 15.30
CA ALA F 5 22.46 -20.74 13.99
C ALA F 5 21.89 -19.53 13.27
N ILE F 6 22.78 -18.76 12.66
CA ILE F 6 22.40 -17.58 11.89
C ILE F 6 22.69 -17.88 10.45
N VAL F 7 21.64 -17.99 9.64
CA VAL F 7 21.81 -18.24 8.22
C VAL F 7 21.21 -17.12 7.36
N MSE F 8 21.68 -16.99 6.13
CA MSE F 8 21.20 -15.95 5.22
C MSE F 8 21.31 -16.41 3.78
O MSE F 8 22.06 -17.31 3.47
CB MSE F 8 22.00 -14.67 5.42
CG MSE F 8 23.47 -14.78 5.04
SE MSE F 8 24.53 -13.59 6.03
CE MSE F 8 24.56 -14.63 7.56
N GLY F 9 20.56 -15.74 2.90
CA GLY F 9 20.55 -16.10 1.49
C GLY F 9 21.73 -15.66 0.64
N SER F 10 22.35 -14.54 0.99
CA SER F 10 23.49 -14.01 0.23
C SER F 10 24.51 -13.48 1.21
N LYS F 11 25.74 -13.29 0.75
CA LYS F 11 26.75 -12.70 1.62
C LYS F 11 26.45 -11.20 1.73
N SER F 12 25.59 -10.70 0.83
CA SER F 12 25.19 -9.31 0.83
C SER F 12 24.21 -9.00 1.97
N ASP F 13 23.64 -10.05 2.56
CA ASP F 13 22.70 -9.89 3.68
C ASP F 13 23.44 -9.69 5.00
N TRP F 14 24.76 -9.89 4.98
CA TRP F 14 25.58 -9.75 6.17
C TRP F 14 25.55 -8.32 6.71
N ALA F 15 25.30 -7.34 5.82
CA ALA F 15 25.23 -5.95 6.21
C ALA F 15 24.18 -5.80 7.29
N THR F 16 23.13 -6.62 7.17
CA THR F 16 22.01 -6.64 8.12
C THR F 16 22.19 -7.70 9.19
N MSE F 17 22.48 -8.94 8.78
CA MSE F 17 22.62 -10.04 9.72
C MSE F 17 23.77 -9.94 10.71
O MSE F 17 23.76 -10.63 11.72
CB MSE F 17 22.63 -11.39 8.99
CG MSE F 17 21.41 -11.67 8.06
SE MSE F 17 19.73 -11.38 8.90
CE MSE F 17 19.86 -12.79 10.11
N GLN F 18 24.73 -9.07 10.42
CA GLN F 18 25.86 -8.90 11.33
C GLN F 18 25.40 -8.28 12.65
N PHE F 19 24.20 -7.72 12.66
CA PHE F 19 23.64 -7.11 13.86
C PHE F 19 23.05 -8.16 14.81
N ALA F 20 22.82 -9.36 14.28
CA ALA F 20 22.32 -10.45 15.08
C ALA F 20 23.55 -10.99 15.80
N ALA F 21 24.61 -11.24 15.02
CA ALA F 21 25.87 -11.75 15.54
C ALA F 21 26.46 -10.86 16.61
N GLU F 22 26.29 -9.55 16.47
CA GLU F 22 26.80 -8.57 17.42
C GLU F 22 26.21 -8.73 18.82
N ILE F 23 24.92 -9.00 18.88
CA ILE F 23 24.23 -9.19 20.16
C ILE F 23 24.79 -10.44 20.84
N PHE F 24 25.06 -11.47 20.05
CA PHE F 24 25.59 -12.72 20.60
C PHE F 24 26.99 -12.58 21.15
N GLU F 25 27.78 -11.65 20.60
CA GLU F 25 29.14 -11.45 21.08
C GLU F 25 29.08 -10.70 22.42
N ILE F 26 28.19 -9.71 22.49
CA ILE F 26 27.98 -8.92 23.72
C ILE F 26 27.49 -9.84 24.84
N LEU F 27 26.47 -10.65 24.55
CA LEU F 27 25.90 -11.57 25.53
C LEU F 27 26.70 -12.85 25.69
N ASN F 28 27.77 -12.98 24.93
CA ASN F 28 28.63 -14.16 24.97
C ASN F 28 27.81 -15.44 24.78
N VAL F 29 27.21 -15.56 23.60
CA VAL F 29 26.40 -16.73 23.22
C VAL F 29 27.06 -17.34 21.99
N PRO F 30 27.48 -18.61 22.08
CA PRO F 30 28.13 -19.28 20.94
C PRO F 30 27.15 -19.47 19.80
N HIS F 31 27.62 -19.21 18.58
CA HIS F 31 26.76 -19.32 17.40
C HIS F 31 27.49 -19.70 16.12
N HIS F 32 26.73 -20.24 15.17
CA HIS F 32 27.26 -20.64 13.88
C HIS F 32 26.69 -19.68 12.82
N VAL F 33 27.53 -19.22 11.91
CA VAL F 33 27.08 -18.33 10.86
C VAL F 33 27.34 -19.00 9.49
N GLU F 34 26.34 -18.93 8.61
CA GLU F 34 26.47 -19.56 7.32
C GLU F 34 25.54 -19.03 6.25
N VAL F 35 25.99 -19.08 5.01
CA VAL F 35 25.23 -18.63 3.87
C VAL F 35 24.56 -19.84 3.24
N VAL F 36 23.23 -19.87 3.29
CA VAL F 36 22.44 -20.95 2.71
C VAL F 36 21.40 -20.29 1.80
N SER F 37 21.47 -20.55 0.50
CA SER F 37 20.50 -19.94 -0.41
C SER F 37 19.37 -20.90 -0.78
N ALA F 38 18.14 -20.45 -0.60
CA ALA F 38 16.99 -21.30 -0.90
C ALA F 38 16.85 -21.55 -2.39
N HIS F 39 17.26 -20.58 -3.21
CA HIS F 39 17.15 -20.70 -4.65
C HIS F 39 18.43 -21.14 -5.35
N ARG F 40 19.58 -20.67 -4.88
CA ARG F 40 20.85 -21.03 -5.49
C ARG F 40 21.45 -22.33 -4.94
N THR F 41 21.12 -22.67 -3.69
CA THR F 41 21.62 -23.90 -3.05
C THR F 41 20.48 -24.59 -2.28
N PRO F 42 19.41 -25.00 -2.99
CA PRO F 42 18.24 -25.65 -2.40
C PRO F 42 18.53 -26.98 -1.70
N ASP F 43 19.48 -27.74 -2.23
CA ASP F 43 19.83 -29.02 -1.64
C ASP F 43 20.59 -28.86 -0.33
N LYS F 44 21.33 -27.76 -0.21
CA LYS F 44 22.08 -27.48 1.00
C LYS F 44 21.10 -27.03 2.10
N LEU F 45 20.01 -26.39 1.68
CA LEU F 45 18.98 -25.93 2.61
C LEU F 45 18.39 -27.15 3.29
N PHE F 46 18.05 -28.15 2.50
CA PHE F 46 17.49 -29.39 3.03
C PHE F 46 18.43 -30.10 3.97
N SER F 47 19.67 -30.32 3.52
CA SER F 47 20.66 -30.99 4.36
C SER F 47 20.88 -30.23 5.68
N PHE F 48 20.93 -28.90 5.60
CA PHE F 48 21.12 -28.06 6.79
C PHE F 48 19.95 -28.21 7.74
N ALA F 49 18.74 -28.07 7.23
CA ALA F 49 17.54 -28.18 8.04
C ALA F 49 17.41 -29.55 8.70
N GLU F 50 17.55 -30.61 7.90
CA GLU F 50 17.47 -31.99 8.37
C GLU F 50 18.44 -32.34 9.51
N SER F 51 19.61 -31.71 9.50
CA SER F 51 20.62 -31.99 10.52
C SER F 51 20.77 -30.92 11.59
N ALA F 52 19.84 -29.98 11.65
CA ALA F 52 19.93 -28.92 12.65
C ALA F 52 19.86 -29.45 14.08
N GLU F 53 18.91 -30.36 14.34
CA GLU F 53 18.76 -30.94 15.68
C GLU F 53 19.96 -31.75 16.15
N GLU F 54 20.57 -32.52 15.25
CA GLU F 54 21.73 -33.32 15.59
C GLU F 54 22.93 -32.43 15.90
N ASN F 55 23.06 -31.32 15.19
CA ASN F 55 24.17 -30.40 15.43
C ASN F 55 23.97 -29.54 16.67
N GLY F 56 22.90 -29.85 17.41
CA GLY F 56 22.58 -29.14 18.63
C GLY F 56 21.92 -27.78 18.59
N TYR F 57 21.41 -27.36 17.43
CA TYR F 57 20.73 -26.05 17.32
C TYR F 57 19.36 -26.09 17.97
N GLN F 58 19.09 -25.09 18.80
CA GLN F 58 17.83 -24.98 19.50
C GLN F 58 16.99 -23.82 18.95
N VAL F 59 17.63 -22.96 18.17
CA VAL F 59 16.96 -21.83 17.53
C VAL F 59 17.72 -21.52 16.25
N ILE F 60 16.99 -21.19 15.20
CA ILE F 60 17.58 -20.83 13.91
C ILE F 60 17.10 -19.43 13.49
N ILE F 61 18.04 -18.56 13.13
CA ILE F 61 17.71 -17.21 12.68
C ILE F 61 18.03 -17.13 11.19
N ALA F 62 17.00 -16.94 10.39
CA ALA F 62 17.18 -16.85 8.95
C ALA F 62 16.75 -15.50 8.40
N GLY F 63 17.61 -14.89 7.59
CA GLY F 63 17.29 -13.60 7.01
C GLY F 63 17.34 -13.67 5.50
N ALA F 64 16.43 -12.94 4.84
CA ALA F 64 16.40 -12.90 3.38
C ALA F 64 15.58 -11.73 2.88
N GLY F 65 15.78 -11.37 1.61
CA GLY F 65 15.05 -10.25 1.03
C GLY F 65 14.35 -10.57 -0.28
N GLY F 66 13.36 -9.76 -0.63
CA GLY F 66 12.59 -9.95 -1.85
C GLY F 66 11.63 -11.09 -1.61
N ALA F 67 11.72 -12.13 -2.44
CA ALA F 67 10.88 -13.32 -2.30
C ALA F 67 11.69 -14.15 -1.31
N ALA F 68 11.55 -13.81 -0.03
CA ALA F 68 12.26 -14.47 1.06
C ALA F 68 11.67 -15.82 1.44
N HIS F 69 12.16 -16.87 0.74
CA HIS F 69 11.71 -18.24 0.96
C HIS F 69 12.56 -19.01 1.96
N LEU F 70 13.74 -18.50 2.27
CA LEU F 70 14.66 -19.17 3.19
C LEU F 70 14.10 -19.58 4.54
N PRO F 71 13.62 -18.62 5.36
CA PRO F 71 13.07 -18.97 6.67
C PRO F 71 11.96 -20.02 6.64
N GLY F 72 10.98 -19.81 5.76
CA GLY F 72 9.86 -20.72 5.64
C GLY F 72 10.17 -22.13 5.17
N MSE F 73 11.17 -22.28 4.31
CA MSE F 73 11.54 -23.60 3.80
C MSE F 73 12.37 -24.39 4.82
O MSE F 73 12.39 -25.62 4.80
CB MSE F 73 12.25 -23.51 2.44
CG MSE F 73 11.35 -23.09 1.26
SE MSE F 73 9.81 -24.14 1.06
CE MSE F 73 10.64 -25.74 0.65
N ILE F 74 13.07 -23.67 5.70
CA ILE F 74 13.85 -24.31 6.74
C ILE F 74 12.87 -24.86 7.76
N ALA F 75 11.88 -24.05 8.13
CA ALA F 75 10.87 -24.44 9.11
C ALA F 75 10.07 -25.66 8.69
N ALA F 76 9.96 -25.89 7.38
CA ALA F 76 9.23 -27.01 6.84
C ALA F 76 9.99 -28.34 6.97
N LYS F 77 11.32 -28.25 7.12
CA LYS F 77 12.17 -29.44 7.24
C LYS F 77 12.72 -29.72 8.64
N THR F 78 12.30 -28.96 9.65
CA THR F 78 12.79 -29.15 11.01
C THR F 78 11.77 -28.66 12.04
N LEU F 79 11.89 -29.17 13.27
CA LEU F 79 11.02 -28.76 14.36
C LEU F 79 11.73 -27.74 15.24
N VAL F 80 12.94 -27.38 14.86
CA VAL F 80 13.73 -26.39 15.60
C VAL F 80 13.10 -25.04 15.28
N PRO F 81 12.76 -24.24 16.32
CA PRO F 81 12.16 -22.93 16.14
C PRO F 81 12.96 -22.03 15.18
N VAL F 82 12.25 -21.44 14.21
CA VAL F 82 12.87 -20.57 13.22
C VAL F 82 12.39 -19.13 13.36
N LEU F 83 13.34 -18.19 13.38
CA LEU F 83 13.03 -16.77 13.46
C LEU F 83 13.45 -16.12 12.15
N GLY F 84 12.54 -15.37 11.53
CA GLY F 84 12.86 -14.73 10.27
C GLY F 84 13.08 -13.23 10.32
N VAL F 85 14.06 -12.76 9.57
CA VAL F 85 14.39 -11.35 9.51
C VAL F 85 14.29 -10.86 8.08
N PRO F 86 13.34 -9.95 7.79
CA PRO F 86 13.14 -9.41 6.45
C PRO F 86 14.24 -8.39 6.13
N VAL F 87 15.06 -8.69 5.12
CA VAL F 87 16.10 -7.76 4.71
C VAL F 87 15.44 -6.73 3.80
N GLN F 88 15.78 -5.46 4.00
CA GLN F 88 15.20 -4.38 3.22
C GLN F 88 15.61 -4.43 1.75
N SER F 89 14.61 -4.63 0.89
CA SER F 89 14.83 -4.69 -0.54
C SER F 89 14.84 -3.29 -1.14
N ALA F 90 15.41 -3.16 -2.33
CA ALA F 90 15.49 -1.87 -3.01
C ALA F 90 14.16 -1.27 -3.46
N ALA F 91 13.47 -1.99 -4.34
CA ALA F 91 12.20 -1.51 -4.88
C ALA F 91 11.06 -1.37 -3.90
N LEU F 92 10.75 -2.44 -3.18
CA LEU F 92 9.63 -2.42 -2.24
C LEU F 92 9.92 -2.10 -0.77
N SER F 93 11.16 -1.69 -0.48
CA SER F 93 11.60 -1.32 0.86
C SER F 93 11.39 -2.38 1.93
N GLY F 94 11.43 -3.65 1.55
CA GLY F 94 11.24 -4.71 2.52
C GLY F 94 9.81 -5.18 2.74
N VAL F 95 8.83 -4.56 2.09
CA VAL F 95 7.44 -4.97 2.24
C VAL F 95 7.23 -6.37 1.64
N ASP F 96 7.94 -6.64 0.56
CA ASP F 96 7.88 -7.96 -0.08
C ASP F 96 8.57 -8.99 0.79
N SER F 97 9.65 -8.59 1.45
CA SER F 97 10.40 -9.47 2.34
C SER F 97 9.54 -9.85 3.53
N LEU F 98 8.87 -8.86 4.10
CA LEU F 98 7.99 -9.07 5.25
C LEU F 98 6.85 -10.03 4.94
N TYR F 99 6.12 -9.77 3.86
CA TYR F 99 5.01 -10.60 3.43
C TYR F 99 5.42 -12.03 3.13
N SER F 100 6.62 -12.20 2.59
CA SER F 100 7.13 -13.53 2.25
C SER F 100 7.46 -14.37 3.45
N ILE F 101 7.86 -13.72 4.55
CA ILE F 101 8.24 -14.45 5.74
C ILE F 101 7.12 -14.60 6.75
N VAL F 102 6.34 -13.55 6.95
CA VAL F 102 5.28 -13.58 7.94
C VAL F 102 3.99 -14.30 7.62
N GLN F 103 3.59 -14.33 6.36
CA GLN F 103 2.33 -14.97 5.97
C GLN F 103 2.33 -16.47 5.76
N MSE F 104 3.05 -17.19 6.61
CA MSE F 104 3.13 -18.65 6.51
C MSE F 104 1.76 -19.26 6.81
O MSE F 104 0.98 -18.73 7.59
CB MSE F 104 4.17 -19.20 7.51
CG MSE F 104 5.63 -18.87 7.14
SE MSE F 104 6.10 -19.58 5.47
CE MSE F 104 6.38 -21.28 6.13
N PRO F 105 1.43 -20.39 6.14
CA PRO F 105 0.14 -21.06 6.36
C PRO F 105 0.16 -21.87 7.64
N ARG F 106 -1.03 -22.26 8.10
CA ARG F 106 -1.18 -23.06 9.32
C ARG F 106 -0.39 -24.37 9.22
N GLY F 107 0.43 -24.62 10.24
CA GLY F 107 1.23 -25.84 10.27
C GLY F 107 2.72 -25.62 10.37
N ILE F 108 3.22 -24.61 9.66
CA ILE F 108 4.65 -24.30 9.64
C ILE F 108 4.88 -22.83 10.02
N PRO F 109 5.24 -22.59 11.30
CA PRO F 109 5.48 -21.26 11.85
C PRO F 109 6.90 -20.66 11.74
N VAL F 110 6.97 -19.36 11.56
CA VAL F 110 8.23 -18.62 11.49
C VAL F 110 8.03 -17.32 12.27
N GLY F 111 8.72 -17.17 13.39
CA GLY F 111 8.62 -15.96 14.19
C GLY F 111 9.32 -14.83 13.49
N THR F 112 8.55 -13.83 13.06
CA THR F 112 9.10 -12.70 12.31
C THR F 112 9.42 -11.46 13.13
N LEU F 113 10.55 -10.85 12.81
CA LEU F 113 11.00 -9.63 13.48
C LEU F 113 10.95 -8.46 12.51
N ALA F 114 11.31 -7.27 12.97
CA ALA F 114 11.30 -6.04 12.16
C ALA F 114 12.10 -6.10 10.87
N ILE F 115 11.82 -5.16 9.97
CA ILE F 115 12.54 -5.08 8.70
C ILE F 115 13.86 -4.38 8.97
N GLY F 116 14.96 -4.96 8.50
CA GLY F 116 16.25 -4.32 8.68
C GLY F 116 17.08 -4.73 9.88
N LYS F 117 18.13 -3.95 10.11
CA LYS F 117 19.07 -4.17 11.20
C LYS F 117 18.45 -4.24 12.60
N ALA F 118 17.31 -3.59 12.79
CA ALA F 118 16.66 -3.61 14.08
C ALA F 118 16.05 -4.99 14.33
N GLY F 119 15.61 -5.63 13.25
CA GLY F 119 15.01 -6.94 13.34
C GLY F 119 16.05 -8.02 13.53
N ALA F 120 17.23 -7.82 12.94
CA ALA F 120 18.33 -8.77 13.07
C ALA F 120 18.79 -8.80 14.53
N ALA F 121 18.93 -7.62 15.13
CA ALA F 121 19.34 -7.51 16.51
C ALA F 121 18.29 -8.17 17.38
N ASN F 122 17.02 -7.84 17.15
CA ASN F 122 15.93 -8.41 17.92
C ASN F 122 15.77 -9.92 17.81
N ALA F 123 16.05 -10.47 16.64
CA ALA F 123 15.95 -11.91 16.44
C ALA F 123 16.97 -12.56 17.37
N ALA F 124 18.14 -11.93 17.49
CA ALA F 124 19.19 -12.44 18.35
C ALA F 124 18.77 -12.35 19.81
N LEU F 125 18.13 -11.24 20.19
CA LEU F 125 17.67 -11.07 21.56
C LEU F 125 16.55 -12.03 21.90
N LEU F 126 15.68 -12.32 20.93
CA LEU F 126 14.58 -13.24 21.15
C LEU F 126 15.12 -14.66 21.34
N ALA F 127 16.08 -15.05 20.51
CA ALA F 127 16.68 -16.36 20.60
C ALA F 127 17.40 -16.49 21.94
N ALA F 128 17.98 -15.39 22.41
CA ALA F 128 18.70 -15.39 23.67
C ALA F 128 17.72 -15.55 24.81
N GLN F 129 16.56 -14.90 24.69
CA GLN F 129 15.54 -14.99 25.73
C GLN F 129 14.96 -16.40 25.79
N ILE F 130 15.02 -17.11 24.67
CA ILE F 130 14.52 -18.48 24.59
C ILE F 130 15.51 -19.41 25.30
N LEU F 131 16.80 -19.20 25.05
CA LEU F 131 17.84 -20.00 25.67
C LEU F 131 17.91 -19.71 27.17
N ALA F 132 17.71 -18.43 27.52
CA ALA F 132 17.77 -18.00 28.92
C ALA F 132 16.73 -18.62 29.84
N THR F 133 15.77 -19.33 29.27
CA THR F 133 14.73 -19.96 30.08
C THR F 133 15.35 -21.14 30.84
N HIS F 134 16.41 -21.70 30.27
CA HIS F 134 17.14 -22.82 30.86
C HIS F 134 18.63 -22.53 31.01
N ASP F 135 18.99 -21.27 31.25
CA ASP F 135 20.38 -20.84 31.41
C ASP F 135 20.37 -19.63 32.33
N LYS F 136 20.49 -19.88 33.63
CA LYS F 136 20.45 -18.83 34.63
C LYS F 136 21.51 -17.76 34.46
N GLU F 137 22.65 -18.14 33.88
CA GLU F 137 23.74 -17.17 33.67
C GLU F 137 23.43 -16.21 32.51
N LEU F 138 22.92 -16.77 31.41
CA LEU F 138 22.56 -15.98 30.26
C LEU F 138 21.41 -15.08 30.66
N HIS F 139 20.47 -15.63 31.42
CA HIS F 139 19.32 -14.88 31.90
C HIS F 139 19.77 -13.65 32.68
N GLN F 140 20.84 -13.81 33.45
CA GLN F 140 21.41 -12.71 34.24
C GLN F 140 22.09 -11.67 33.35
N ARG F 141 22.82 -12.14 32.34
CA ARG F 141 23.50 -11.23 31.42
C ARG F 141 22.49 -10.43 30.59
N LEU F 142 21.38 -11.06 30.23
CA LEU F 142 20.30 -10.41 29.47
C LEU F 142 19.69 -9.32 30.33
N ASN F 143 19.55 -9.64 31.61
CA ASN F 143 18.98 -8.74 32.60
C ASN F 143 19.83 -7.48 32.75
N ASP F 144 21.15 -7.66 32.81
CA ASP F 144 22.09 -6.54 32.96
C ASP F 144 22.10 -5.67 31.73
N TRP F 145 22.05 -6.30 30.56
CA TRP F 145 22.05 -5.60 29.28
C TRP F 145 20.80 -4.73 29.16
N ARG F 146 19.66 -5.29 29.53
CA ARG F 146 18.40 -4.56 29.47
C ARG F 146 18.39 -3.39 30.46
N LYS F 147 19.01 -3.56 31.62
CA LYS F 147 19.10 -2.47 32.61
C LYS F 147 20.03 -1.37 32.14
N ALA F 148 21.05 -1.74 31.37
CA ALA F 148 22.01 -0.77 30.85
C ALA F 148 21.35 0.14 29.81
N GLN F 149 20.45 -0.43 29.00
CA GLN F 149 19.74 0.34 27.97
C GLN F 149 18.78 1.32 28.62
N THR F 150 18.08 0.85 29.64
CA THR F 150 17.10 1.65 30.39
C THR F 150 17.80 2.79 31.10
N ASP F 151 18.87 2.48 31.83
CA ASP F 151 19.59 3.49 32.57
C ASP F 151 20.16 4.56 31.66
N GLU F 152 20.62 4.17 30.48
CA GLU F 152 21.19 5.16 29.55
C GLU F 152 20.15 6.20 29.13
N VAL F 153 18.90 5.77 29.05
CA VAL F 153 17.80 6.65 28.67
C VAL F 153 17.38 7.49 29.87
N LEU F 154 17.44 6.91 31.07
CA LEU F 154 17.07 7.61 32.29
C LEU F 154 18.05 8.71 32.72
N GLU F 155 19.34 8.51 32.43
CA GLU F 155 20.35 9.49 32.81
C GLU F 155 20.60 10.54 31.74
N ASN F 156 19.74 10.58 30.73
CA ASN F 156 19.83 11.57 29.65
C ASN F 156 18.43 11.95 29.20
N PRO F 157 17.62 12.52 30.12
CA PRO F 157 16.25 12.94 29.84
C PRO F 157 16.05 14.12 28.91
N ASP F 158 17.01 15.06 28.89
CA ASP F 158 16.89 16.24 28.02
C ASP F 158 17.69 16.06 26.75
N PRO F 159 17.02 16.06 25.59
CA PRO F 159 17.64 15.89 24.26
C PRO F 159 18.29 17.16 23.72
N ARG F 160 17.96 18.30 24.33
CA ARG F 160 18.50 19.59 23.93
C ARG F 160 20.00 19.72 24.30
N GLY F 161 20.75 20.42 23.44
CA GLY F 161 22.17 20.61 23.65
C GLY F 161 22.58 20.96 25.07
N GLY G 1 4.42 28.84 34.12
CA GLY G 1 3.93 27.44 34.44
C GLY G 1 3.66 26.67 33.16
N ALA G 2 4.52 25.70 32.85
CA ALA G 2 4.40 24.87 31.65
C ALA G 2 3.09 24.09 31.55
N ARG G 3 2.26 24.42 30.58
CA ARG G 3 0.98 23.75 30.41
C ARG G 3 0.96 22.63 29.35
N VAL G 4 2.05 22.47 28.61
CA VAL G 4 2.13 21.43 27.59
C VAL G 4 3.47 20.70 27.67
N ALA G 5 3.44 19.38 27.53
CA ALA G 5 4.66 18.56 27.59
C ALA G 5 4.95 17.90 26.26
N ILE G 6 6.20 17.95 25.83
CA ILE G 6 6.64 17.34 24.59
C ILE G 6 7.52 16.16 24.99
N VAL G 7 7.07 14.95 24.69
CA VAL G 7 7.83 13.74 25.00
C VAL G 7 8.11 12.95 23.74
N MSE G 8 9.14 12.11 23.78
CA MSE G 8 9.53 11.30 22.64
C MSE G 8 10.21 10.01 23.10
O MSE G 8 10.69 9.93 24.24
CB MSE G 8 10.49 12.09 21.75
CG MSE G 8 11.84 12.40 22.40
SE MSE G 8 12.56 13.94 21.65
CE MSE G 8 11.53 15.13 22.64
N GLY G 9 10.26 9.03 22.21
CA GLY G 9 10.86 7.74 22.53
C GLY G 9 12.37 7.65 22.54
N SER G 10 13.05 8.46 21.73
CA SER G 10 14.52 8.46 21.64
C SER G 10 15.02 9.87 21.53
N LYS G 11 16.31 10.07 21.78
CA LYS G 11 16.86 11.40 21.62
C LYS G 11 17.04 11.63 20.11
N SER G 12 16.93 10.55 19.34
CA SER G 12 17.06 10.64 17.89
C SER G 12 15.80 11.23 17.24
N ASP G 13 14.72 11.29 18.00
CA ASP G 13 13.45 11.84 17.53
C ASP G 13 13.42 13.35 17.62
N TRP G 14 14.43 13.91 18.29
CA TRP G 14 14.54 15.34 18.45
C TRP G 14 14.70 16.04 17.10
N ALA G 15 15.23 15.33 16.11
CA ALA G 15 15.38 15.89 14.77
C ALA G 15 14.04 16.39 14.30
N THR G 16 13.02 15.61 14.63
CA THR G 16 11.64 15.91 14.28
C THR G 16 10.91 16.72 15.34
N MSE G 17 10.96 16.27 16.58
CA MSE G 17 10.26 16.96 17.66
C MSE G 17 10.71 18.37 17.96
O MSE G 17 9.97 19.13 18.56
CB MSE G 17 10.23 16.10 18.93
CG MSE G 17 9.64 14.67 18.76
SE MSE G 17 7.97 14.70 17.90
CE MSE G 17 7.01 15.43 19.29
N GLN G 18 11.91 18.75 17.51
CA GLN G 18 12.43 20.09 17.75
C GLN G 18 11.58 21.13 17.03
N PHE G 19 10.78 20.65 16.07
CA PHE G 19 9.91 21.52 15.31
C PHE G 19 8.65 21.89 16.07
N ALA G 20 8.35 21.11 17.09
CA ALA G 20 7.20 21.38 17.94
C ALA G 20 7.66 22.47 18.90
N ALA G 21 8.81 22.25 19.52
CA ALA G 21 9.40 23.20 20.46
C ALA G 21 9.63 24.57 19.82
N GLU G 22 9.97 24.59 18.54
CA GLU G 22 10.22 25.83 17.82
C GLU G 22 8.97 26.75 17.77
N ILE G 23 7.81 26.14 17.54
CA ILE G 23 6.56 26.87 17.48
C ILE G 23 6.28 27.51 18.85
N PHE G 24 6.55 26.76 19.90
CA PHE G 24 6.32 27.24 21.26
C PHE G 24 7.22 28.40 21.64
N GLU G 25 8.42 28.45 21.07
CA GLU G 25 9.34 29.54 21.35
C GLU G 25 8.86 30.81 20.63
N ILE G 26 8.39 30.65 19.39
CA ILE G 26 7.87 31.75 18.59
C ILE G 26 6.61 32.35 19.25
N LEU G 27 5.70 31.48 19.65
CA LEU G 27 4.45 31.88 20.29
C LEU G 27 4.61 32.16 21.77
N ASN G 28 5.81 31.96 22.29
CA ASN G 28 6.10 32.19 23.71
C ASN G 28 5.15 31.39 24.61
N VAL G 29 5.23 30.06 24.50
CA VAL G 29 4.41 29.15 25.29
C VAL G 29 5.38 28.30 26.09
N PRO G 30 5.27 28.32 27.44
CA PRO G 30 6.17 27.53 28.29
C PRO G 30 5.90 26.03 28.11
N HIS G 31 6.97 25.25 28.05
CA HIS G 31 6.80 23.82 27.84
C HIS G 31 7.93 23.00 28.46
N HIS G 32 7.65 21.72 28.68
CA HIS G 32 8.62 20.78 29.23
C HIS G 32 8.99 19.78 28.12
N VAL G 33 10.26 19.45 28.01
CA VAL G 33 10.71 18.50 27.01
C VAL G 33 11.36 17.33 27.71
N GLU G 34 11.04 16.11 27.28
CA GLU G 34 11.60 14.93 27.91
C GLU G 34 11.57 13.65 27.07
N VAL G 35 12.56 12.80 27.29
CA VAL G 35 12.66 11.53 26.60
C VAL G 35 12.07 10.43 27.48
N VAL G 36 10.94 9.87 27.03
CA VAL G 36 10.26 8.80 27.75
C VAL G 36 10.08 7.66 26.76
N SER G 37 10.70 6.51 27.00
CA SER G 37 10.58 5.39 26.09
C SER G 37 9.56 4.39 26.57
N ALA G 38 8.62 4.04 25.71
CA ALA G 38 7.59 3.07 26.08
C ALA G 38 8.18 1.67 26.26
N HIS G 39 9.22 1.36 25.50
CA HIS G 39 9.81 0.03 25.58
C HIS G 39 11.07 -0.07 26.44
N ARG G 40 11.90 0.96 26.42
CA ARG G 40 13.13 0.95 27.22
C ARG G 40 12.92 1.48 28.66
N THR G 41 11.92 2.32 28.86
CA THR G 41 11.61 2.88 30.19
C THR G 41 10.09 2.89 30.42
N PRO G 42 9.46 1.70 30.40
CA PRO G 42 8.01 1.54 30.60
C PRO G 42 7.48 2.06 31.94
N ASP G 43 8.25 1.88 32.99
CA ASP G 43 7.84 2.34 34.31
C ASP G 43 7.86 3.86 34.44
N LYS G 44 8.74 4.51 33.67
CA LYS G 44 8.81 5.96 33.69
C LYS G 44 7.62 6.52 32.92
N LEU G 45 7.15 5.76 31.93
CA LEU G 45 5.98 6.16 31.13
C LEU G 45 4.79 6.25 32.05
N PHE G 46 4.60 5.21 32.85
CA PHE G 46 3.49 5.18 33.80
C PHE G 46 3.55 6.32 34.82
N SER G 47 4.70 6.48 35.48
CA SER G 47 4.87 7.55 36.47
C SER G 47 4.62 8.92 35.82
N PHE G 48 5.12 9.11 34.61
CA PHE G 48 4.93 10.36 33.90
C PHE G 48 3.46 10.62 33.63
N ALA G 49 2.80 9.64 33.03
CA ALA G 49 1.38 9.75 32.70
C ALA G 49 0.52 10.01 33.94
N GLU G 50 0.70 9.18 34.98
CA GLU G 50 -0.04 9.30 36.24
C GLU G 50 0.07 10.67 36.90
N SER G 51 1.21 11.33 36.77
CA SER G 51 1.42 12.64 37.40
C SER G 51 1.34 13.84 36.46
N ALA G 52 0.86 13.63 35.25
CA ALA G 52 0.76 14.72 34.29
C ALA G 52 -0.19 15.82 34.78
N GLU G 53 -1.37 15.43 35.27
CA GLU G 53 -2.36 16.40 35.74
C GLU G 53 -1.87 17.23 36.92
N GLU G 54 -1.18 16.59 37.86
CA GLU G 54 -0.67 17.29 39.02
C GLU G 54 0.42 18.29 38.63
N ASN G 55 1.24 17.94 37.64
CA ASN G 55 2.30 18.84 37.19
C ASN G 55 1.76 19.96 36.32
N GLY G 56 0.43 20.04 36.21
CA GLY G 56 -0.20 21.10 35.45
C GLY G 56 -0.30 21.00 33.94
N TYR G 57 0.02 19.84 33.37
CA TYR G 57 -0.06 19.66 31.91
C TYR G 57 -1.51 19.57 31.45
N GLN G 58 -1.84 20.36 30.44
CA GLN G 58 -3.18 20.38 29.87
C GLN G 58 -3.22 19.71 28.51
N VAL G 59 -2.04 19.50 27.92
CA VAL G 59 -1.91 18.84 26.62
C VAL G 59 -0.56 18.17 26.60
N ILE G 60 -0.51 16.98 26.00
CA ILE G 60 0.73 16.22 25.88
C ILE G 60 0.97 15.88 24.41
N ILE G 61 2.19 16.15 23.94
CA ILE G 61 2.58 15.88 22.57
C ILE G 61 3.62 14.75 22.61
N ALA G 62 3.27 13.61 22.05
CA ALA G 62 4.17 12.47 22.04
C ALA G 62 4.51 12.06 20.61
N GLY G 63 5.80 11.88 20.35
CA GLY G 63 6.24 11.46 19.04
C GLY G 63 7.03 10.18 19.11
N ALA G 64 6.89 9.31 18.11
CA ALA G 64 7.60 8.04 18.08
C ALA G 64 7.54 7.41 16.68
N GLY G 65 8.47 6.50 16.40
CA GLY G 65 8.52 5.85 15.11
C GLY G 65 8.51 4.34 15.14
N GLY G 66 8.14 3.73 14.01
CA GLY G 66 8.07 2.28 13.92
C GLY G 66 6.82 1.81 14.62
N ALA G 67 6.99 0.94 15.63
CA ALA G 67 5.87 0.46 16.43
C ALA G 67 5.78 1.54 17.49
N ALA G 68 5.08 2.62 17.14
CA ALA G 68 4.91 3.77 18.01
C ALA G 68 3.86 3.58 19.08
N HIS G 69 4.26 3.02 20.20
CA HIS G 69 3.37 2.75 21.32
C HIS G 69 3.30 3.87 22.36
N LEU G 70 4.25 4.79 22.30
CA LEU G 70 4.33 5.89 23.26
C LEU G 70 3.06 6.73 23.44
N PRO G 71 2.56 7.37 22.37
CA PRO G 71 1.34 8.18 22.50
C PRO G 71 0.15 7.43 23.08
N GLY G 72 -0.12 6.25 22.55
CA GLY G 72 -1.25 5.44 23.00
C GLY G 72 -1.21 4.94 24.42
N MSE G 73 -0.02 4.64 24.92
CA MSE G 73 0.11 4.14 26.28
C MSE G 73 0.02 5.27 27.30
O MSE G 73 -0.36 5.05 28.45
CB MSE G 73 1.40 3.31 26.46
CG MSE G 73 1.37 1.95 25.71
SE MSE G 73 -0.11 0.81 26.18
CE MSE G 73 0.34 0.57 27.96
N ILE G 74 0.35 6.49 26.89
CA ILE G 74 0.26 7.63 27.77
C ILE G 74 -1.21 7.96 27.92
N ALA G 75 -1.94 7.93 26.81
CA ALA G 75 -3.37 8.23 26.80
C ALA G 75 -4.18 7.27 27.65
N ALA G 76 -3.66 6.06 27.84
CA ALA G 76 -4.33 5.05 28.63
C ALA G 76 -4.21 5.30 30.14
N LYS G 77 -3.17 6.03 30.54
CA LYS G 77 -2.91 6.32 31.94
C LYS G 77 -3.25 7.75 32.40
N THR G 78 -3.89 8.54 31.55
CA THR G 78 -4.26 9.92 31.90
C THR G 78 -5.44 10.42 31.08
N LEU G 79 -6.12 11.44 31.61
CA LEU G 79 -7.25 12.05 30.91
C LEU G 79 -6.80 13.33 30.22
N VAL G 80 -5.52 13.63 30.33
CA VAL G 80 -4.97 14.82 29.69
C VAL G 80 -4.89 14.50 28.20
N PRO G 81 -5.43 15.39 27.34
CA PRO G 81 -5.42 15.21 25.88
C PRO G 81 -4.02 14.91 25.34
N VAL G 82 -3.90 13.86 24.54
CA VAL G 82 -2.62 13.46 23.94
C VAL G 82 -2.63 13.62 22.43
N LEU G 83 -1.57 14.23 21.90
CA LEU G 83 -1.43 14.43 20.46
C LEU G 83 -0.23 13.63 20.00
N GLY G 84 -0.41 12.80 18.98
CA GLY G 84 0.67 11.98 18.47
C GLY G 84 1.29 12.41 17.17
N VAL G 85 2.61 12.30 17.08
CA VAL G 85 3.35 12.68 15.88
C VAL G 85 4.16 11.46 15.39
N PRO G 86 3.81 10.96 14.19
CA PRO G 86 4.50 9.81 13.60
C PRO G 86 5.86 10.23 13.05
N VAL G 87 6.93 9.68 13.61
CA VAL G 87 8.28 9.99 13.14
C VAL G 87 8.50 9.10 11.94
N GLN G 88 9.11 9.64 10.90
CA GLN G 88 9.36 8.90 9.68
C GLN G 88 10.41 7.82 9.86
N SER G 89 9.98 6.58 9.68
CA SER G 89 10.86 5.43 9.82
C SER G 89 11.61 5.17 8.50
N ALA G 90 12.71 4.44 8.59
CA ALA G 90 13.54 4.14 7.42
C ALA G 90 12.88 3.23 6.39
N ALA G 91 12.54 2.02 6.79
CA ALA G 91 11.94 1.05 5.88
C ALA G 91 10.56 1.39 5.35
N LEU G 92 9.62 1.67 6.24
CA LEU G 92 8.24 1.95 5.84
C LEU G 92 7.83 3.41 5.65
N SER G 93 8.80 4.32 5.69
CA SER G 93 8.58 5.76 5.51
C SER G 93 7.53 6.38 6.42
N GLY G 94 7.36 5.84 7.62
CA GLY G 94 6.39 6.39 8.54
C GLY G 94 4.99 5.82 8.46
N VAL G 95 4.73 4.93 7.51
CA VAL G 95 3.40 4.32 7.40
C VAL G 95 3.11 3.45 8.64
N ASP G 96 4.14 2.79 9.14
CA ASP G 96 4.01 1.97 10.33
C ASP G 96 3.78 2.85 11.58
N SER G 97 4.46 4.00 11.61
CA SER G 97 4.34 4.96 12.70
C SER G 97 2.92 5.49 12.75
N LEU G 98 2.39 5.89 11.60
CA LEU G 98 1.04 6.42 11.48
C LEU G 98 0.00 5.41 11.93
N TYR G 99 0.07 4.19 11.40
CA TYR G 99 -0.88 3.14 11.77
C TYR G 99 -0.87 2.82 13.25
N SER G 100 0.32 2.86 13.86
CA SER G 100 0.48 2.58 15.28
C SER G 100 -0.09 3.64 16.20
N ILE G 101 -0.15 4.87 15.71
CA ILE G 101 -0.66 5.95 16.54
C ILE G 101 -2.11 6.28 16.28
N VAL G 102 -2.53 6.24 15.03
CA VAL G 102 -3.89 6.62 14.68
C VAL G 102 -4.99 5.59 14.89
N GLN G 103 -4.67 4.32 14.75
CA GLN G 103 -5.68 3.27 14.89
C GLN G 103 -6.04 2.81 16.30
N MSE G 104 -6.12 3.74 17.24
CA MSE G 104 -6.47 3.43 18.63
C MSE G 104 -7.91 2.93 18.70
O MSE G 104 -8.76 3.36 17.92
CB MSE G 104 -6.33 4.67 19.52
CG MSE G 104 -4.89 5.15 19.71
SE MSE G 104 -3.87 3.86 20.56
CE MSE G 104 -4.50 4.13 22.26
N PRO G 105 -8.20 1.99 19.62
CA PRO G 105 -9.55 1.44 19.77
C PRO G 105 -10.45 2.42 20.54
N ARG G 106 -11.76 2.16 20.48
CA ARG G 106 -12.74 3.00 21.17
C ARG G 106 -12.46 3.05 22.65
N GLY G 107 -12.39 4.27 23.20
CA GLY G 107 -12.13 4.43 24.61
C GLY G 107 -10.93 5.26 24.96
N ILE G 108 -9.85 5.09 24.21
CA ILE G 108 -8.59 5.80 24.42
C ILE G 108 -8.14 6.52 23.14
N PRO G 109 -8.41 7.82 23.05
CA PRO G 109 -8.08 8.66 21.90
C PRO G 109 -6.72 9.35 21.88
N VAL G 110 -6.16 9.47 20.69
CA VAL G 110 -4.87 10.14 20.44
C VAL G 110 -5.03 10.96 19.15
N GLY G 111 -4.97 12.28 19.28
CA GLY G 111 -5.09 13.14 18.12
C GLY G 111 -3.83 13.06 17.31
N THR G 112 -3.91 12.51 16.11
CA THR G 112 -2.72 12.34 15.26
C THR G 112 -2.51 13.42 14.22
N LEU G 113 -1.25 13.79 14.03
CA LEU G 113 -0.85 14.81 13.07
C LEU G 113 -0.03 14.16 11.97
N ALA G 114 0.39 14.95 10.98
CA ALA G 114 1.16 14.47 9.83
C ALA G 114 2.43 13.71 10.16
N ILE G 115 2.97 13.01 9.17
CA ILE G 115 4.21 12.27 9.36
C ILE G 115 5.36 13.25 9.18
N GLY G 116 6.29 13.24 10.13
CA GLY G 116 7.45 14.12 10.02
C GLY G 116 7.39 15.46 10.71
N LYS G 117 8.35 16.31 10.35
CA LYS G 117 8.49 17.64 10.91
C LYS G 117 7.28 18.54 10.75
N ALA G 118 6.46 18.29 9.73
CA ALA G 118 5.28 19.10 9.50
C ALA G 118 4.23 18.78 10.56
N GLY G 119 4.21 17.51 10.99
CA GLY G 119 3.28 17.07 12.01
C GLY G 119 3.70 17.55 13.37
N ALA G 120 5.01 17.60 13.63
CA ALA G 120 5.53 18.06 14.92
C ALA G 120 5.16 19.52 15.12
N ALA G 121 5.32 20.32 14.07
CA ALA G 121 4.99 21.72 14.13
C ALA G 121 3.49 21.87 14.36
N ASN G 122 2.69 21.14 13.59
CA ASN G 122 1.23 21.19 13.73
C ASN G 122 0.70 20.73 15.08
N ALA G 123 1.35 19.75 15.70
CA ALA G 123 0.93 19.26 17.01
C ALA G 123 1.07 20.42 17.98
N ALA G 124 2.16 21.18 17.83
CA ALA G 124 2.41 22.34 18.67
C ALA G 124 1.35 23.42 18.45
N LEU G 125 0.99 23.65 17.19
CA LEU G 125 -0.01 24.64 16.86
C LEU G 125 -1.39 24.24 17.35
N LEU G 126 -1.67 22.94 17.29
CA LEU G 126 -2.96 22.44 17.74
C LEU G 126 -3.06 22.60 19.26
N ALA G 127 -1.99 22.27 19.96
CA ALA G 127 -1.97 22.40 21.42
C ALA G 127 -2.10 23.86 21.81
N ALA G 128 -1.53 24.75 21.01
CA ALA G 128 -1.59 26.18 21.25
C ALA G 128 -3.02 26.68 21.03
N GLN G 129 -3.69 26.13 20.03
CA GLN G 129 -5.07 26.51 19.75
C GLN G 129 -6.01 26.03 20.83
N ILE G 130 -5.62 24.97 21.54
CA ILE G 130 -6.40 24.41 22.63
C ILE G 130 -6.24 25.30 23.88
N LEU G 131 -5.01 25.75 24.13
CA LEU G 131 -4.74 26.62 25.25
C LEU G 131 -5.36 27.99 25.00
N ALA G 132 -5.28 28.45 23.75
CA ALA G 132 -5.80 29.76 23.36
C ALA G 132 -7.31 29.95 23.56
N THR G 133 -8.02 28.87 23.88
CA THR G 133 -9.45 28.97 24.09
C THR G 133 -9.70 29.70 25.41
N HIS G 134 -8.72 29.60 26.31
CA HIS G 134 -8.79 30.24 27.63
C HIS G 134 -7.57 31.12 27.91
N ASP G 135 -7.03 31.74 26.86
CA ASP G 135 -5.85 32.60 26.97
C ASP G 135 -5.95 33.62 25.83
N LYS G 136 -6.60 34.76 26.09
CA LYS G 136 -6.81 35.80 25.09
C LYS G 136 -5.52 36.36 24.48
N GLU G 137 -4.44 36.33 25.24
CA GLU G 137 -3.16 36.83 24.74
C GLU G 137 -2.55 35.87 23.74
N LEU G 138 -2.57 34.57 24.07
CA LEU G 138 -2.01 33.54 23.20
C LEU G 138 -2.86 33.49 21.96
N HIS G 139 -4.17 33.65 22.14
CA HIS G 139 -5.10 33.64 21.01
C HIS G 139 -4.75 34.77 20.04
N GLN G 140 -4.30 35.90 20.59
CA GLN G 140 -3.92 37.05 19.77
C GLN G 140 -2.61 36.79 19.04
N ARG G 141 -1.65 36.18 19.72
CA ARG G 141 -0.34 35.86 19.12
C ARG G 141 -0.46 34.82 18.00
N LEU G 142 -1.40 33.87 18.17
CA LEU G 142 -1.68 32.83 17.19
C LEU G 142 -2.27 33.50 15.96
N ASN G 143 -3.14 34.46 16.21
CA ASN G 143 -3.81 35.23 15.17
C ASN G 143 -2.81 36.01 14.31
N ASP G 144 -1.83 36.65 14.95
CA ASP G 144 -0.80 37.41 14.25
C ASP G 144 0.10 36.51 13.42
N TRP G 145 0.48 35.37 14.01
CA TRP G 145 1.33 34.41 13.33
C TRP G 145 0.66 33.88 12.07
N ARG G 146 -0.64 33.56 12.18
CA ARG G 146 -1.38 33.03 11.05
C ARG G 146 -1.50 34.10 9.96
N LYS G 147 -1.65 35.37 10.36
CA LYS G 147 -1.75 36.46 9.38
C LYS G 147 -0.43 36.67 8.68
N ALA G 148 0.66 36.44 9.39
CA ALA G 148 2.00 36.62 8.82
C ALA G 148 2.26 35.58 7.73
N GLN G 149 1.77 34.36 7.94
CA GLN G 149 1.96 33.28 6.98
C GLN G 149 1.18 33.57 5.71
N THR G 150 -0.06 34.02 5.89
CA THR G 150 -0.97 34.36 4.80
C THR G 150 -0.43 35.51 3.99
N ASP G 151 -0.01 36.57 4.67
CA ASP G 151 0.52 37.75 4.00
C ASP G 151 1.79 37.47 3.20
N GLU G 152 2.64 36.59 3.71
CA GLU G 152 3.87 36.23 3.00
C GLU G 152 3.57 35.58 1.66
N VAL G 153 2.47 34.83 1.59
CA VAL G 153 2.05 34.16 0.38
C VAL G 153 1.36 35.15 -0.55
N LEU G 154 0.62 36.09 0.02
CA LEU G 154 -0.10 37.10 -0.76
C LEU G 154 0.81 38.14 -1.43
N GLU G 155 1.92 38.47 -0.78
CA GLU G 155 2.84 39.45 -1.34
C GLU G 155 3.92 38.84 -2.24
N ASN G 156 3.74 37.56 -2.59
CA ASN G 156 4.68 36.85 -3.45
C ASN G 156 3.91 35.87 -4.32
N PRO G 157 2.99 36.39 -5.15
CA PRO G 157 2.16 35.58 -6.03
C PRO G 157 2.84 34.90 -7.21
N ASP G 158 3.90 35.51 -7.75
CA ASP G 158 4.60 34.92 -8.89
C ASP G 158 5.83 34.17 -8.42
N PRO G 159 5.88 32.84 -8.68
CA PRO G 159 7.00 31.97 -8.29
C PRO G 159 8.19 32.03 -9.24
N ARG G 160 7.99 32.62 -10.41
CA ARG G 160 9.03 32.76 -11.42
C ARG G 160 10.07 33.79 -10.99
N GLY G 161 11.32 33.55 -11.38
CA GLY G 161 12.43 34.45 -11.04
C GLY G 161 12.14 35.94 -11.23
N GLY H 1 20.31 -16.84 -36.36
CA GLY H 1 18.86 -16.39 -36.48
C GLY H 1 18.29 -16.03 -35.12
N ALA H 2 18.10 -14.73 -34.86
CA ALA H 2 17.57 -14.23 -33.59
C ALA H 2 16.18 -14.75 -33.27
N ARG H 3 16.06 -15.53 -32.20
CA ARG H 3 14.80 -16.13 -31.79
C ARG H 3 14.06 -15.39 -30.65
N VAL H 4 14.70 -14.38 -30.08
CA VAL H 4 14.09 -13.59 -29.01
C VAL H 4 14.30 -12.09 -29.24
N ALA H 5 13.28 -11.29 -28.98
CA ALA H 5 13.37 -9.85 -29.16
C ALA H 5 13.22 -9.12 -27.82
N ILE H 6 14.10 -8.15 -27.60
CA ILE H 6 14.06 -7.35 -26.39
C ILE H 6 13.61 -5.95 -26.82
N VAL H 7 12.42 -5.53 -26.37
CA VAL H 7 11.92 -4.21 -26.71
C VAL H 7 11.65 -3.41 -25.44
N MSE H 8 11.63 -2.09 -25.57
CA MSE H 8 11.39 -1.21 -24.45
C MSE H 8 10.72 0.08 -24.91
O MSE H 8 10.79 0.44 -26.08
CB MSE H 8 12.71 -0.89 -23.76
CG MSE H 8 13.65 -0.10 -24.63
SE MSE H 8 15.40 -0.46 -24.17
CE MSE H 8 15.54 -2.08 -25.01
N GLY H 9 10.11 0.80 -23.96
CA GLY H 9 9.43 2.04 -24.27
C GLY H 9 10.27 3.28 -24.50
N SER H 10 11.42 3.38 -23.84
CA SER H 10 12.32 4.53 -23.97
C SER H 10 13.75 4.04 -24.01
N LYS H 11 14.66 4.89 -24.45
CA LYS H 11 16.06 4.52 -24.45
C LYS H 11 16.56 4.61 -23.01
N SER H 12 15.76 5.25 -22.15
CA SER H 12 16.10 5.40 -20.73
C SER H 12 15.87 4.10 -19.96
N ASP H 13 15.16 3.15 -20.58
CA ASP H 13 14.88 1.85 -19.96
C ASP H 13 16.04 0.89 -20.17
N TRP H 14 16.99 1.28 -21.00
CA TRP H 14 18.15 0.45 -21.29
C TRP H 14 18.97 0.23 -20.03
N ALA H 15 18.90 1.17 -19.08
CA ALA H 15 19.65 1.04 -17.83
C ALA H 15 19.24 -0.27 -17.16
N THR H 16 17.99 -0.66 -17.35
CA THR H 16 17.44 -1.87 -16.79
C THR H 16 17.48 -3.02 -17.78
N MSE H 17 16.97 -2.80 -18.99
CA MSE H 17 16.92 -3.83 -20.02
C MSE H 17 18.27 -4.37 -20.49
O MSE H 17 18.33 -5.45 -21.06
CB MSE H 17 16.06 -3.38 -21.21
CG MSE H 17 14.61 -2.96 -20.87
SE MSE H 17 13.73 -4.19 -19.75
CE MSE H 17 13.56 -5.52 -21.03
N GLN H 18 19.35 -3.65 -20.20
CA GLN H 18 20.68 -4.09 -20.61
C GLN H 18 21.08 -5.35 -19.87
N PHE H 19 20.37 -5.62 -18.78
CA PHE H 19 20.63 -6.79 -17.97
C PHE H 19 20.02 -8.05 -18.57
N ALA H 20 19.09 -7.86 -19.49
CA ALA H 20 18.47 -8.97 -20.20
C ALA H 20 19.46 -9.35 -21.27
N ALA H 21 19.92 -8.34 -22.01
CA ALA H 21 20.88 -8.54 -23.09
C ALA H 21 22.17 -9.17 -22.61
N GLU H 22 22.58 -8.84 -21.39
CA GLU H 22 23.80 -9.37 -20.80
C GLU H 22 23.76 -10.89 -20.63
N ILE H 23 22.61 -11.41 -20.22
CA ILE H 23 22.42 -12.85 -20.03
C ILE H 23 22.56 -13.57 -21.37
N PHE H 24 22.00 -12.96 -22.42
CA PHE H 24 22.05 -13.52 -23.76
C PHE H 24 23.46 -13.57 -24.34
N GLU H 25 24.30 -12.61 -23.95
CA GLU H 25 25.68 -12.60 -24.43
C GLU H 25 26.47 -13.72 -23.75
N ILE H 26 26.25 -13.90 -22.44
CA ILE H 26 26.90 -14.95 -21.65
C ILE H 26 26.51 -16.33 -22.18
N LEU H 27 25.20 -16.52 -22.37
CA LEU H 27 24.65 -17.77 -22.87
C LEU H 27 24.74 -17.92 -24.38
N ASN H 28 25.26 -16.90 -25.04
CA ASN H 28 25.42 -16.91 -26.50
C ASN H 28 24.09 -17.23 -27.21
N VAL H 29 23.11 -16.36 -27.01
CA VAL H 29 21.79 -16.47 -27.60
C VAL H 29 21.60 -15.22 -28.48
N PRO H 30 21.38 -15.42 -29.79
CA PRO H 30 21.18 -14.28 -30.69
C PRO H 30 19.89 -13.56 -30.35
N HIS H 31 19.93 -12.22 -30.40
CA HIS H 31 18.76 -11.42 -30.07
C HIS H 31 18.71 -10.07 -30.77
N HIS H 32 17.50 -9.52 -30.86
CA HIS H 32 17.27 -8.23 -31.48
C HIS H 32 16.86 -7.26 -30.38
N VAL H 33 17.40 -6.04 -30.40
CA VAL H 33 17.07 -5.05 -29.40
C VAL H 33 16.48 -3.84 -30.12
N GLU H 34 15.39 -3.30 -29.58
CA GLU H 34 14.73 -2.18 -30.20
C GLU H 34 13.86 -1.37 -29.26
N VAL H 35 13.73 -0.08 -29.56
CA VAL H 35 12.90 0.83 -28.79
C VAL H 35 11.57 0.99 -29.50
N VAL H 36 10.50 0.51 -28.88
CA VAL H 36 9.15 0.60 -29.43
C VAL H 36 8.29 1.25 -28.34
N SER H 37 7.75 2.42 -28.60
CA SER H 37 6.91 3.08 -27.60
C SER H 37 5.43 2.88 -27.85
N ALA H 38 4.70 2.39 -26.85
CA ALA H 38 3.28 2.17 -27.00
C ALA H 38 2.51 3.47 -27.17
N HIS H 39 3.00 4.54 -26.54
CA HIS H 39 2.32 5.82 -26.60
C HIS H 39 2.89 6.81 -27.62
N ARG H 40 4.21 6.81 -27.80
CA ARG H 40 4.84 7.72 -28.75
C ARG H 40 4.91 7.14 -30.16
N THR H 41 4.93 5.81 -30.27
CA THR H 41 4.99 5.13 -31.58
C THR H 41 4.04 3.94 -31.60
N PRO H 42 2.73 4.18 -31.42
CA PRO H 42 1.70 3.14 -31.40
C PRO H 42 1.59 2.33 -32.69
N ASP H 43 1.76 2.99 -33.83
CA ASP H 43 1.69 2.29 -35.11
C ASP H 43 2.87 1.35 -35.33
N LYS H 44 4.02 1.69 -34.77
CA LYS H 44 5.21 0.84 -34.90
C LYS H 44 5.02 -0.40 -34.01
N LEU H 45 4.28 -0.24 -32.90
CA LEU H 45 4.00 -1.34 -31.98
C LEU H 45 3.20 -2.39 -32.73
N PHE H 46 2.18 -1.94 -33.45
CA PHE H 46 1.34 -2.84 -34.22
C PHE H 46 2.12 -3.55 -35.31
N SER H 47 2.88 -2.80 -36.09
CA SER H 47 3.65 -3.40 -37.18
C SER H 47 4.66 -4.41 -36.63
N PHE H 48 5.28 -4.08 -35.51
CA PHE H 48 6.26 -4.96 -34.86
C PHE H 48 5.61 -6.26 -34.41
N ALA H 49 4.51 -6.13 -33.66
CA ALA H 49 3.79 -7.28 -33.15
C ALA H 49 3.30 -8.19 -34.28
N GLU H 50 2.63 -7.60 -35.27
CA GLU H 50 2.09 -8.32 -36.43
C GLU H 50 3.11 -9.14 -37.20
N SER H 51 4.35 -8.65 -37.26
CA SER H 51 5.40 -9.35 -37.99
C SER H 51 6.41 -10.10 -37.13
N ALA H 52 6.14 -10.23 -35.85
CA ALA H 52 7.06 -10.94 -34.97
C ALA H 52 7.27 -12.40 -35.38
N GLU H 53 6.19 -13.11 -35.69
CA GLU H 53 6.28 -14.52 -36.10
C GLU H 53 7.06 -14.72 -37.40
N GLU H 54 6.85 -13.83 -38.36
CA GLU H 54 7.53 -13.93 -39.64
C GLU H 54 9.02 -13.69 -39.48
N ASN H 55 9.40 -12.79 -38.57
CA ASN H 55 10.81 -12.48 -38.35
C ASN H 55 11.48 -13.55 -37.51
N GLY H 56 10.74 -14.61 -37.21
CA GLY H 56 11.27 -15.73 -36.44
C GLY H 56 11.35 -15.65 -34.93
N TYR H 57 10.72 -14.63 -34.32
CA TYR H 57 10.75 -14.51 -32.87
C TYR H 57 9.86 -15.55 -32.20
N GLN H 58 10.42 -16.23 -31.20
CA GLN H 58 9.70 -17.25 -30.47
C GLN H 58 9.36 -16.79 -29.06
N VAL H 59 9.99 -15.69 -28.63
CA VAL H 59 9.74 -15.09 -27.32
C VAL H 59 10.04 -13.59 -27.44
N ILE H 60 9.21 -12.78 -26.77
CA ILE H 60 9.40 -11.34 -26.78
C ILE H 60 9.49 -10.84 -25.34
N ILE H 61 10.52 -10.05 -25.06
CA ILE H 61 10.73 -9.48 -23.73
C ILE H 61 10.47 -7.98 -23.83
N ALA H 62 9.44 -7.51 -23.14
CA ALA H 62 9.10 -6.10 -23.19
C ALA H 62 9.19 -5.46 -21.82
N GLY H 63 9.84 -4.31 -21.75
CA GLY H 63 9.97 -3.62 -20.49
C GLY H 63 9.44 -2.21 -20.57
N ALA H 64 8.84 -1.73 -19.48
CA ALA H 64 8.29 -0.38 -19.42
C ALA H 64 7.98 0.04 -17.99
N GLY H 65 7.86 1.35 -17.77
CA GLY H 65 7.58 1.87 -16.44
C GLY H 65 6.39 2.79 -16.39
N GLY H 66 5.83 2.96 -15.19
CA GLY H 66 4.67 3.81 -15.01
C GLY H 66 3.43 3.09 -15.48
N ALA H 67 2.73 3.69 -16.44
CA ALA H 67 1.55 3.07 -17.03
C ALA H 67 2.19 2.25 -18.17
N ALA H 68 2.67 1.08 -17.81
CA ALA H 68 3.34 0.16 -18.72
C ALA H 68 2.39 -0.63 -19.60
N HIS H 69 2.03 -0.03 -20.74
CA HIS H 69 1.11 -0.63 -21.69
C HIS H 69 1.81 -1.45 -22.78
N LEU H 70 3.12 -1.28 -22.92
CA LEU H 70 3.87 -1.96 -23.96
C LEU H 70 3.73 -3.49 -24.02
N PRO H 71 4.06 -4.18 -22.93
CA PRO H 71 3.95 -5.64 -22.96
C PRO H 71 2.56 -6.15 -23.32
N GLY H 72 1.55 -5.57 -22.68
CA GLY H 72 0.17 -5.98 -22.88
C GLY H 72 -0.40 -5.75 -24.25
N MSE H 73 0.02 -4.67 -24.90
CA MSE H 73 -0.48 -4.36 -26.23
C MSE H 73 0.20 -5.19 -27.30
O MSE H 73 -0.36 -5.39 -28.37
CB MSE H 73 -0.36 -2.84 -26.53
CG MSE H 73 -1.34 -1.94 -25.73
SE MSE H 73 -3.16 -2.41 -25.94
CE MSE H 73 -3.37 -2.06 -27.73
N ILE H 74 1.41 -5.66 -27.03
CA ILE H 74 2.13 -6.50 -27.98
C ILE H 74 1.46 -7.86 -27.93
N ALA H 75 1.16 -8.33 -26.73
CA ALA H 75 0.54 -9.64 -26.56
C ALA H 75 -0.83 -9.73 -27.22
N ALA H 76 -1.48 -8.59 -27.39
CA ALA H 76 -2.80 -8.54 -28.01
C ALA H 76 -2.76 -8.67 -29.54
N LYS H 77 -1.60 -8.39 -30.13
CA LYS H 77 -1.41 -8.45 -31.57
C LYS H 77 -0.58 -9.63 -32.07
N THR H 78 -0.22 -10.56 -31.19
CA THR H 78 0.58 -11.71 -31.58
C THR H 78 0.35 -12.90 -30.66
N LEU H 79 0.67 -14.10 -31.15
CA LEU H 79 0.56 -15.30 -30.36
C LEU H 79 1.94 -15.71 -29.83
N VAL H 80 2.95 -14.90 -30.12
CA VAL H 80 4.30 -15.17 -29.65
C VAL H 80 4.30 -14.81 -28.16
N PRO H 81 4.79 -15.73 -27.31
CA PRO H 81 4.84 -15.51 -25.85
C PRO H 81 5.56 -14.20 -25.48
N VAL H 82 4.92 -13.40 -24.63
CA VAL H 82 5.47 -12.13 -24.21
C VAL H 82 5.79 -12.13 -22.71
N LEU H 83 6.99 -11.65 -22.38
CA LEU H 83 7.46 -11.57 -20.99
C LEU H 83 7.63 -10.09 -20.66
N GLY H 84 7.01 -9.65 -19.57
CA GLY H 84 7.10 -8.26 -19.18
C GLY H 84 7.99 -7.96 -17.99
N VAL H 85 8.72 -6.86 -18.09
CA VAL H 85 9.63 -6.44 -17.02
C VAL H 85 9.24 -5.05 -16.55
N PRO H 86 8.81 -4.91 -15.30
CA PRO H 86 8.42 -3.62 -14.74
C PRO H 86 9.65 -2.78 -14.42
N VAL H 87 9.79 -1.63 -15.06
CA VAL H 87 10.92 -0.75 -14.79
C VAL H 87 10.52 0.07 -13.58
N GLN H 88 11.47 0.26 -12.68
CA GLN H 88 11.21 1.01 -11.45
C GLN H 88 10.99 2.48 -11.70
N SER H 89 9.78 2.93 -11.39
CA SER H 89 9.42 4.32 -11.57
C SER H 89 9.85 5.14 -10.36
N ALA H 90 9.92 6.46 -10.54
CA ALA H 90 10.35 7.35 -9.48
C ALA H 90 9.39 7.45 -8.29
N ALA H 91 8.17 7.94 -8.55
CA ALA H 91 7.19 8.13 -7.49
C ALA H 91 6.69 6.88 -6.80
N LEU H 92 6.22 5.91 -7.57
CA LEU H 92 5.65 4.68 -7.02
C LEU H 92 6.56 3.46 -6.88
N SER H 93 7.86 3.67 -7.12
CA SER H 93 8.87 2.61 -7.01
C SER H 93 8.60 1.36 -7.80
N GLY H 94 7.91 1.48 -8.93
CA GLY H 94 7.61 0.31 -9.75
C GLY H 94 6.32 -0.44 -9.44
N VAL H 95 5.60 -0.03 -8.40
CA VAL H 95 4.34 -0.68 -8.07
C VAL H 95 3.31 -0.45 -9.18
N ASP H 96 3.35 0.74 -9.79
CA ASP H 96 2.46 1.08 -10.88
C ASP H 96 2.83 0.27 -12.13
N SER H 97 4.13 0.08 -12.31
CA SER H 97 4.67 -0.68 -13.44
C SER H 97 4.22 -2.12 -13.33
N LEU H 98 4.35 -2.69 -12.14
CA LEU H 98 3.96 -4.07 -11.88
C LEU H 98 2.46 -4.30 -12.12
N TYR H 99 1.62 -3.47 -11.53
CA TYR H 99 0.17 -3.59 -11.69
C TYR H 99 -0.26 -3.46 -13.15
N SER H 100 0.40 -2.58 -13.90
CA SER H 100 0.09 -2.36 -15.31
C SER H 100 0.42 -3.54 -16.20
N ILE H 101 1.43 -4.31 -15.82
CA ILE H 101 1.84 -5.45 -16.63
C ILE H 101 1.23 -6.77 -16.21
N VAL H 102 1.14 -6.99 -14.91
CA VAL H 102 0.65 -8.26 -14.41
C VAL H 102 -0.84 -8.49 -14.39
N GLN H 103 -1.63 -7.44 -14.21
CA GLN H 103 -3.08 -7.61 -14.13
C GLN H 103 -3.86 -7.70 -15.43
N MSE H 104 -3.30 -8.41 -16.41
CA MSE H 104 -3.96 -8.57 -17.70
C MSE H 104 -5.24 -9.38 -17.54
O MSE H 104 -5.32 -10.23 -16.66
CB MSE H 104 -3.02 -9.28 -18.69
CG MSE H 104 -1.82 -8.43 -19.13
SE MSE H 104 -2.38 -6.89 -20.02
CE MSE H 104 -2.72 -7.67 -21.65
N PRO H 105 -6.27 -9.08 -18.36
CA PRO H 105 -7.55 -9.81 -18.30
C PRO H 105 -7.44 -11.17 -18.99
N ARG H 106 -8.42 -12.02 -18.75
CA ARG H 106 -8.46 -13.35 -19.34
C ARG H 106 -8.47 -13.27 -20.86
N GLY H 107 -7.54 -13.98 -21.48
CA GLY H 107 -7.46 -14.00 -22.92
C GLY H 107 -6.13 -13.58 -23.50
N ILE H 108 -5.51 -12.58 -22.89
CA ILE H 108 -4.21 -12.05 -23.34
C ILE H 108 -3.21 -12.06 -22.17
N PRO H 109 -2.34 -13.08 -22.13
CA PRO H 109 -1.31 -13.27 -21.10
C PRO H 109 0.06 -12.65 -21.30
N VAL H 110 0.64 -12.20 -20.20
CA VAL H 110 1.98 -11.59 -20.18
C VAL H 110 2.71 -12.14 -18.95
N GLY H 111 3.78 -12.90 -19.17
CA GLY H 111 4.55 -13.46 -18.08
C GLY H 111 5.38 -12.36 -17.45
N THR H 112 5.05 -12.01 -16.21
CA THR H 112 5.74 -10.94 -15.51
C THR H 112 6.88 -11.38 -14.59
N LEU H 113 7.97 -10.62 -14.62
CA LEU H 113 9.14 -10.86 -13.81
C LEU H 113 9.28 -9.75 -12.77
N ALA H 114 10.29 -9.85 -11.92
CA ALA H 114 10.54 -8.87 -10.86
C ALA H 114 10.69 -7.42 -11.30
N ILE H 115 10.59 -6.50 -10.36
CA ILE H 115 10.76 -5.09 -10.66
C ILE H 115 12.27 -4.79 -10.71
N GLY H 116 12.69 -4.10 -11.76
CA GLY H 116 14.09 -3.75 -11.87
C GLY H 116 14.99 -4.69 -12.64
N LYS H 117 16.30 -4.43 -12.50
CA LYS H 117 17.35 -5.19 -13.15
C LYS H 117 17.32 -6.69 -12.89
N ALA H 118 16.78 -7.10 -11.75
CA ALA H 118 16.73 -8.53 -11.45
C ALA H 118 15.68 -9.21 -12.32
N GLY H 119 14.62 -8.47 -12.64
CA GLY H 119 13.58 -8.99 -13.48
C GLY H 119 14.00 -9.05 -14.93
N ALA H 120 14.81 -8.09 -15.36
CA ALA H 120 15.29 -8.04 -16.72
C ALA H 120 16.19 -9.24 -16.99
N ALA H 121 17.06 -9.54 -16.03
CA ALA H 121 17.94 -10.69 -16.14
C ALA H 121 17.12 -11.97 -16.16
N ASN H 122 16.15 -12.07 -15.26
CA ASN H 122 15.29 -13.24 -15.19
C ASN H 122 14.44 -13.47 -16.42
N ALA H 123 13.97 -12.39 -17.04
CA ALA H 123 13.15 -12.50 -18.24
C ALA H 123 14.01 -13.18 -19.30
N ALA H 124 15.28 -12.80 -19.36
CA ALA H 124 16.22 -13.36 -20.31
C ALA H 124 16.44 -14.84 -20.02
N LEU H 125 16.59 -15.19 -18.74
CA LEU H 125 16.80 -16.57 -18.35
C LEU H 125 15.59 -17.42 -18.63
N LEU H 126 14.39 -16.87 -18.42
CA LEU H 126 13.14 -17.60 -18.67
C LEU H 126 12.98 -17.86 -20.17
N ALA H 127 13.29 -16.85 -20.98
CA ALA H 127 13.19 -16.99 -22.43
C ALA H 127 14.19 -18.04 -22.89
N ALA H 128 15.35 -18.06 -22.25
CA ALA H 128 16.39 -19.03 -22.59
C ALA H 128 15.95 -20.45 -22.20
N GLN H 129 15.28 -20.58 -21.07
CA GLN H 129 14.78 -21.87 -20.63
C GLN H 129 13.66 -22.37 -21.55
N ILE H 130 12.99 -21.45 -22.23
CA ILE H 130 11.91 -21.80 -23.16
C ILE H 130 12.53 -22.31 -24.46
N LEU H 131 13.58 -21.63 -24.90
CA LEU H 131 14.26 -22.04 -26.11
C LEU H 131 14.98 -23.36 -25.88
N ALA H 132 15.58 -23.50 -24.70
CA ALA H 132 16.33 -24.69 -24.33
C ALA H 132 15.53 -25.99 -24.34
N THR H 133 14.22 -25.88 -24.50
CA THR H 133 13.38 -27.08 -24.51
C THR H 133 13.62 -27.83 -25.83
N HIS H 134 14.00 -27.06 -26.85
CA HIS H 134 14.29 -27.61 -28.17
C HIS H 134 15.68 -27.22 -28.66
N ASP H 135 16.64 -27.13 -27.74
CA ASP H 135 18.03 -26.74 -28.09
C ASP H 135 18.93 -27.37 -27.01
N LYS H 136 19.36 -28.61 -27.27
CA LYS H 136 20.20 -29.35 -26.32
C LYS H 136 21.50 -28.66 -25.95
N GLU H 137 22.02 -27.83 -26.84
CA GLU H 137 23.27 -27.11 -26.57
C GLU H 137 23.02 -25.96 -25.60
N LEU H 138 21.97 -25.17 -25.84
CA LEU H 138 21.63 -24.06 -24.97
C LEU H 138 21.25 -24.62 -23.61
N HIS H 139 20.55 -25.74 -23.62
CA HIS H 139 20.14 -26.40 -22.39
C HIS H 139 21.36 -26.74 -21.56
N GLN H 140 22.44 -27.14 -22.23
CA GLN H 140 23.69 -27.49 -21.57
C GLN H 140 24.39 -26.27 -21.00
N ARG H 141 24.42 -25.19 -21.78
CA ARG H 141 25.04 -23.96 -21.33
C ARG H 141 24.29 -23.35 -20.14
N LEU H 142 22.96 -23.49 -20.12
CA LEU H 142 22.12 -22.99 -19.03
C LEU H 142 22.46 -23.78 -17.77
N ASN H 143 22.65 -25.08 -17.96
CA ASN H 143 22.99 -26.01 -16.90
C ASN H 143 24.32 -25.65 -16.24
N ASP H 144 25.31 -25.32 -17.06
CA ASP H 144 26.63 -24.94 -16.56
C ASP H 144 26.58 -23.62 -15.80
N TRP H 145 25.83 -22.67 -16.35
CA TRP H 145 25.68 -21.36 -15.74
C TRP H 145 25.03 -21.48 -14.37
N ARG H 146 23.99 -22.30 -14.28
CA ARG H 146 23.31 -22.49 -13.01
C ARG H 146 24.22 -23.17 -11.99
N LYS H 147 25.07 -24.10 -12.45
CA LYS H 147 26.00 -24.78 -11.55
C LYS H 147 27.09 -23.85 -11.05
N ALA H 148 27.48 -22.90 -11.88
CA ALA H 148 28.50 -21.92 -11.52
C ALA H 148 28.00 -21.01 -10.41
N GLN H 149 26.71 -20.64 -10.48
CA GLN H 149 26.12 -19.76 -9.46
C GLN H 149 26.04 -20.48 -8.13
N THR H 150 25.62 -21.74 -8.18
CA THR H 150 25.48 -22.58 -7.01
C THR H 150 26.82 -22.80 -6.36
N ASP H 151 27.80 -23.20 -7.16
CA ASP H 151 29.13 -23.47 -6.63
C ASP H 151 29.78 -22.24 -6.01
N GLU H 152 29.54 -21.07 -6.59
CA GLU H 152 30.11 -19.85 -6.03
C GLU H 152 29.60 -19.61 -4.61
N VAL H 153 28.36 -20.00 -4.36
CA VAL H 153 27.76 -19.83 -3.05
C VAL H 153 28.27 -20.91 -2.09
N LEU H 154 28.46 -22.11 -2.62
CA LEU H 154 28.93 -23.23 -1.81
C LEU H 154 30.38 -23.11 -1.35
N GLU H 155 31.23 -22.51 -2.17
CA GLU H 155 32.64 -22.36 -1.81
C GLU H 155 32.93 -21.08 -1.03
N ASN H 156 31.88 -20.41 -0.57
CA ASN H 156 32.02 -19.18 0.20
C ASN H 156 30.91 -19.12 1.25
N PRO H 157 30.86 -20.12 2.16
CA PRO H 157 29.86 -20.20 3.21
C PRO H 157 29.93 -19.18 4.35
N ASP H 158 31.12 -18.69 4.67
CA ASP H 158 31.25 -17.68 5.74
C ASP H 158 31.35 -16.27 5.15
N PRO H 159 30.37 -15.40 5.49
CA PRO H 159 30.31 -14.01 5.00
C PRO H 159 31.22 -13.05 5.77
N ARG H 160 31.73 -13.52 6.91
CA ARG H 160 32.60 -12.72 7.76
C ARG H 160 33.98 -12.57 7.11
N GLY H 161 34.60 -11.41 7.32
CA GLY H 161 35.92 -11.12 6.76
C GLY H 161 36.96 -12.23 6.91
N1 AIR I . -10.25 -5.53 -20.59
C2 AIR I . -10.20 -6.83 -21.32
N3 AIR I . -9.69 -6.89 -22.61
C4 AIR I . -9.35 -5.55 -22.79
C5 AIR I . -9.67 -4.74 -21.65
N6 AIR I . -9.41 -3.29 -21.57
C1' AIR I . -10.76 -5.20 -19.14
C2' AIR I . -12.10 -4.44 -19.14
C3' AIR I . -12.76 -4.85 -17.82
C4' AIR I . -11.89 -6.02 -17.28
O4' AIR I . -11.01 -6.39 -18.37
O2' AIR I . -11.91 -3.04 -19.19
O3' AIR I . -12.78 -3.77 -16.88
C5' AIR I . -12.67 -7.25 -16.80
O5' AIR I . -12.09 -8.50 -17.24
P AIR I . -12.89 -9.61 -18.10
O6 AIR I . -13.44 -9.02 -19.39
O7 AIR I . -14.04 -10.19 -17.31
O8 AIR I . -12.00 -10.75 -18.51
N1 AIR J . -7.37 -3.12 22.09
C2 AIR J . -8.19 -2.10 22.78
N3 AIR J . -7.76 -1.52 23.97
C4 AIR J . -6.55 -2.19 24.13
C5 AIR J . -6.29 -3.13 23.07
N6 AIR J . -5.09 -3.99 22.99
C1' AIR J . -7.60 -3.90 20.75
C2' AIR J . -7.72 -5.42 20.96
C3' AIR J . -8.63 -5.88 19.82
C4' AIR J . -9.19 -4.58 19.21
O4' AIR J . -8.83 -3.52 20.13
O2' AIR J . -6.46 -6.08 20.89
O3' AIR J . -7.91 -6.63 18.84
C5' AIR J . -10.71 -4.57 18.95
O5' AIR J . -11.38 -3.47 19.62
P AIR J . -12.78 -3.62 20.40
O6 AIR J . -12.94 -4.98 21.04
O7 AIR J . -13.96 -3.39 19.45
O8 AIR J . -12.92 -2.60 21.52
N1 AIR K . 0.58 -23.46 1.15
C2 AIR K . 0.72 -24.12 2.47
N3 AIR K . 1.82 -24.96 2.73
C4 AIR K . 2.46 -24.87 1.50
C5 AIR K . 1.79 -24.01 0.57
N6 AIR K . 2.26 -23.73 -0.81
C1' AIR K . -0.48 -22.41 0.65
C2' AIR K . -1.30 -22.94 -0.54
C3' AIR K . -2.65 -22.21 -0.41
C4' AIR K . -2.60 -21.54 0.99
O4' AIR K . -1.45 -22.10 1.65
O2' AIR K . -0.70 -22.64 -1.80
O3' AIR K . -2.83 -21.23 -1.43
C5' AIR K . -3.87 -21.75 1.85
O5' AIR K . -3.56 -22.31 3.15
P AIR K . -4.49 -23.38 3.90
O6 AIR K . -4.46 -24.72 3.20
O7 AIR K . -5.94 -22.91 3.97
O8 AIR K . -4.03 -23.64 5.32
N1 AIR L . -18.04 14.90 0.53
C2 AIR L . -18.69 15.34 -0.75
N3 AIR L . -18.78 16.68 -1.07
C4 AIR L . -18.17 17.24 0.05
C5 AIR L . -17.73 16.24 0.99
N6 AIR L . -17.03 16.55 2.26
C1' AIR L . -17.71 13.46 1.05
C2' AIR L . -18.40 13.15 2.38
C3' AIR L . -18.58 11.63 2.34
C4' AIR L . -18.23 11.21 0.90
O4' AIR L . -18.16 12.44 0.15
O2' AIR L . -17.62 13.52 3.50
O3' AIR L . -17.72 10.96 3.27
C5' AIR L . -19.25 10.26 0.24
O5' AIR L . -19.55 10.63 -1.13
P AIR L . -21.04 10.93 -1.66
O6 AIR L . -21.71 12.03 -0.87
O7 AIR L . -21.92 9.68 -1.59
O8 AIR L . -21.05 11.39 -3.11
#